data_6UPW
#
_entry.id   6UPW
#
_cell.length_a   1.00
_cell.length_b   1.00
_cell.length_c   1.00
_cell.angle_alpha   90.00
_cell.angle_beta   90.00
_cell.angle_gamma   90.00
#
_symmetry.space_group_name_H-M   'P 1'
#
loop_
_entity.id
_entity.type
_entity.pdbx_description
1 polymer Vinculin
2 polymer 'Actin, alpha skeletal muscle'
3 non-polymer "ADENOSINE-5'-DIPHOSPHATE"
4 non-polymer 'MAGNESIUM ION'
#
loop_
_entity_poly.entity_id
_entity_poly.type
_entity_poly.pdbx_seq_one_letter_code
_entity_poly.pdbx_strand_id
1 'polypeptide(L)'
;MPVFHTRTIESILEPVAQQISHLVIMHEEGEVDGKAIPDLTAPVAAVQAAVSNLVRVGKETVQTTEDQILKRDMPPAFIK
VENACTKLVQAAQMLQSDPYSVPARDYLIDGSRGILSGTSDLLLTFDEAEVRKIIRVCKGILEYLTVAEVVETMEDLVTY
TKNLGPGMTKMAKMIDERQQELTHQEHRVMLVNSMNTVKELLPVLISAMKIFVTTKNSKNQGIEEALKNRNFTVEKMSAE
INEIIRVLQLTSWDEDAWASKDTEAMKRALASIDSKLNQAKGWLRDPSASPGDAGEQAIRQILDEAGKVGELCAGKERRE
ILGTCKMLGQMTDQVADLRARGQGSSPVAMQKAQQVSQGLDVLTAKVENAARKLEAMTNSKQSIAKKIDAAQNWLADPNG
GPEGEEQIRGALAEARKIAELCDDPKERDDILRSLGEISALTSKLADLRRQGKGDSPEARALAKQVATALQNLQTKTNRA
VANSRPAKAAVHLEGKIEQAQRWIDNPTVDDRGVGQAAIRGLVAEGHRLANVMMGPYRQDLLAKCDRVDQLTAQLADLAA
RGEGESPQARALASQLQDSLKDLKARMQEAMTQEVSDVFSDTTTPIKLLAVAATAPPDAPNREEVFDERAANFENHSGKL
GATAEKAAAVGTANKSTVEGIQASVKTARELTPQVVSAARILLRNPGNQAAYEHFETMKNQWIDNVEKMTGLVDEAIDTK
SLLDASEEAIKKDLDKCKVAMANIQPQMLVAGATSIARRANRILLVAKREVENSEDPKFREAVKAASDELSKTISPMVMD
AKAVAGNISDPGLQKSFLDSGYRILGAVAKVREAFQPQEPDFPPPPPDLEQLRLTDELAPPKPPLPEGEVPPPRPPPPEE
KDEEFPEQKAGEVINQPMMMAARQLHDEARKWSSKPGIPAAEVGIGVVAEADAADAAGFPVPPDMEDDYEPELLLMPSNQ
PVNQPILAAAQSLHREATKWSSKGNDIIAAAKRMALLMAEMSRLVRGGSGTKRALIQCAKDIAKASDEVTRLAKEVAKQC
TDKRIRTNLLQVCERIPTISTQLKILSTVKATMLGRTNISDEESEQATEMLVHNAQNLMQSVKETVREAEAASIKIRTDA
GFTLRWVRKTPWYQ
;
L,M
2 'polypeptide(L)'
;DEDETTALVCDNGSGLVKAGFAGDDAPRAVFPSIVGRPRHQGVMVGMGQKDSYVGDEAQSKRGILTLKYPIE(HIC)GII
TNWDDMEKIWHHTFYNELRVAPEEHPTLLTEAPLNPKANREKMTQIMFETFNVPAMYVAIQAVLSLYASGRTTGIVLDSG
DGVTHNVPIYEGYALPHAIMRLDLAGRDLTDYLMKILTERGYSFVTTAEREIVRDIKEKLCYVALDFENEMATAASSSSL
EKSYELPDGQVITIGNERFRCPETLFQPSFIGMESAGIHETTYNSIMKCDIDIRKDLYANNVMSGGTTMYPGIADRMQKE
ITALAPSTMKIKIIAPPERKYSVWIGGSILASLSTFQQMWITKQEYDEAGPSIVHRKCF
;
C,B,A,D,E
#
loop_
_chem_comp.id
_chem_comp.type
_chem_comp.name
_chem_comp.formula
ADP non-polymer ADENOSINE-5'-DIPHOSPHATE 'C10 H15 N5 O10 P2'
MG non-polymer 'MAGNESIUM ION' 'Mg 2'
#
# COMPACT_ATOMS: atom_id res chain seq x y z
N SER A 981 4.05 -17.74 -57.22
CA SER A 981 4.95 -16.60 -57.37
C SER A 981 4.17 -15.29 -57.37
N SER A 982 2.87 -15.38 -57.16
CA SER A 982 2.02 -14.19 -57.10
C SER A 982 1.70 -13.73 -55.69
N LYS A 983 1.84 -14.61 -54.70
CA LYS A 983 1.68 -14.24 -53.31
C LYS A 983 2.94 -13.64 -52.70
N GLY A 984 4.06 -13.69 -53.42
CA GLY A 984 5.30 -13.14 -52.93
C GLY A 984 5.38 -11.63 -53.10
N ASN A 985 4.94 -11.12 -54.24
CA ASN A 985 4.89 -9.69 -54.49
C ASN A 985 3.56 -9.07 -54.09
N ASP A 986 2.69 -9.84 -53.45
CA ASP A 986 1.44 -9.29 -52.92
C ASP A 986 1.69 -8.59 -51.59
N ILE A 987 2.64 -9.08 -50.79
CA ILE A 987 2.91 -8.53 -49.47
C ILE A 987 3.60 -7.16 -49.58
N ILE A 988 4.28 -6.88 -50.69
CA ILE A 988 4.85 -5.56 -50.89
C ILE A 988 3.74 -4.55 -51.18
N ALA A 989 2.73 -4.96 -51.94
CA ALA A 989 1.59 -4.09 -52.21
C ALA A 989 0.71 -3.91 -50.98
N ALA A 990 0.59 -4.94 -50.14
CA ALA A 990 -0.23 -4.83 -48.93
C ALA A 990 0.44 -3.93 -47.90
N ALA A 991 1.77 -3.97 -47.82
CA ALA A 991 2.50 -3.07 -46.93
C ALA A 991 2.69 -1.68 -47.52
N LYS A 992 2.43 -1.50 -48.81
CA LYS A 992 2.48 -0.18 -49.41
C LYS A 992 1.25 0.63 -49.05
N ARG A 993 0.10 -0.02 -48.87
CA ARG A 993 -1.11 0.67 -48.45
C ARG A 993 -1.01 1.16 -47.01
N MET A 994 -0.26 0.44 -46.16
CA MET A 994 -0.05 0.89 -44.80
C MET A 994 0.86 2.10 -44.74
N ALA A 995 1.84 2.18 -45.64
CA ALA A 995 2.74 3.33 -45.66
C ALA A 995 2.03 4.58 -46.17
N LEU A 996 1.01 4.41 -47.00
CA LEU A 996 0.21 5.56 -47.42
C LEU A 996 -0.68 6.06 -46.29
N LEU A 997 -1.24 5.13 -45.50
CA LEU A 997 -2.02 5.53 -44.33
C LEU A 997 -1.13 6.08 -43.22
N MET A 998 0.11 5.59 -43.13
CA MET A 998 1.03 6.12 -42.13
C MET A 998 1.51 7.52 -42.49
N ALA A 999 1.72 7.78 -43.78
CA ALA A 999 2.02 9.14 -44.23
C ALA A 999 0.79 10.03 -44.20
N GLU A 1000 -0.40 9.43 -44.26
CA GLU A 1000 -1.63 10.21 -44.07
C GLU A 1000 -1.77 10.65 -42.61
N MET A 1001 -1.44 9.76 -41.67
CA MET A 1001 -1.62 10.01 -40.24
C MET A 1001 -0.70 11.13 -39.75
N SER A 1002 0.49 11.25 -40.34
CA SER A 1002 1.40 12.32 -39.94
C SER A 1002 0.96 13.69 -40.44
N ARG A 1003 -0.03 13.74 -41.34
CA ARG A 1003 -0.52 15.04 -41.81
C ARG A 1003 -1.51 15.66 -40.83
N LEU A 1004 -2.36 14.85 -40.20
CA LEU A 1004 -3.39 15.38 -39.32
C LEU A 1004 -2.86 15.88 -37.99
N VAL A 1005 -1.61 15.57 -37.62
CA VAL A 1005 -1.06 16.06 -36.36
C VAL A 1005 -0.54 17.49 -36.46
N ARG A 1006 -0.51 18.07 -37.65
CA ARG A 1006 -0.12 19.47 -37.80
C ARG A 1006 -1.29 20.43 -37.56
N GLY A 1007 -2.53 19.94 -37.64
CA GLY A 1007 -3.68 20.77 -37.41
C GLY A 1007 -4.00 20.90 -35.93
N GLY A 1008 -5.08 21.64 -35.66
CA GLY A 1008 -5.55 21.85 -34.30
C GLY A 1008 -6.40 20.71 -33.81
N SER A 1009 -7.30 21.03 -32.87
CA SER A 1009 -8.14 20.00 -32.26
C SER A 1009 -9.33 19.62 -33.14
N GLY A 1010 -9.58 20.35 -34.22
CA GLY A 1010 -10.70 20.01 -35.09
C GLY A 1010 -10.45 18.85 -36.02
N THR A 1011 -9.19 18.44 -36.17
CA THR A 1011 -8.81 17.35 -37.07
C THR A 1011 -8.50 16.06 -36.33
N LYS A 1012 -8.83 15.97 -35.04
CA LYS A 1012 -8.44 14.80 -34.26
C LYS A 1012 -9.52 13.71 -34.26
N ARG A 1013 -10.74 14.02 -34.66
CA ARG A 1013 -11.75 12.98 -34.78
C ARG A 1013 -11.51 12.12 -36.02
N ALA A 1014 -10.97 12.71 -37.08
CA ALA A 1014 -10.56 11.93 -38.24
C ALA A 1014 -9.24 11.22 -38.02
N LEU A 1015 -8.44 11.66 -37.03
CA LEU A 1015 -7.19 10.97 -36.71
C LEU A 1015 -7.45 9.64 -36.04
N ILE A 1016 -8.52 9.54 -35.24
CA ILE A 1016 -8.86 8.29 -34.59
C ILE A 1016 -9.40 7.29 -35.62
N GLN A 1017 -10.17 7.78 -36.60
CA GLN A 1017 -10.57 6.94 -37.72
C GLN A 1017 -9.37 6.59 -38.59
N CYS A 1018 -8.35 7.44 -38.62
CA CYS A 1018 -7.13 7.13 -39.34
C CYS A 1018 -6.29 6.09 -38.60
N ALA A 1019 -6.57 5.89 -37.30
CA ALA A 1019 -5.87 4.86 -36.55
C ALA A 1019 -6.56 3.51 -36.65
N LYS A 1020 -7.87 3.49 -36.86
CA LYS A 1020 -8.63 2.24 -36.85
C LYS A 1020 -8.55 1.48 -38.16
N ASP A 1021 -7.97 2.05 -39.22
CA ASP A 1021 -7.81 1.35 -40.47
C ASP A 1021 -6.36 1.01 -40.80
N ILE A 1022 -5.39 1.63 -40.12
CA ILE A 1022 -4.04 1.08 -40.13
C ILE A 1022 -4.02 -0.26 -39.41
N ALA A 1023 -4.78 -0.38 -38.33
CA ALA A 1023 -4.93 -1.66 -37.66
C ALA A 1023 -5.73 -2.64 -38.51
N LYS A 1024 -6.61 -2.15 -39.37
CA LYS A 1024 -7.36 -3.02 -40.27
C LYS A 1024 -6.53 -3.46 -41.46
N ALA A 1025 -5.66 -2.58 -41.96
CA ALA A 1025 -4.81 -2.93 -43.09
C ALA A 1025 -3.73 -3.91 -42.69
N SER A 1026 -3.29 -3.88 -41.43
CA SER A 1026 -2.23 -4.77 -40.98
C SER A 1026 -2.72 -6.20 -40.80
N ASP A 1027 -4.03 -6.41 -40.71
CA ASP A 1027 -4.57 -7.77 -40.70
C ASP A 1027 -4.55 -8.41 -42.08
N GLU A 1028 -4.37 -7.61 -43.12
CA GLU A 1028 -4.18 -8.17 -44.45
C GLU A 1028 -2.75 -8.62 -44.67
N VAL A 1029 -1.79 -7.98 -43.99
CA VAL A 1029 -0.39 -8.38 -44.11
C VAL A 1029 -0.17 -9.73 -43.43
N THR A 1030 -0.64 -9.86 -42.19
CA THR A 1030 -0.44 -11.12 -41.46
C THR A 1030 -1.31 -12.25 -41.98
N ARG A 1031 -2.32 -11.95 -42.78
CA ARG A 1031 -3.15 -13.02 -43.36
C ARG A 1031 -2.40 -13.76 -44.44
N LEU A 1032 -1.65 -13.05 -45.28
CA LEU A 1032 -0.91 -13.66 -46.37
C LEU A 1032 0.59 -13.75 -46.11
N ALA A 1033 1.08 -13.25 -44.98
CA ALA A 1033 2.42 -13.62 -44.54
C ALA A 1033 2.43 -15.01 -43.95
N LYS A 1034 1.28 -15.48 -43.45
CA LYS A 1034 1.15 -16.88 -43.09
C LYS A 1034 1.12 -17.76 -44.33
N GLU A 1035 0.56 -17.26 -45.44
CA GLU A 1035 0.43 -18.07 -46.63
C GLU A 1035 1.77 -18.27 -47.34
N VAL A 1036 2.69 -17.32 -47.18
CA VAL A 1036 4.04 -17.51 -47.69
C VAL A 1036 4.77 -18.57 -46.88
N ALA A 1037 4.50 -18.63 -45.57
CA ALA A 1037 5.16 -19.61 -44.71
C ALA A 1037 4.68 -21.02 -44.98
N LYS A 1038 3.42 -21.19 -45.42
CA LYS A 1038 2.98 -22.52 -45.86
C LYS A 1038 3.63 -22.91 -47.18
N GLN A 1039 3.95 -21.92 -48.01
CA GLN A 1039 4.55 -22.20 -49.32
C GLN A 1039 6.03 -22.54 -49.19
N CYS A 1040 6.69 -22.01 -48.16
CA CYS A 1040 8.13 -22.20 -48.02
C CYS A 1040 8.43 -23.55 -47.37
N THR A 1041 9.43 -24.23 -47.92
CA THR A 1041 9.83 -25.55 -47.42
C THR A 1041 11.07 -25.50 -46.53
N ASP A 1042 11.91 -24.48 -46.67
CA ASP A 1042 13.10 -24.35 -45.83
C ASP A 1042 12.67 -23.91 -44.44
N LYS A 1043 13.07 -24.68 -43.42
CA LYS A 1043 12.54 -24.45 -42.08
C LYS A 1043 13.25 -23.29 -41.38
N ARG A 1044 14.34 -22.79 -41.96
CA ARG A 1044 15.00 -21.65 -41.36
C ARG A 1044 14.26 -20.35 -41.66
N ILE A 1045 13.76 -20.21 -42.89
CA ILE A 1045 13.04 -19.01 -43.26
C ILE A 1045 11.59 -19.08 -42.79
N ARG A 1046 11.06 -20.30 -42.63
CA ARG A 1046 9.67 -20.45 -42.20
C ARG A 1046 9.50 -20.06 -40.74
N THR A 1047 10.39 -20.53 -39.87
CA THR A 1047 10.27 -20.20 -38.45
C THR A 1047 10.71 -18.78 -38.15
N ASN A 1048 11.60 -18.20 -38.96
CA ASN A 1048 11.96 -16.80 -38.78
C ASN A 1048 10.84 -15.87 -39.21
N LEU A 1049 9.93 -16.34 -40.05
CA LEU A 1049 8.82 -15.53 -40.53
C LEU A 1049 7.61 -15.62 -39.60
N LEU A 1050 7.36 -16.80 -39.04
CA LEU A 1050 6.24 -16.96 -38.11
C LEU A 1050 6.53 -16.36 -36.74
N GLN A 1051 7.80 -16.10 -36.42
CA GLN A 1051 8.14 -15.50 -35.14
C GLN A 1051 8.08 -13.98 -35.18
N VAL A 1052 8.39 -13.39 -36.34
CA VAL A 1052 8.39 -11.94 -36.45
C VAL A 1052 7.02 -11.40 -36.87
N CYS A 1053 6.14 -12.25 -37.41
CA CYS A 1053 4.82 -11.80 -37.80
C CYS A 1053 3.82 -11.87 -36.65
N GLU A 1054 4.20 -12.49 -35.53
CA GLU A 1054 3.29 -12.63 -34.41
C GLU A 1054 3.07 -11.31 -33.67
N ARG A 1055 3.95 -10.34 -33.89
CA ARG A 1055 3.80 -9.01 -33.28
C ARG A 1055 2.79 -8.14 -34.02
N ILE A 1056 2.30 -8.56 -35.18
CA ILE A 1056 1.28 -7.80 -35.91
C ILE A 1056 -0.12 -8.00 -35.33
N PRO A 1057 -0.59 -9.21 -34.95
CA PRO A 1057 -1.90 -9.27 -34.27
C PRO A 1057 -1.93 -8.66 -32.88
N THR A 1058 -0.79 -8.41 -32.25
CA THR A 1058 -0.77 -7.85 -30.91
C THR A 1058 -0.89 -6.32 -30.93
N ILE A 1059 -0.08 -5.66 -31.76
CA ILE A 1059 -0.11 -4.21 -31.80
C ILE A 1059 -1.32 -3.68 -32.56
N SER A 1060 -1.92 -4.48 -33.43
CA SER A 1060 -3.13 -4.05 -34.11
C SER A 1060 -4.35 -4.10 -33.19
N THR A 1061 -4.43 -5.13 -32.34
CA THR A 1061 -5.51 -5.21 -31.35
C THR A 1061 -5.35 -4.12 -30.29
N GLN A 1062 -4.10 -3.80 -29.95
CA GLN A 1062 -3.82 -2.70 -29.04
C GLN A 1062 -4.18 -1.35 -29.66
N LEU A 1063 -4.04 -1.22 -30.99
CA LEU A 1063 -4.29 0.06 -31.64
C LEU A 1063 -5.78 0.31 -31.84
N LYS A 1064 -6.58 -0.73 -32.05
CA LYS A 1064 -8.01 -0.53 -32.25
C LYS A 1064 -8.77 -0.39 -30.94
N ILE A 1065 -8.18 -0.77 -29.81
CA ILE A 1065 -8.81 -0.57 -28.52
C ILE A 1065 -8.40 0.77 -27.92
N LEU A 1066 -7.14 1.16 -28.09
CA LEU A 1066 -6.68 2.48 -27.65
C LEU A 1066 -7.30 3.61 -28.46
N SER A 1067 -7.80 3.33 -29.66
CA SER A 1067 -8.50 4.35 -30.43
C SER A 1067 -9.87 4.64 -29.84
N THR A 1068 -10.57 3.60 -29.37
CA THR A 1068 -11.87 3.80 -28.75
C THR A 1068 -11.76 4.44 -27.37
N VAL A 1069 -10.64 4.28 -26.69
CA VAL A 1069 -10.44 4.94 -25.41
C VAL A 1069 -10.23 6.44 -25.60
N LYS A 1070 -9.41 6.82 -26.58
CA LYS A 1070 -9.19 8.23 -26.85
C LYS A 1070 -10.38 8.89 -27.52
N ALA A 1071 -11.27 8.12 -28.14
CA ALA A 1071 -12.48 8.70 -28.71
C ALA A 1071 -13.47 9.10 -27.62
N THR A 1072 -13.54 8.33 -26.54
CA THR A 1072 -14.41 8.69 -25.43
C THR A 1072 -13.81 9.82 -24.60
N MET A 1073 -12.49 9.95 -24.57
CA MET A 1073 -11.87 11.00 -23.77
C MET A 1073 -12.01 12.39 -24.38
N LEU A 1074 -12.34 12.50 -25.66
CA LEU A 1074 -12.71 13.80 -26.21
C LEU A 1074 -14.21 14.06 -26.15
N GLY A 1075 -15.00 13.09 -25.68
CA GLY A 1075 -16.40 13.35 -25.42
C GLY A 1075 -16.63 14.25 -24.22
N ARG A 1076 -15.65 14.32 -23.33
CA ARG A 1076 -15.72 15.21 -22.18
C ARG A 1076 -15.48 16.66 -22.63
N THR A 1077 -15.83 17.59 -21.76
CA THR A 1077 -15.79 19.02 -22.07
C THR A 1077 -14.57 19.66 -21.44
N ASN A 1078 -13.97 20.60 -22.18
CA ASN A 1078 -12.83 21.43 -21.75
C ASN A 1078 -11.64 20.55 -21.35
N ILE A 1079 -11.08 19.86 -22.35
CA ILE A 1079 -10.07 18.85 -22.07
C ILE A 1079 -8.77 19.50 -21.61
N SER A 1080 -8.03 20.12 -22.54
CA SER A 1080 -6.94 21.07 -22.36
C SER A 1080 -6.42 21.47 -23.74
N ASP A 1081 -5.39 22.32 -23.77
CA ASP A 1081 -4.57 22.48 -24.96
C ASP A 1081 -3.42 21.47 -24.99
N GLU A 1082 -3.06 20.88 -23.85
CA GLU A 1082 -1.96 19.92 -23.79
C GLU A 1082 -2.40 18.49 -23.47
N GLU A 1083 -3.58 18.28 -22.91
CA GLU A 1083 -4.02 16.92 -22.61
C GLU A 1083 -4.56 16.24 -23.86
N SER A 1084 -5.20 16.99 -24.75
CA SER A 1084 -5.60 16.45 -26.04
C SER A 1084 -4.42 16.27 -26.99
N GLU A 1085 -3.34 17.01 -26.78
CA GLU A 1085 -2.16 16.91 -27.63
C GLU A 1085 -1.39 15.63 -27.34
N GLN A 1086 -1.24 15.28 -26.06
CA GLN A 1086 -0.47 14.10 -25.69
C GLN A 1086 -1.22 12.81 -25.92
N ALA A 1087 -2.52 12.86 -26.17
CA ALA A 1087 -3.27 11.67 -26.56
C ALA A 1087 -3.06 11.30 -28.02
N THR A 1088 -2.59 12.25 -28.84
CA THR A 1088 -2.27 11.93 -30.22
C THR A 1088 -0.87 11.36 -30.36
N GLU A 1089 0.06 11.78 -29.51
CA GLU A 1089 1.40 11.20 -29.51
C GLU A 1089 1.40 9.79 -28.96
N MET A 1090 0.37 9.40 -28.21
CA MET A 1090 0.20 8.02 -27.79
C MET A 1090 -0.49 7.17 -28.84
N LEU A 1091 -0.88 7.76 -29.97
CA LEU A 1091 -1.45 7.03 -31.09
C LEU A 1091 -0.53 6.97 -32.29
N VAL A 1092 0.26 8.01 -32.56
CA VAL A 1092 1.24 7.93 -33.63
C VAL A 1092 2.46 7.13 -33.21
N HIS A 1093 2.67 6.94 -31.91
CA HIS A 1093 3.73 6.03 -31.44
C HIS A 1093 3.27 4.59 -31.53
N ASN A 1094 2.00 4.33 -31.22
CA ASN A 1094 1.46 2.98 -31.33
C ASN A 1094 1.33 2.54 -32.78
N ALA A 1095 1.11 3.49 -33.69
CA ALA A 1095 1.00 3.16 -35.11
C ALA A 1095 2.37 2.92 -35.72
N GLN A 1096 3.35 3.75 -35.37
CA GLN A 1096 4.70 3.55 -35.88
C GLN A 1096 5.36 2.31 -35.31
N ASN A 1097 4.95 1.89 -34.11
CA ASN A 1097 5.43 0.63 -33.57
C ASN A 1097 4.84 -0.55 -34.31
N LEU A 1098 3.61 -0.41 -34.82
CA LEU A 1098 3.04 -1.40 -35.71
C LEU A 1098 3.60 -1.29 -37.12
N MET A 1099 3.93 -0.07 -37.55
CA MET A 1099 4.45 0.12 -38.90
C MET A 1099 5.85 -0.44 -39.05
N GLN A 1100 6.66 -0.39 -38.00
CA GLN A 1100 8.00 -0.97 -38.08
C GLN A 1100 7.98 -2.47 -37.81
N SER A 1101 6.94 -2.97 -37.17
CA SER A 1101 6.78 -4.42 -37.01
C SER A 1101 6.20 -5.09 -38.24
N VAL A 1102 5.75 -4.31 -39.23
CA VAL A 1102 5.24 -4.86 -40.47
C VAL A 1102 6.34 -4.95 -41.53
N LYS A 1103 7.20 -3.92 -41.62
CA LYS A 1103 8.30 -3.97 -42.59
C LYS A 1103 9.39 -4.95 -42.18
N GLU A 1104 9.43 -5.37 -40.91
CA GLU A 1104 10.27 -6.49 -40.50
C GLU A 1104 9.66 -7.83 -40.86
N THR A 1105 8.41 -7.87 -41.32
CA THR A 1105 7.81 -9.08 -41.84
C THR A 1105 7.95 -9.19 -43.36
N VAL A 1106 7.95 -8.06 -44.07
CA VAL A 1106 8.21 -8.08 -45.51
C VAL A 1106 9.67 -8.35 -45.82
N ARG A 1107 10.57 -8.17 -44.86
CA ARG A 1107 11.98 -8.49 -45.07
C ARG A 1107 12.20 -9.99 -44.99
N GLU A 1108 11.62 -10.65 -43.99
CA GLU A 1108 11.70 -12.09 -43.90
C GLU A 1108 10.76 -12.81 -44.86
N ALA A 1109 9.88 -12.09 -45.55
CA ALA A 1109 9.07 -12.71 -46.59
C ALA A 1109 9.72 -12.64 -47.97
N GLU A 1110 10.43 -11.56 -48.27
CA GLU A 1110 11.15 -11.50 -49.54
C GLU A 1110 12.36 -12.41 -49.53
N ALA A 1111 12.92 -12.67 -48.34
CA ALA A 1111 13.96 -13.68 -48.21
C ALA A 1111 13.42 -15.09 -48.40
N ALA A 1112 12.13 -15.29 -48.12
CA ALA A 1112 11.47 -16.55 -48.47
C ALA A 1112 11.14 -16.62 -49.95
N SER A 1113 10.98 -15.47 -50.61
CA SER A 1113 10.55 -15.45 -52.00
C SER A 1113 11.59 -16.02 -52.95
N ILE A 1114 12.88 -15.97 -52.56
CA ILE A 1114 13.93 -16.61 -53.36
C ILE A 1114 14.21 -18.03 -52.93
N LYS A 1115 13.40 -18.60 -52.04
CA LYS A 1115 13.46 -20.02 -51.74
C LYS A 1115 12.37 -20.80 -52.47
N ILE A 1116 11.16 -20.23 -52.55
CA ILE A 1116 10.13 -20.77 -53.41
C ILE A 1116 10.55 -20.69 -54.88
N ARG A 1117 11.24 -19.61 -55.25
CA ARG A 1117 11.59 -19.36 -56.65
C ARG A 1117 12.59 -20.39 -57.18
N THR A 1118 13.47 -20.90 -56.33
CA THR A 1118 14.45 -21.87 -56.78
C THR A 1118 13.96 -23.32 -56.71
N ASP A 1119 12.99 -23.61 -55.84
CA ASP A 1119 12.43 -24.95 -55.80
C ASP A 1119 11.45 -25.22 -56.94
N ALA A 1120 10.97 -24.17 -57.60
CA ALA A 1120 10.05 -24.30 -58.73
C ALA A 1120 10.76 -24.03 -60.05
N GLY A 1121 12.01 -24.47 -60.18
CA GLY A 1121 12.79 -24.20 -61.37
C GLY A 1121 13.44 -22.84 -61.30
N PHE A 1122 13.54 -22.17 -62.45
CA PHE A 1122 13.97 -20.76 -62.58
C PHE A 1122 15.37 -20.49 -62.05
N THR A 1123 16.22 -21.50 -61.93
CA THR A 1123 17.58 -21.31 -61.43
C THR A 1123 18.52 -21.10 -62.61
N LEU A 1124 19.38 -20.09 -62.49
CA LEU A 1124 20.38 -19.84 -63.51
C LEU A 1124 21.46 -20.92 -63.46
N ARG A 1125 21.68 -21.58 -64.59
CA ARG A 1125 22.73 -22.58 -64.66
C ARG A 1125 24.10 -21.92 -64.65
N TRP A 1126 25.05 -22.53 -63.94
CA TRP A 1126 26.43 -22.07 -63.93
C TRP A 1126 27.32 -23.14 -64.54
N VAL A 1127 28.08 -22.75 -65.56
CA VAL A 1127 29.13 -23.58 -66.13
C VAL A 1127 30.41 -22.76 -66.21
N ARG A 1128 31.54 -23.41 -65.93
CA ARG A 1128 32.82 -22.72 -65.86
C ARG A 1128 33.29 -22.31 -67.25
N LYS A 1129 34.01 -21.20 -67.31
CA LYS A 1129 34.43 -20.61 -68.58
C LYS A 1129 35.73 -21.25 -69.04
N THR A 1130 35.68 -21.95 -70.17
CA THR A 1130 36.86 -22.60 -70.74
C THR A 1130 37.71 -21.57 -71.48
N PRO A 1131 39.06 -21.74 -71.48
CA PRO A 1131 39.93 -20.82 -72.21
C PRO A 1131 39.79 -20.97 -73.73
N THR B 5 -18.92 -16.82 -26.48
CA THR B 5 -18.89 -16.18 -25.16
C THR B 5 -17.84 -15.08 -25.10
N THR B 6 -17.72 -14.44 -23.96
CA THR B 6 -16.83 -13.30 -23.78
C THR B 6 -16.03 -13.49 -22.50
N ALA B 7 -14.75 -13.16 -22.53
CA ALA B 7 -13.91 -13.25 -21.35
C ALA B 7 -14.21 -12.12 -20.39
N LEU B 8 -14.08 -12.42 -19.10
CA LEU B 8 -14.28 -11.43 -18.04
C LEU B 8 -12.93 -10.92 -17.57
N VAL B 9 -12.86 -9.61 -17.33
CA VAL B 9 -11.65 -8.97 -16.83
C VAL B 9 -12.01 -8.36 -15.49
N CYS B 10 -11.61 -9.02 -14.40
CA CYS B 10 -11.83 -8.52 -13.06
C CYS B 10 -10.50 -8.05 -12.49
N ASP B 11 -10.46 -6.82 -12.00
CA ASP B 11 -9.26 -6.21 -11.45
C ASP B 11 -9.54 -5.93 -9.98
N ASN B 12 -9.23 -6.90 -9.13
CA ASN B 12 -9.49 -6.78 -7.70
C ASN B 12 -8.39 -5.93 -7.07
N GLY B 13 -8.68 -4.66 -6.89
CA GLY B 13 -7.75 -3.79 -6.21
C GLY B 13 -7.97 -3.81 -4.73
N SER B 14 -7.06 -3.13 -4.01
CA SER B 14 -7.19 -3.04 -2.56
C SER B 14 -8.35 -2.14 -2.16
N GLY B 15 -8.73 -1.20 -3.01
CA GLY B 15 -9.78 -0.27 -2.66
C GLY B 15 -10.99 -0.31 -3.56
N LEU B 16 -10.83 -0.66 -4.83
CA LEU B 16 -11.93 -0.66 -5.79
C LEU B 16 -11.90 -1.92 -6.63
N VAL B 17 -13.09 -2.39 -7.00
CA VAL B 17 -13.22 -3.50 -7.93
C VAL B 17 -13.59 -2.92 -9.28
N LYS B 18 -12.78 -3.22 -10.30
CA LYS B 18 -13.01 -2.81 -11.67
C LYS B 18 -13.27 -4.07 -12.49
N ALA B 19 -14.53 -4.31 -12.85
CA ALA B 19 -14.90 -5.50 -13.58
C ALA B 19 -15.59 -5.12 -14.89
N GLY B 20 -15.62 -6.07 -15.82
CA GLY B 20 -16.23 -5.82 -17.11
C GLY B 20 -15.94 -6.96 -18.07
N PHE B 21 -16.12 -6.67 -19.36
CA PHE B 21 -15.97 -7.67 -20.41
C PHE B 21 -14.77 -7.34 -21.28
N ALA B 22 -14.16 -8.38 -21.85
CA ALA B 22 -12.97 -8.21 -22.66
C ALA B 22 -13.33 -7.65 -24.02
N GLY B 23 -12.66 -6.57 -24.40
CA GLY B 23 -12.90 -5.88 -25.65
C GLY B 23 -13.43 -4.47 -25.50
N ASP B 24 -14.03 -4.15 -24.36
CA ASP B 24 -14.61 -2.83 -24.15
C ASP B 24 -13.52 -1.82 -23.79
N ASP B 25 -13.90 -0.56 -23.69
CA ASP B 25 -12.97 0.53 -23.40
C ASP B 25 -13.09 1.06 -21.98
N ALA B 26 -14.02 0.54 -21.19
CA ALA B 26 -14.23 1.00 -19.82
C ALA B 26 -14.86 -0.14 -19.04
N PRO B 27 -14.55 -0.25 -17.75
CA PRO B 27 -15.19 -1.29 -16.94
C PRO B 27 -16.66 -0.99 -16.70
N ARG B 28 -17.44 -2.05 -16.58
CA ARG B 28 -18.88 -1.87 -16.40
C ARG B 28 -19.24 -1.60 -14.95
N ALA B 29 -18.56 -2.27 -14.01
CA ALA B 29 -18.85 -2.14 -12.58
C ALA B 29 -17.61 -1.62 -11.87
N VAL B 30 -17.73 -0.45 -11.26
CA VAL B 30 -16.68 0.13 -10.42
C VAL B 30 -17.31 0.46 -9.08
N PHE B 31 -16.99 -0.33 -8.06
CA PHE B 31 -17.59 -0.19 -6.73
C PHE B 31 -16.52 -0.43 -5.68
N PRO B 32 -16.71 0.08 -4.46
CA PRO B 32 -15.73 -0.15 -3.40
C PRO B 32 -15.64 -1.60 -2.97
N SER B 33 -14.44 -2.00 -2.60
CA SER B 33 -14.17 -3.37 -2.18
C SER B 33 -14.24 -3.45 -0.65
N ILE B 34 -15.45 -3.24 -0.13
CA ILE B 34 -15.69 -3.26 1.31
C ILE B 34 -16.82 -4.25 1.60
N VAL B 35 -16.92 -4.63 2.87
CA VAL B 35 -18.06 -5.38 3.40
C VAL B 35 -18.43 -4.73 4.72
N GLY B 36 -19.67 -4.28 4.84
CA GLY B 36 -20.15 -3.61 6.03
C GLY B 36 -21.14 -4.48 6.79
N ARG B 37 -21.00 -4.51 8.12
CA ARG B 37 -21.89 -5.24 8.99
C ARG B 37 -22.41 -4.30 10.08
N PRO B 38 -23.67 -4.45 10.49
CA PRO B 38 -24.25 -3.47 11.41
C PRO B 38 -23.72 -3.61 12.83
N ARG B 39 -23.61 -2.49 13.52
CA ARG B 39 -23.08 -2.45 14.87
C ARG B 39 -24.06 -1.93 15.91
N HIS B 40 -25.27 -1.55 15.52
CA HIS B 40 -26.27 -1.03 16.43
C HIS B 40 -27.41 -2.04 16.59
N GLN B 41 -28.46 -1.64 17.30
CA GLN B 41 -29.52 -2.54 17.72
C GLN B 41 -30.75 -2.36 16.83
N GLY B 42 -31.19 -3.44 16.21
CA GLY B 42 -32.31 -3.43 15.29
C GLY B 42 -33.68 -3.49 15.91
N VAL B 43 -34.17 -2.35 16.41
CA VAL B 43 -35.37 -2.36 17.24
C VAL B 43 -36.67 -2.49 16.44
N MET B 44 -36.67 -2.25 15.14
CA MET B 44 -37.88 -2.32 14.35
C MET B 44 -37.95 -3.66 13.62
N VAL B 45 -39.12 -4.28 13.66
CA VAL B 45 -39.27 -5.67 13.24
C VAL B 45 -39.39 -5.75 11.73
N GLY B 46 -38.56 -6.61 11.12
CA GLY B 46 -38.61 -6.83 9.69
C GLY B 46 -37.53 -6.11 8.93
N MET B 47 -37.25 -4.86 9.33
CA MET B 47 -36.25 -4.05 8.64
C MET B 47 -34.84 -4.57 8.88
N GLY B 48 -34.44 -4.66 10.15
CA GLY B 48 -33.07 -5.04 10.48
C GLY B 48 -32.81 -6.54 10.48
N GLN B 49 -32.72 -7.13 9.29
CA GLN B 49 -32.36 -8.54 9.15
C GLN B 49 -31.23 -8.81 8.18
N LYS B 50 -30.83 -7.85 7.36
CA LYS B 50 -29.71 -8.06 6.45
C LYS B 50 -28.41 -8.06 7.22
N ASP B 51 -27.61 -9.11 7.03
CA ASP B 51 -26.41 -9.31 7.83
C ASP B 51 -25.20 -8.57 7.30
N SER B 52 -25.06 -8.45 5.99
CA SER B 52 -23.89 -7.79 5.43
C SER B 52 -24.27 -7.07 4.14
N TYR B 53 -23.62 -5.93 3.92
CA TYR B 53 -23.77 -5.14 2.71
C TYR B 53 -22.40 -5.07 2.05
N VAL B 54 -22.35 -5.11 0.72
CA VAL B 54 -21.10 -5.29 -0.01
C VAL B 54 -20.72 -4.05 -0.81
N GLY B 55 -21.52 -3.68 -1.79
CA GLY B 55 -20.96 -2.81 -2.81
C GLY B 55 -21.11 -1.34 -2.52
N ASP B 56 -21.96 -0.66 -3.29
CA ASP B 56 -22.31 0.72 -3.00
C ASP B 56 -23.34 0.84 -1.89
N GLU B 57 -24.02 -0.25 -1.53
CA GLU B 57 -24.99 -0.19 -0.44
C GLU B 57 -24.34 -0.23 0.91
N ALA B 58 -23.09 -0.67 1.02
CA ALA B 58 -22.33 -0.50 2.24
C ALA B 58 -21.76 0.90 2.36
N GLN B 59 -21.65 1.62 1.25
CA GLN B 59 -21.14 2.98 1.25
C GLN B 59 -22.24 4.00 1.52
N SER B 60 -23.48 3.69 1.16
CA SER B 60 -24.57 4.61 1.40
C SER B 60 -25.14 4.45 2.80
N LYS B 61 -25.21 3.21 3.30
CA LYS B 61 -25.67 2.93 4.65
C LYS B 61 -24.54 2.89 5.66
N ARG B 62 -23.43 3.56 5.39
CA ARG B 62 -22.22 3.41 6.18
C ARG B 62 -22.31 4.02 7.57
N GLY B 63 -23.37 4.78 7.87
CA GLY B 63 -23.50 5.37 9.19
C GLY B 63 -23.86 4.40 10.29
N ILE B 64 -24.27 3.17 9.95
CA ILE B 64 -24.66 2.17 10.93
C ILE B 64 -23.85 0.90 10.80
N LEU B 65 -22.80 0.90 9.97
CA LEU B 65 -22.04 -0.29 9.65
C LEU B 65 -20.60 -0.15 10.10
N THR B 66 -19.92 -1.30 10.18
CA THR B 66 -18.48 -1.37 10.35
C THR B 66 -17.87 -1.82 9.02
N LEU B 67 -17.14 -0.93 8.37
CA LEU B 67 -16.61 -1.21 7.05
C LEU B 67 -15.26 -1.91 7.14
N LYS B 68 -15.09 -2.96 6.35
CA LYS B 68 -13.87 -3.76 6.34
C LYS B 68 -13.41 -3.97 4.92
N TYR B 69 -12.16 -3.74 4.66
CA TYR B 69 -11.57 -4.10 3.38
C TYR B 69 -10.97 -5.49 3.47
N PRO B 70 -11.32 -6.42 2.57
CA PRO B 70 -10.71 -7.75 2.64
C PRO B 70 -9.30 -7.85 2.08
N ILE B 71 -8.79 -6.79 1.45
CA ILE B 71 -7.46 -6.80 0.85
C ILE B 71 -6.63 -5.71 1.50
N GLU B 72 -5.55 -6.11 2.16
CA GLU B 72 -4.58 -5.18 2.73
C GLU B 72 -3.23 -5.32 2.05
N HIC B 73 -2.79 -4.26 1.38
CA HIC B 73 -1.47 -4.22 0.69
C HIC B 73 -1.39 -5.26 -0.44
O HIC B 73 -0.28 -5.76 -0.68
CB HIC B 73 -0.33 -4.45 1.69
CG HIC B 73 -0.34 -3.53 2.86
ND1 HIC B 73 -0.06 -2.19 2.70
CD2 HIC B 73 -0.56 -3.80 4.17
CE1 HIC B 73 -0.14 -1.66 3.90
NE2 HIC B 73 -0.44 -2.60 4.84
CZ HIC B 73 -0.63 -2.43 6.28
N GLY B 74 -2.51 -5.55 -1.10
CA GLY B 74 -2.47 -6.49 -2.20
C GLY B 74 -2.73 -7.93 -1.81
N ILE B 75 -2.60 -8.24 -0.53
CA ILE B 75 -2.81 -9.59 -0.02
C ILE B 75 -4.24 -9.69 0.50
N ILE B 76 -4.96 -10.71 0.05
CA ILE B 76 -6.30 -10.98 0.55
C ILE B 76 -6.19 -11.56 1.95
N THR B 77 -6.73 -10.84 2.94
CA THR B 77 -6.64 -11.26 4.33
C THR B 77 -7.91 -11.91 4.84
N ASN B 78 -9.07 -11.55 4.30
CA ASN B 78 -10.35 -12.11 4.71
C ASN B 78 -10.91 -12.87 3.52
N TRP B 79 -10.83 -14.20 3.57
CA TRP B 79 -11.22 -15.00 2.43
C TRP B 79 -12.72 -15.25 2.37
N ASP B 80 -13.44 -15.07 3.48
CA ASP B 80 -14.89 -15.20 3.42
C ASP B 80 -15.54 -13.94 2.92
N ASP B 81 -15.00 -12.77 3.30
CA ASP B 81 -15.49 -11.50 2.78
C ASP B 81 -15.07 -11.26 1.34
N MET B 82 -14.02 -11.94 0.86
CA MET B 82 -13.63 -11.80 -0.53
C MET B 82 -14.55 -12.55 -1.46
N GLU B 83 -15.08 -13.70 -1.02
CA GLU B 83 -16.04 -14.43 -1.84
C GLU B 83 -17.37 -13.69 -1.93
N LYS B 84 -17.71 -12.89 -0.92
CA LYS B 84 -18.91 -12.06 -1.01
C LYS B 84 -18.76 -10.98 -2.07
N ILE B 85 -17.56 -10.44 -2.23
CA ILE B 85 -17.32 -9.42 -3.23
C ILE B 85 -17.29 -10.03 -4.63
N TRP B 86 -16.74 -11.23 -4.75
CA TRP B 86 -16.72 -11.91 -6.04
C TRP B 86 -18.10 -12.40 -6.44
N HIS B 87 -18.90 -12.85 -5.48
CA HIS B 87 -20.27 -13.22 -5.79
C HIS B 87 -21.12 -11.99 -6.10
N HIS B 88 -20.75 -10.83 -5.58
CA HIS B 88 -21.47 -9.61 -5.87
C HIS B 88 -21.15 -9.08 -7.25
N THR B 89 -19.89 -9.18 -7.69
CA THR B 89 -19.52 -8.63 -8.98
C THR B 89 -19.91 -9.52 -10.14
N PHE B 90 -20.29 -10.78 -9.89
CA PHE B 90 -20.77 -11.65 -10.94
C PHE B 90 -22.28 -11.56 -11.09
N TYR B 91 -23.01 -11.86 -10.02
CA TYR B 91 -24.45 -11.97 -10.12
C TYR B 91 -25.16 -10.63 -10.03
N ASN B 92 -24.69 -9.74 -9.15
CA ASN B 92 -25.40 -8.49 -8.90
C ASN B 92 -24.89 -7.32 -9.72
N GLU B 93 -23.64 -7.35 -10.17
CA GLU B 93 -23.06 -6.21 -10.86
C GLU B 93 -22.94 -6.43 -12.36
N LEU B 94 -22.34 -7.54 -12.78
CA LEU B 94 -22.26 -7.87 -14.19
C LEU B 94 -23.47 -8.63 -14.69
N ARG B 95 -24.14 -9.35 -13.78
CA ARG B 95 -25.32 -10.16 -14.05
C ARG B 95 -25.06 -11.22 -15.11
N VAL B 96 -23.96 -11.96 -14.92
CA VAL B 96 -23.59 -13.06 -15.79
C VAL B 96 -23.39 -14.30 -14.93
N ALA B 97 -23.51 -15.46 -15.58
CA ALA B 97 -23.12 -16.65 -14.84
C ALA B 97 -21.63 -16.91 -15.05
N PRO B 98 -20.90 -17.25 -13.99
CA PRO B 98 -19.45 -17.48 -14.14
C PRO B 98 -19.11 -18.79 -14.84
N GLU B 99 -20.08 -19.69 -15.04
CA GLU B 99 -19.79 -20.95 -15.70
C GLU B 99 -19.57 -20.80 -17.20
N GLU B 100 -19.99 -19.68 -17.78
CA GLU B 100 -19.95 -19.50 -19.23
C GLU B 100 -18.93 -18.45 -19.65
N HIS B 101 -18.02 -18.05 -18.78
CA HIS B 101 -17.08 -16.98 -19.08
C HIS B 101 -15.73 -17.28 -18.44
N PRO B 102 -14.65 -17.26 -19.22
CA PRO B 102 -13.32 -17.28 -18.60
C PRO B 102 -13.00 -15.93 -17.97
N THR B 103 -12.25 -15.96 -16.88
CA THR B 103 -12.03 -14.79 -16.04
C THR B 103 -10.55 -14.46 -15.96
N LEU B 104 -10.20 -13.21 -16.28
CA LEU B 104 -8.85 -12.72 -16.12
C LEU B 104 -8.75 -11.96 -14.81
N LEU B 105 -7.89 -12.43 -13.92
CA LEU B 105 -7.62 -11.76 -12.66
C LEU B 105 -6.25 -11.10 -12.72
N THR B 106 -6.00 -10.19 -11.79
CA THR B 106 -4.71 -9.52 -11.70
C THR B 106 -4.13 -9.72 -10.30
N GLU B 107 -2.85 -9.36 -10.17
CA GLU B 107 -2.14 -9.44 -8.90
C GLU B 107 -0.94 -8.51 -8.99
N ALA B 108 -0.45 -8.06 -7.87
CA ALA B 108 0.78 -7.30 -7.83
C ALA B 108 1.98 -8.24 -7.86
N PRO B 109 3.18 -7.77 -8.22
CA PRO B 109 4.36 -8.63 -8.09
C PRO B 109 4.81 -8.73 -6.64
N LEU B 110 5.60 -9.77 -6.38
CA LEU B 110 6.22 -10.06 -5.07
C LEU B 110 5.18 -10.27 -3.97
N ASN B 111 4.03 -10.84 -4.34
CA ASN B 111 3.02 -11.32 -3.41
C ASN B 111 3.34 -12.73 -2.93
N PRO B 112 2.71 -13.19 -1.85
CA PRO B 112 2.82 -14.61 -1.49
C PRO B 112 2.22 -15.51 -2.55
N LYS B 113 2.72 -16.73 -2.62
CA LYS B 113 2.24 -17.68 -3.61
C LYS B 113 0.96 -18.36 -3.19
N ALA B 114 0.62 -18.32 -1.90
CA ALA B 114 -0.66 -18.85 -1.44
C ALA B 114 -1.81 -17.92 -1.77
N ASN B 115 -1.53 -16.65 -2.06
CA ASN B 115 -2.58 -15.74 -2.48
C ASN B 115 -3.06 -16.07 -3.89
N ARG B 116 -2.15 -16.45 -4.78
CA ARG B 116 -2.48 -16.78 -6.15
C ARG B 116 -3.02 -18.19 -6.31
N GLU B 117 -2.72 -19.08 -5.35
CA GLU B 117 -3.25 -20.44 -5.40
C GLU B 117 -4.65 -20.53 -4.85
N LYS B 118 -4.98 -19.71 -3.85
CA LYS B 118 -6.32 -19.79 -3.26
C LYS B 118 -7.34 -19.08 -4.11
N MET B 119 -6.98 -18.02 -4.81
CA MET B 119 -7.91 -17.40 -5.74
C MET B 119 -8.07 -18.21 -7.01
N THR B 120 -7.17 -19.16 -7.27
CA THR B 120 -7.36 -20.13 -8.33
C THR B 120 -8.31 -21.23 -7.90
N GLN B 121 -8.22 -21.65 -6.64
CA GLN B 121 -9.13 -22.68 -6.12
C GLN B 121 -10.54 -22.15 -5.96
N ILE B 122 -10.69 -20.88 -5.55
CA ILE B 122 -12.01 -20.29 -5.38
C ILE B 122 -12.71 -20.13 -6.73
N MET B 123 -11.95 -19.76 -7.77
CA MET B 123 -12.55 -19.56 -9.08
C MET B 123 -12.99 -20.87 -9.73
N PHE B 124 -12.29 -21.96 -9.44
CA PHE B 124 -12.60 -23.23 -10.08
C PHE B 124 -13.60 -24.08 -9.31
N GLU B 125 -13.67 -23.93 -7.98
CA GLU B 125 -14.45 -24.84 -7.16
C GLU B 125 -15.65 -24.18 -6.48
N THR B 126 -15.78 -22.86 -6.53
CA THR B 126 -16.94 -22.18 -6.00
C THR B 126 -17.79 -21.56 -7.09
N PHE B 127 -17.17 -20.84 -8.03
CA PHE B 127 -17.90 -20.22 -9.12
C PHE B 127 -17.86 -21.04 -10.41
N ASN B 128 -16.97 -22.04 -10.48
CA ASN B 128 -16.90 -23.03 -11.56
C ASN B 128 -16.70 -22.38 -12.94
N VAL B 129 -15.64 -21.58 -13.04
CA VAL B 129 -15.33 -20.91 -14.30
C VAL B 129 -14.76 -21.95 -15.26
N PRO B 130 -14.88 -21.75 -16.58
CA PRO B 130 -14.25 -22.71 -17.50
C PRO B 130 -12.74 -22.56 -17.58
N ALA B 131 -12.23 -21.32 -17.51
CA ALA B 131 -10.81 -21.07 -17.60
C ALA B 131 -10.50 -19.81 -16.83
N MET B 132 -9.21 -19.63 -16.51
CA MET B 132 -8.78 -18.44 -15.79
C MET B 132 -7.31 -18.19 -16.06
N TYR B 133 -6.86 -17.00 -15.65
CA TYR B 133 -5.48 -16.57 -15.82
C TYR B 133 -5.25 -15.40 -14.88
N VAL B 134 -4.08 -15.37 -14.23
CA VAL B 134 -3.70 -14.28 -13.35
C VAL B 134 -2.55 -13.53 -14.01
N ALA B 135 -2.66 -12.21 -14.08
CA ALA B 135 -1.68 -11.37 -14.74
C ALA B 135 -1.07 -10.39 -13.75
N ILE B 136 0.00 -9.74 -14.17
CA ILE B 136 0.69 -8.75 -13.35
C ILE B 136 0.17 -7.37 -13.73
N GLN B 137 -0.09 -6.53 -12.72
CA GLN B 137 -0.79 -5.27 -12.94
C GLN B 137 0.06 -4.25 -13.68
N ALA B 138 1.37 -4.30 -13.53
CA ALA B 138 2.21 -3.34 -14.23
C ALA B 138 2.55 -3.77 -15.64
N VAL B 139 2.38 -5.05 -15.97
CA VAL B 139 2.49 -5.46 -17.36
C VAL B 139 1.28 -4.99 -18.14
N LEU B 140 0.09 -5.08 -17.55
CA LEU B 140 -1.14 -4.68 -18.21
C LEU B 140 -1.23 -3.17 -18.38
N SER B 141 -0.55 -2.39 -17.56
CA SER B 141 -0.54 -0.94 -17.77
C SER B 141 0.28 -0.54 -18.98
N LEU B 142 1.17 -1.42 -19.44
CA LEU B 142 1.94 -1.15 -20.65
C LEU B 142 1.15 -1.48 -21.91
N TYR B 143 0.25 -2.47 -21.84
CA TYR B 143 -0.68 -2.72 -22.93
C TYR B 143 -1.60 -1.54 -23.17
N ALA B 144 -1.98 -0.83 -22.11
CA ALA B 144 -2.90 0.28 -22.19
C ALA B 144 -2.22 1.60 -22.45
N SER B 145 -1.03 1.57 -23.06
CA SER B 145 -0.28 2.79 -23.30
C SER B 145 0.22 2.90 -24.73
N GLY B 146 0.02 1.90 -25.57
CA GLY B 146 0.59 1.93 -26.89
C GLY B 146 2.08 1.70 -26.90
N ARG B 147 2.58 0.82 -26.06
CA ARG B 147 4.00 0.65 -25.87
C ARG B 147 4.34 -0.81 -25.63
N THR B 148 5.57 -1.17 -25.95
CA THR B 148 6.17 -2.44 -25.56
C THR B 148 7.44 -2.24 -24.76
N THR B 149 7.78 -1.00 -24.42
CA THR B 149 9.03 -0.67 -23.75
C THR B 149 8.79 0.50 -22.83
N GLY B 150 9.12 0.34 -21.55
CA GLY B 150 8.98 1.41 -20.59
C GLY B 150 8.90 0.85 -19.19
N ILE B 151 9.17 1.73 -18.23
CA ILE B 151 9.12 1.36 -16.82
C ILE B 151 7.85 1.95 -16.22
N VAL B 152 7.01 1.08 -15.66
CA VAL B 152 5.69 1.45 -15.16
C VAL B 152 5.78 1.74 -13.67
N LEU B 153 5.12 2.80 -13.23
CA LEU B 153 4.93 3.09 -11.82
C LEU B 153 3.44 3.00 -11.51
N ASP B 154 3.04 1.94 -10.82
CA ASP B 154 1.64 1.66 -10.54
C ASP B 154 1.41 1.87 -9.04
N SER B 155 0.59 2.86 -8.71
CA SER B 155 0.31 3.21 -7.31
C SER B 155 -1.19 3.23 -7.11
N GLY B 156 -1.71 2.27 -6.35
CA GLY B 156 -3.14 2.17 -6.14
C GLY B 156 -3.58 2.46 -4.73
N ASP B 157 -4.18 1.47 -4.07
CA ASP B 157 -4.64 1.64 -2.70
C ASP B 157 -3.76 0.96 -1.67
N GLY B 158 -3.01 -0.08 -2.05
CA GLY B 158 -2.11 -0.68 -1.07
C GLY B 158 -0.66 -0.81 -1.46
N VAL B 159 -0.36 -0.92 -2.76
CA VAL B 159 0.97 -1.28 -3.25
C VAL B 159 1.43 -0.21 -4.22
N THR B 160 2.71 0.14 -4.18
CA THR B 160 3.37 0.91 -5.22
C THR B 160 4.53 0.07 -5.74
N HIS B 161 4.53 -0.23 -7.04
CA HIS B 161 5.55 -1.10 -7.60
C HIS B 161 6.05 -0.59 -8.94
N ASN B 162 7.33 -0.87 -9.21
CA ASN B 162 7.99 -0.54 -10.47
C ASN B 162 8.31 -1.82 -11.23
N VAL B 163 8.06 -1.82 -12.53
CA VAL B 163 8.43 -2.94 -13.39
C VAL B 163 9.08 -2.39 -14.65
N PRO B 164 10.35 -2.70 -14.93
CA PRO B 164 10.94 -2.31 -16.21
C PRO B 164 10.73 -3.35 -17.29
N ILE B 165 10.25 -2.93 -18.46
CA ILE B 165 9.99 -3.81 -19.59
C ILE B 165 10.69 -3.23 -20.80
N TYR B 166 11.46 -4.06 -21.51
CA TYR B 166 12.12 -3.67 -22.75
C TYR B 166 11.76 -4.66 -23.84
N GLU B 167 11.01 -4.20 -24.83
CA GLU B 167 10.58 -4.98 -26.01
C GLU B 167 9.81 -6.24 -25.64
N GLY B 168 9.05 -6.19 -24.55
CA GLY B 168 8.31 -7.34 -24.10
C GLY B 168 9.05 -8.22 -23.13
N TYR B 169 10.26 -7.85 -22.74
CA TYR B 169 11.07 -8.61 -21.79
C TYR B 169 11.15 -7.84 -20.49
N ALA B 170 10.67 -8.45 -19.41
CA ALA B 170 10.80 -7.85 -18.09
C ALA B 170 12.11 -8.28 -17.46
N LEU B 171 12.62 -7.43 -16.58
CA LEU B 171 13.86 -7.67 -15.86
C LEU B 171 13.48 -7.87 -14.40
N PRO B 172 13.23 -9.10 -13.95
CA PRO B 172 12.64 -9.31 -12.63
C PRO B 172 13.55 -9.01 -11.46
N HIS B 173 14.85 -8.86 -11.69
CA HIS B 173 15.75 -8.45 -10.62
C HIS B 173 15.67 -6.97 -10.32
N ALA B 174 15.05 -6.18 -11.20
CA ALA B 174 14.94 -4.75 -11.02
C ALA B 174 13.52 -4.33 -10.66
N ILE B 175 12.63 -5.28 -10.37
CA ILE B 175 11.27 -4.98 -9.98
C ILE B 175 11.25 -4.55 -8.52
N MET B 176 10.72 -3.37 -8.26
CA MET B 176 10.59 -2.85 -6.91
C MET B 176 9.15 -2.98 -6.42
N ARG B 177 8.98 -2.93 -5.10
CA ARG B 177 7.67 -2.96 -4.50
C ARG B 177 7.73 -2.21 -3.19
N LEU B 178 6.79 -1.30 -2.98
CA LEU B 178 6.76 -0.47 -1.78
C LEU B 178 5.33 -0.44 -1.25
N ASP B 179 5.15 -0.84 0.00
CA ASP B 179 3.82 -0.92 0.61
C ASP B 179 3.44 0.44 1.19
N LEU B 180 3.15 1.37 0.29
CA LEU B 180 2.72 2.72 0.63
C LEU B 180 1.93 3.25 -0.54
N ALA B 181 0.66 3.54 -0.31
CA ALA B 181 -0.27 3.92 -1.37
C ALA B 181 -1.41 4.70 -0.72
N GLY B 182 -2.55 4.78 -1.42
CA GLY B 182 -3.64 5.65 -1.04
C GLY B 182 -4.29 5.37 0.29
N ARG B 183 -4.22 4.13 0.79
CA ARG B 183 -4.76 3.86 2.12
C ARG B 183 -3.88 4.45 3.21
N ASP B 184 -2.57 4.56 2.95
CA ASP B 184 -1.65 5.10 3.93
C ASP B 184 -1.60 6.62 3.91
N LEU B 185 -2.07 7.24 2.82
CA LEU B 185 -2.19 8.68 2.77
C LEU B 185 -3.48 9.16 3.40
N THR B 186 -4.53 8.33 3.34
CA THR B 186 -5.77 8.63 4.06
C THR B 186 -5.54 8.58 5.56
N ASP B 187 -4.76 7.59 6.03
CA ASP B 187 -4.48 7.48 7.45
C ASP B 187 -3.55 8.58 7.93
N TYR B 188 -2.66 9.07 7.08
CA TYR B 188 -1.80 10.17 7.46
C TYR B 188 -2.53 11.50 7.47
N LEU B 189 -3.49 11.69 6.56
CA LEU B 189 -4.28 12.91 6.55
C LEU B 189 -5.22 12.98 7.74
N MET B 190 -5.69 11.82 8.21
CA MET B 190 -6.46 11.78 9.46
C MET B 190 -5.64 12.21 10.65
N LYS B 191 -4.35 11.91 10.66
CA LYS B 191 -3.51 12.22 11.80
C LYS B 191 -3.16 13.70 11.84
N ILE B 192 -2.94 14.32 10.68
CA ILE B 192 -2.58 15.73 10.64
C ILE B 192 -3.78 16.65 10.52
N LEU B 193 -4.99 16.10 10.47
CA LEU B 193 -6.19 16.91 10.58
C LEU B 193 -6.58 17.17 12.02
N THR B 194 -5.97 16.47 12.97
CA THR B 194 -6.17 16.76 14.38
C THR B 194 -5.46 18.01 14.84
N GLU B 195 -4.53 18.54 14.05
CA GLU B 195 -3.86 19.79 14.38
C GLU B 195 -4.74 21.00 14.20
N ARG B 196 -5.89 20.86 13.54
CA ARG B 196 -6.85 21.92 13.38
C ARG B 196 -8.10 21.69 14.22
N GLY B 197 -8.21 20.56 14.90
CA GLY B 197 -9.33 20.29 15.75
C GLY B 197 -10.37 19.35 15.19
N TYR B 198 -10.14 18.77 14.02
CA TYR B 198 -11.07 17.84 13.42
C TYR B 198 -10.64 16.42 13.76
N SER B 199 -11.59 15.60 14.19
CA SER B 199 -11.31 14.24 14.62
C SER B 199 -12.21 13.28 13.86
N PHE B 200 -11.61 12.44 13.03
CA PHE B 200 -12.29 11.39 12.28
C PHE B 200 -11.72 10.07 12.75
N VAL B 201 -12.48 9.34 13.57
CA VAL B 201 -11.99 8.11 14.16
C VAL B 201 -12.73 6.87 13.68
N THR B 202 -13.97 7.00 13.21
CA THR B 202 -14.79 5.89 12.78
C THR B 202 -14.30 5.40 11.42
N THR B 203 -14.59 4.14 11.09
CA THR B 203 -14.30 3.64 9.75
C THR B 203 -15.23 4.24 8.71
N ALA B 204 -16.37 4.78 9.12
CA ALA B 204 -17.21 5.54 8.22
C ALA B 204 -16.72 6.96 8.05
N GLU B 205 -16.02 7.50 9.04
CA GLU B 205 -15.35 8.78 8.88
C GLU B 205 -14.02 8.66 8.15
N ARG B 206 -13.53 7.44 7.93
CA ARG B 206 -12.38 7.26 7.06
C ARG B 206 -12.76 7.41 5.59
N GLU B 207 -14.01 7.10 5.23
CA GLU B 207 -14.47 7.33 3.87
C GLU B 207 -14.74 8.79 3.59
N ILE B 208 -14.84 9.63 4.61
CA ILE B 208 -15.00 11.06 4.41
C ILE B 208 -13.66 11.72 4.14
N VAL B 209 -12.62 11.33 4.88
CA VAL B 209 -11.28 11.88 4.67
C VAL B 209 -10.70 11.41 3.34
N ARG B 210 -11.13 10.25 2.86
CA ARG B 210 -10.76 9.81 1.53
C ARG B 210 -11.40 10.68 0.45
N ASP B 211 -12.56 11.28 0.74
CA ASP B 211 -13.14 12.24 -0.21
C ASP B 211 -12.50 13.61 -0.11
N ILE B 212 -11.99 14.00 1.05
CA ILE B 212 -11.22 15.24 1.15
C ILE B 212 -9.88 15.09 0.44
N LYS B 213 -9.29 13.90 0.52
CA LYS B 213 -8.01 13.63 -0.13
C LYS B 213 -8.12 13.70 -1.65
N GLU B 214 -9.25 13.26 -2.20
CA GLU B 214 -9.43 13.20 -3.64
C GLU B 214 -9.85 14.52 -4.25
N LYS B 215 -10.20 15.52 -3.44
CA LYS B 215 -10.67 16.79 -3.97
C LYS B 215 -9.79 17.98 -3.63
N LEU B 216 -9.13 17.98 -2.48
CA LEU B 216 -8.40 19.15 -2.01
C LEU B 216 -6.90 18.98 -2.02
N CYS B 217 -6.38 17.78 -2.26
CA CYS B 217 -4.95 17.53 -2.13
C CYS B 217 -4.25 17.62 -3.49
N TYR B 218 -2.99 18.04 -3.45
CA TYR B 218 -2.16 18.15 -4.64
C TYR B 218 -0.71 17.95 -4.25
N VAL B 219 0.17 17.91 -5.25
CA VAL B 219 1.60 17.68 -5.05
C VAL B 219 2.34 18.96 -5.36
N ALA B 220 3.10 19.45 -4.39
CA ALA B 220 3.87 20.68 -4.54
C ALA B 220 5.13 20.43 -5.35
N LEU B 221 5.45 21.37 -6.23
CA LEU B 221 6.66 21.25 -7.04
C LEU B 221 7.90 21.47 -6.18
N ASP B 222 7.90 22.50 -5.35
CA ASP B 222 8.90 22.70 -4.32
C ASP B 222 8.18 22.63 -2.98
N PHE B 223 8.57 21.67 -2.14
CA PHE B 223 7.84 21.47 -0.90
C PHE B 223 8.15 22.55 0.11
N GLU B 224 9.40 23.01 0.17
CA GLU B 224 9.77 23.99 1.17
C GLU B 224 9.38 25.41 0.78
N ASN B 225 9.09 25.66 -0.50
CA ASN B 225 8.55 26.95 -0.89
C ASN B 225 7.08 27.06 -0.53
N GLU B 226 6.32 25.97 -0.71
CA GLU B 226 4.90 25.98 -0.38
C GLU B 226 4.67 25.99 1.13
N MET B 227 5.59 25.41 1.90
CA MET B 227 5.45 25.45 3.36
C MET B 227 5.68 26.85 3.90
N ALA B 228 6.52 27.65 3.22
CA ALA B 228 6.72 29.04 3.59
C ALA B 228 5.66 29.95 2.99
N THR B 229 5.05 29.55 1.88
CA THR B 229 3.97 30.33 1.29
C THR B 229 2.69 30.21 2.13
N ALA B 230 2.39 29.00 2.61
CA ALA B 230 1.19 28.77 3.40
C ALA B 230 1.25 29.42 4.77
N ALA B 231 2.44 29.72 5.27
CA ALA B 231 2.56 30.40 6.55
C ALA B 231 2.45 31.92 6.41
N SER B 232 2.78 32.47 5.24
CA SER B 232 2.74 33.91 5.05
C SER B 232 1.42 34.38 4.44
N SER B 233 0.76 33.54 3.67
CA SER B 233 -0.45 33.90 2.95
C SER B 233 -1.63 33.10 3.49
N SER B 234 -2.78 33.28 2.86
CA SER B 234 -3.95 32.44 3.12
C SER B 234 -4.64 32.04 1.84
N SER B 235 -3.94 32.10 0.70
CA SER B 235 -4.51 31.73 -0.58
C SER B 235 -4.47 30.24 -0.84
N LEU B 236 -3.79 29.47 0.01
CA LEU B 236 -3.73 28.03 -0.12
C LEU B 236 -4.82 27.33 0.67
N GLU B 237 -5.68 28.09 1.34
CA GLU B 237 -6.77 27.51 2.12
C GLU B 237 -7.92 27.13 1.22
N LYS B 238 -8.60 26.04 1.57
CA LYS B 238 -9.82 25.64 0.89
C LYS B 238 -10.79 25.10 1.94
N SER B 239 -12.05 24.99 1.53
CA SER B 239 -13.13 24.60 2.43
C SER B 239 -13.84 23.38 1.90
N TYR B 240 -14.24 22.50 2.81
CA TYR B 240 -14.96 21.29 2.49
C TYR B 240 -16.14 21.19 3.46
N GLU B 241 -17.28 20.71 2.98
CA GLU B 241 -18.48 20.62 3.79
C GLU B 241 -18.76 19.16 4.13
N LEU B 242 -18.91 18.89 5.42
CA LEU B 242 -19.11 17.55 5.95
C LEU B 242 -20.55 17.10 5.68
N PRO B 243 -20.85 15.80 5.84
CA PRO B 243 -22.24 15.34 5.61
C PRO B 243 -23.28 15.89 6.58
N ASP B 244 -22.89 16.44 7.73
CA ASP B 244 -23.88 17.02 8.62
C ASP B 244 -24.02 18.53 8.46
N GLY B 245 -23.23 19.15 7.59
CA GLY B 245 -23.34 20.57 7.34
C GLY B 245 -22.21 21.40 7.90
N GLN B 246 -21.28 20.81 8.64
CA GLN B 246 -20.14 21.57 9.15
C GLN B 246 -19.12 21.81 8.05
N VAL B 247 -18.39 22.90 8.18
CA VAL B 247 -17.41 23.31 7.18
C VAL B 247 -16.04 23.29 7.84
N ILE B 248 -15.11 22.55 7.24
CA ILE B 248 -13.73 22.50 7.70
C ILE B 248 -12.85 23.24 6.71
N THR B 249 -11.71 23.69 7.19
CA THR B 249 -10.80 24.53 6.41
C THR B 249 -9.39 23.97 6.53
N ILE B 250 -8.84 23.49 5.42
CA ILE B 250 -7.47 22.98 5.39
C ILE B 250 -6.65 23.85 4.45
N GLY B 251 -5.44 24.21 4.87
CA GLY B 251 -4.59 25.00 4.01
C GLY B 251 -3.19 24.45 3.80
N ASN B 252 -2.70 23.70 4.78
CA ASN B 252 -1.34 23.20 4.79
C ASN B 252 -1.25 21.72 4.54
N GLU B 253 -2.31 20.99 4.84
CA GLU B 253 -2.39 19.55 4.71
C GLU B 253 -2.81 19.12 3.31
N ARG B 254 -2.97 20.08 2.40
CA ARG B 254 -3.32 19.74 1.03
C ARG B 254 -2.11 19.18 0.30
N PHE B 255 -0.93 19.77 0.50
CA PHE B 255 0.27 19.26 -0.12
C PHE B 255 1.15 18.45 0.82
N ARG B 256 0.94 18.54 2.12
CA ARG B 256 1.70 17.73 3.07
C ARG B 256 1.25 16.28 3.09
N CYS B 257 0.05 15.99 2.64
CA CYS B 257 -0.39 14.60 2.58
C CYS B 257 0.25 13.83 1.41
N PRO B 258 0.28 14.31 0.16
CA PRO B 258 0.96 13.52 -0.87
C PRO B 258 2.47 13.71 -0.93
N GLU B 259 3.06 14.47 -0.02
CA GLU B 259 4.51 14.51 0.09
C GLU B 259 5.06 13.25 0.74
N THR B 260 4.20 12.46 1.41
CA THR B 260 4.59 11.19 1.98
C THR B 260 5.03 10.19 0.92
N LEU B 261 4.55 10.34 -0.31
CA LEU B 261 5.06 9.53 -1.42
C LEU B 261 6.50 9.86 -1.74
N PHE B 262 6.89 11.13 -1.61
CA PHE B 262 8.24 11.56 -1.93
C PHE B 262 9.14 11.62 -0.71
N GLN B 263 8.57 11.66 0.49
CA GLN B 263 9.32 11.52 1.75
C GLN B 263 8.56 10.54 2.62
N PRO B 264 8.87 9.24 2.52
CA PRO B 264 8.16 8.26 3.35
C PRO B 264 8.58 8.23 4.82
N SER B 265 9.48 9.10 5.25
CA SER B 265 9.78 9.27 6.65
C SER B 265 8.69 9.99 7.42
N PHE B 266 7.71 10.57 6.71
CA PHE B 266 6.58 11.26 7.33
C PHE B 266 5.66 10.30 8.07
N ILE B 267 5.68 9.02 7.73
CA ILE B 267 4.89 8.01 8.43
C ILE B 267 5.79 6.98 9.11
N GLY B 268 7.07 7.30 9.29
CA GLY B 268 7.97 6.43 9.99
C GLY B 268 8.52 5.27 9.19
N MET B 269 8.56 5.40 7.88
CA MET B 269 9.16 4.39 7.03
C MET B 269 10.55 4.83 6.59
N GLU B 270 11.42 3.86 6.35
CA GLU B 270 12.80 4.14 6.00
C GLU B 270 13.02 4.14 4.49
N SER B 271 12.01 3.75 3.72
CA SER B 271 12.15 3.59 2.29
C SER B 271 12.35 4.93 1.60
N ALA B 272 12.85 4.87 0.37
CA ALA B 272 13.03 6.03 -0.46
C ALA B 272 11.74 6.35 -1.19
N GLY B 273 11.63 7.59 -1.67
CA GLY B 273 10.44 8.03 -2.35
C GLY B 273 10.27 7.37 -3.71
N ILE B 274 9.13 7.65 -4.33
CA ILE B 274 8.81 7.01 -5.60
C ILE B 274 9.62 7.57 -6.75
N HIS B 275 10.32 8.69 -6.55
CA HIS B 275 11.25 9.19 -7.56
C HIS B 275 12.60 8.49 -7.46
N GLU B 276 12.99 8.05 -6.27
CA GLU B 276 14.25 7.35 -6.09
C GLU B 276 14.10 5.86 -6.30
N THR B 277 12.92 5.32 -6.01
CA THR B 277 12.64 3.93 -6.29
C THR B 277 12.61 3.66 -7.79
N THR B 278 12.12 4.63 -8.57
CA THR B 278 12.12 4.52 -10.03
C THR B 278 13.53 4.58 -10.59
N TYR B 279 14.33 5.53 -10.11
CA TYR B 279 15.70 5.68 -10.58
C TYR B 279 16.59 4.50 -10.21
N ASN B 280 16.35 3.90 -9.04
CA ASN B 280 17.10 2.71 -8.65
C ASN B 280 16.69 1.49 -9.48
N SER B 281 15.47 1.47 -9.99
CA SER B 281 15.04 0.37 -10.85
C SER B 281 15.59 0.50 -12.25
N ILE B 282 15.87 1.71 -12.70
CA ILE B 282 16.51 1.92 -13.99
C ILE B 282 17.99 1.54 -13.91
N MET B 283 18.67 1.96 -12.84
CA MET B 283 20.09 1.69 -12.69
C MET B 283 20.40 0.25 -12.32
N LYS B 284 19.39 -0.57 -12.00
CA LYS B 284 19.61 -2.00 -11.87
C LYS B 284 19.54 -2.71 -13.22
N CYS B 285 19.10 -2.01 -14.25
CA CYS B 285 18.96 -2.58 -15.58
C CYS B 285 20.25 -2.35 -16.37
N ASP B 286 20.29 -2.97 -17.54
CA ASP B 286 21.48 -2.91 -18.38
C ASP B 286 21.61 -1.54 -19.02
N ILE B 287 22.87 -1.16 -19.29
CA ILE B 287 23.19 0.21 -19.66
C ILE B 287 22.68 0.56 -21.05
N ASP B 288 22.49 -0.44 -21.91
CA ASP B 288 22.04 -0.21 -23.27
C ASP B 288 20.55 0.02 -23.38
N ILE B 289 19.78 -0.31 -22.35
CA ILE B 289 18.34 -0.10 -22.36
C ILE B 289 17.92 1.03 -21.45
N ARG B 290 18.87 1.70 -20.80
CA ARG B 290 18.52 2.75 -19.84
C ARG B 290 18.02 4.01 -20.53
N LYS B 291 18.47 4.27 -21.76
CA LYS B 291 18.04 5.49 -22.45
C LYS B 291 16.58 5.40 -22.88
N ASP B 292 16.12 4.20 -23.24
CA ASP B 292 14.73 4.01 -23.62
C ASP B 292 13.81 3.83 -22.43
N LEU B 293 14.34 3.76 -21.21
CA LEU B 293 13.51 3.72 -20.02
C LEU B 293 13.31 5.10 -19.42
N TYR B 294 14.30 5.99 -19.56
CA TYR B 294 14.15 7.36 -19.10
C TYR B 294 13.09 8.11 -19.88
N ALA B 295 12.94 7.79 -21.16
CA ALA B 295 11.99 8.46 -22.04
C ALA B 295 10.60 7.84 -21.99
N ASN B 296 10.40 6.78 -21.21
CA ASN B 296 9.10 6.13 -21.09
C ASN B 296 8.89 5.79 -19.61
N ASN B 297 8.30 6.73 -18.87
CA ASN B 297 7.95 6.53 -17.47
C ASN B 297 6.43 6.54 -17.38
N VAL B 298 5.82 5.38 -17.50
CA VAL B 298 4.37 5.27 -17.51
C VAL B 298 3.84 5.27 -16.08
N MET B 299 3.02 6.27 -15.75
CA MET B 299 2.35 6.31 -14.46
C MET B 299 0.96 5.69 -14.58
N SER B 300 0.62 4.83 -13.61
CA SER B 300 -0.66 4.15 -13.60
C SER B 300 -1.19 4.09 -12.19
N GLY B 301 -2.50 3.83 -12.07
CA GLY B 301 -3.13 3.68 -10.79
C GLY B 301 -3.82 4.96 -10.33
N GLY B 302 -4.51 4.84 -9.20
CA GLY B 302 -5.31 5.95 -8.69
C GLY B 302 -4.53 6.96 -7.88
N THR B 303 -3.47 6.53 -7.20
CA THR B 303 -2.68 7.43 -6.37
C THR B 303 -1.79 8.35 -7.22
N THR B 304 -1.65 8.06 -8.51
CA THR B 304 -0.93 8.94 -9.42
C THR B 304 -1.82 10.00 -10.04
N MET B 305 -2.96 10.32 -9.41
CA MET B 305 -3.92 11.26 -9.97
C MET B 305 -3.95 12.60 -9.23
N TYR B 306 -2.91 12.91 -8.47
CA TYR B 306 -2.86 14.21 -7.84
C TYR B 306 -2.50 15.27 -8.87
N PRO B 307 -2.94 16.51 -8.67
CA PRO B 307 -2.42 17.62 -9.48
C PRO B 307 -0.95 17.87 -9.18
N GLY B 308 -0.13 17.83 -10.20
CA GLY B 308 1.28 18.11 -10.05
C GLY B 308 2.16 16.93 -9.75
N ILE B 309 1.64 15.70 -9.87
CA ILE B 309 2.44 14.51 -9.57
C ILE B 309 3.44 14.23 -10.68
N ALA B 310 3.11 14.59 -11.93
CA ALA B 310 3.97 14.27 -13.05
C ALA B 310 5.02 15.34 -13.31
N ASP B 311 4.74 16.58 -12.93
CA ASP B 311 5.75 17.62 -13.01
C ASP B 311 6.73 17.55 -11.85
N ARG B 312 6.33 16.94 -10.74
CA ARG B 312 7.25 16.70 -9.63
C ARG B 312 8.12 15.49 -9.90
N MET B 313 7.56 14.46 -10.57
CA MET B 313 8.35 13.30 -10.95
C MET B 313 9.37 13.65 -12.02
N GLN B 314 9.04 14.57 -12.91
CA GLN B 314 10.01 15.01 -13.91
C GLN B 314 11.11 15.84 -13.30
N LYS B 315 10.80 16.62 -12.27
CA LYS B 315 11.82 17.45 -11.63
C LYS B 315 12.82 16.62 -10.84
N GLU B 316 12.35 15.54 -10.21
CA GLU B 316 13.20 14.77 -9.31
C GLU B 316 14.00 13.70 -10.02
N ILE B 317 13.51 13.17 -11.14
CA ILE B 317 14.27 12.18 -11.89
C ILE B 317 15.35 12.85 -12.73
N THR B 318 15.08 14.04 -13.25
CA THR B 318 16.07 14.82 -13.99
C THR B 318 17.25 15.21 -13.11
N ALA B 319 17.00 15.44 -11.82
CA ALA B 319 18.08 15.75 -10.89
C ALA B 319 18.94 14.54 -10.54
N LEU B 320 18.50 13.33 -10.86
CA LEU B 320 19.29 12.13 -10.66
C LEU B 320 19.87 11.56 -11.95
N ALA B 321 19.21 11.79 -13.08
CA ALA B 321 19.64 11.33 -14.38
C ALA B 321 20.90 12.09 -14.83
N PRO B 322 21.69 11.52 -15.78
CA PRO B 322 22.98 12.15 -16.12
C PRO B 322 22.93 13.36 -17.04
N SER B 323 21.78 14.03 -17.16
CA SER B 323 21.62 15.39 -17.69
C SER B 323 21.81 15.54 -19.19
N THR B 324 22.13 14.45 -19.90
CA THR B 324 22.01 14.43 -21.34
C THR B 324 20.88 13.52 -21.79
N MET B 325 20.18 12.91 -20.85
CA MET B 325 19.05 12.03 -21.13
C MET B 325 17.77 12.84 -21.24
N LYS B 326 16.79 12.25 -21.90
CA LYS B 326 15.50 12.87 -22.13
C LYS B 326 14.47 12.17 -21.25
N ILE B 327 14.08 12.83 -20.17
CA ILE B 327 13.08 12.30 -19.24
C ILE B 327 11.70 12.68 -19.75
N LYS B 328 10.80 11.70 -19.81
CA LYS B 328 9.44 11.96 -20.22
C LYS B 328 8.53 11.02 -19.46
N ILE B 329 7.49 11.57 -18.85
CA ILE B 329 6.53 10.81 -18.04
C ILE B 329 5.21 10.76 -18.80
N ILE B 330 4.75 9.55 -19.06
CA ILE B 330 3.48 9.32 -19.75
C ILE B 330 2.41 9.12 -18.70
N ALA B 331 1.49 10.08 -18.59
CA ALA B 331 0.40 10.03 -17.62
C ALA B 331 -0.89 10.33 -18.35
N PRO B 332 -1.57 9.31 -18.88
CA PRO B 332 -2.82 9.53 -19.59
C PRO B 332 -3.95 9.92 -18.64
N PRO B 333 -5.05 10.50 -19.15
CA PRO B 333 -6.16 10.81 -18.25
C PRO B 333 -6.91 9.59 -17.73
N GLU B 334 -6.78 8.45 -18.40
CA GLU B 334 -7.43 7.20 -17.98
C GLU B 334 -6.51 6.34 -17.12
N ARG B 335 -5.65 6.98 -16.31
CA ARG B 335 -4.69 6.28 -15.46
C ARG B 335 -5.35 5.33 -14.48
N LYS B 336 -6.54 5.68 -13.99
CA LYS B 336 -7.22 4.86 -12.99
C LYS B 336 -7.69 3.52 -13.53
N TYR B 337 -7.81 3.39 -14.85
CA TYR B 337 -8.28 2.15 -15.46
C TYR B 337 -7.24 1.56 -16.41
N SER B 338 -5.96 1.87 -16.23
CA SER B 338 -4.93 1.34 -17.11
C SER B 338 -4.75 -0.16 -16.95
N VAL B 339 -4.86 -0.65 -15.72
CA VAL B 339 -4.76 -2.09 -15.49
C VAL B 339 -5.97 -2.81 -16.03
N TRP B 340 -7.14 -2.15 -16.07
CA TRP B 340 -8.29 -2.80 -16.67
C TRP B 340 -8.25 -2.74 -18.18
N ILE B 341 -7.90 -1.58 -18.75
CA ILE B 341 -7.93 -1.40 -20.20
C ILE B 341 -6.90 -2.31 -20.87
N GLY B 342 -5.69 -2.36 -20.32
CA GLY B 342 -4.71 -3.29 -20.83
C GLY B 342 -5.01 -4.74 -20.52
N GLY B 343 -5.86 -4.99 -19.52
CA GLY B 343 -6.29 -6.35 -19.25
C GLY B 343 -7.35 -6.83 -20.22
N SER B 344 -8.13 -5.91 -20.79
CA SER B 344 -9.07 -6.28 -21.83
C SER B 344 -8.41 -6.43 -23.18
N ILE B 345 -7.28 -5.77 -23.41
CA ILE B 345 -6.49 -6.00 -24.62
C ILE B 345 -5.88 -7.39 -24.60
N LEU B 346 -5.32 -7.79 -23.46
CA LEU B 346 -4.65 -9.08 -23.35
C LEU B 346 -5.62 -10.24 -23.47
N ALA B 347 -6.82 -10.11 -22.90
CA ALA B 347 -7.82 -11.16 -23.02
C ALA B 347 -8.48 -11.18 -24.40
N SER B 348 -8.23 -10.18 -25.24
CA SER B 348 -8.78 -10.14 -26.59
C SER B 348 -7.80 -10.58 -27.65
N LEU B 349 -6.54 -10.81 -27.31
CA LEU B 349 -5.55 -11.27 -28.29
C LEU B 349 -5.85 -12.70 -28.70
N SER B 350 -5.75 -12.96 -30.00
CA SER B 350 -5.93 -14.30 -30.51
C SER B 350 -4.80 -15.23 -30.11
N THR B 351 -3.62 -14.68 -29.81
CA THR B 351 -2.52 -15.47 -29.30
C THR B 351 -2.80 -15.99 -27.90
N PHE B 352 -3.59 -15.24 -27.13
CA PHE B 352 -3.76 -15.50 -25.70
C PHE B 352 -4.59 -16.75 -25.41
N GLN B 353 -5.43 -17.20 -26.34
CA GLN B 353 -6.36 -18.28 -26.02
C GLN B 353 -5.69 -19.65 -25.88
N GLN B 354 -4.40 -19.76 -26.11
CA GLN B 354 -3.66 -20.95 -25.74
C GLN B 354 -3.06 -20.83 -24.34
N MET B 355 -3.24 -19.68 -23.68
CA MET B 355 -2.59 -19.43 -22.40
C MET B 355 -3.54 -19.43 -21.21
N TRP B 356 -4.83 -19.69 -21.43
CA TRP B 356 -5.74 -19.87 -20.31
C TRP B 356 -5.40 -21.14 -19.54
N ILE B 357 -5.76 -21.16 -18.26
CA ILE B 357 -5.66 -22.36 -17.44
C ILE B 357 -7.05 -22.95 -17.39
N THR B 358 -7.27 -24.01 -18.18
CA THR B 358 -8.58 -24.63 -18.24
C THR B 358 -8.82 -25.48 -17.00
N LYS B 359 -10.08 -25.89 -16.81
CA LYS B 359 -10.44 -26.60 -15.59
C LYS B 359 -9.94 -28.04 -15.60
N GLN B 360 -9.86 -28.68 -16.77
CA GLN B 360 -9.30 -30.01 -16.80
C GLN B 360 -7.78 -30.02 -16.72
N GLU B 361 -7.12 -28.90 -17.02
CA GLU B 361 -5.70 -28.75 -16.70
C GLU B 361 -5.49 -28.63 -15.20
N TYR B 362 -6.47 -28.09 -14.49
CA TYR B 362 -6.39 -27.90 -13.05
C TYR B 362 -6.54 -29.20 -12.29
N ASP B 363 -7.16 -30.21 -12.88
CA ASP B 363 -7.51 -31.42 -12.13
C ASP B 363 -6.33 -32.35 -11.91
N GLU B 364 -5.29 -32.30 -12.76
CA GLU B 364 -4.14 -33.17 -12.52
C GLU B 364 -3.02 -32.48 -11.76
N ALA B 365 -2.99 -31.16 -11.75
CA ALA B 365 -1.90 -30.42 -11.11
C ALA B 365 -2.32 -29.70 -9.83
N GLY B 366 -3.62 -29.50 -9.61
CA GLY B 366 -4.08 -28.77 -8.47
C GLY B 366 -3.81 -27.28 -8.63
N PRO B 367 -3.79 -26.55 -7.51
CA PRO B 367 -3.54 -25.10 -7.59
C PRO B 367 -2.11 -24.72 -7.92
N SER B 368 -1.18 -25.67 -8.01
CA SER B 368 0.21 -25.36 -8.35
C SER B 368 0.42 -25.07 -9.82
N ILE B 369 -0.61 -25.24 -10.66
CA ILE B 369 -0.47 -25.00 -12.10
C ILE B 369 -0.39 -23.51 -12.41
N VAL B 370 -0.83 -22.65 -11.48
CA VAL B 370 -0.85 -21.21 -11.73
C VAL B 370 0.56 -20.62 -11.66
N HIS B 371 1.52 -21.33 -11.07
CA HIS B 371 2.89 -20.84 -11.00
C HIS B 371 3.70 -21.23 -12.21
N ARG B 372 3.38 -22.35 -12.85
CA ARG B 372 4.09 -22.82 -14.03
C ARG B 372 3.56 -22.23 -15.32
N LYS B 373 2.42 -21.54 -15.27
CA LYS B 373 1.81 -20.95 -16.47
C LYS B 373 1.74 -19.44 -16.42
N CYS B 374 1.44 -18.85 -15.28
CA CYS B 374 1.30 -17.40 -15.19
C CYS B 374 2.62 -16.74 -14.80
N SER C 981 -38.47 -21.44 -15.10
CA SER C 981 -38.16 -20.12 -15.64
C SER C 981 -39.43 -19.32 -15.88
N SER C 982 -40.56 -19.84 -15.42
CA SER C 982 -41.85 -19.18 -15.62
C SER C 982 -42.25 -18.28 -14.47
N LYS C 983 -41.79 -18.56 -13.26
CA LYS C 983 -42.04 -17.69 -12.12
C LYS C 983 -40.87 -16.76 -11.83
N GLY C 984 -39.92 -16.65 -12.77
CA GLY C 984 -38.82 -15.72 -12.65
C GLY C 984 -39.15 -14.39 -13.30
N ASN C 985 -39.82 -14.44 -14.46
CA ASN C 985 -40.28 -13.23 -15.13
C ASN C 985 -41.69 -12.82 -14.68
N ASP C 986 -42.25 -13.52 -13.69
CA ASP C 986 -43.51 -13.10 -13.09
C ASP C 986 -43.30 -11.92 -12.15
N ILE C 987 -42.08 -11.79 -11.61
CA ILE C 987 -41.79 -10.77 -10.61
C ILE C 987 -41.72 -9.39 -11.24
N ILE C 988 -41.26 -9.31 -12.50
CA ILE C 988 -41.10 -8.01 -13.16
C ILE C 988 -42.46 -7.42 -13.50
N ALA C 989 -43.40 -8.25 -13.97
CA ALA C 989 -44.73 -7.76 -14.28
C ALA C 989 -45.52 -7.45 -13.01
N ALA C 990 -45.24 -8.16 -11.91
CA ALA C 990 -45.90 -7.85 -10.64
C ALA C 990 -45.39 -6.55 -10.05
N ALA C 991 -44.10 -6.28 -10.19
CA ALA C 991 -43.51 -5.04 -9.69
C ALA C 991 -43.71 -3.87 -10.64
N LYS C 992 -44.18 -4.11 -11.87
CA LYS C 992 -44.50 -3.04 -12.79
C LYS C 992 -45.94 -2.54 -12.63
N ARG C 993 -46.81 -3.38 -12.06
CA ARG C 993 -48.15 -2.90 -11.68
C ARG C 993 -48.07 -1.90 -10.54
N MET C 994 -47.08 -2.04 -9.66
CA MET C 994 -46.89 -1.07 -8.59
C MET C 994 -46.32 0.24 -9.12
N ALA C 995 -45.58 0.19 -10.23
CA ALA C 995 -45.03 1.41 -10.80
C ALA C 995 -46.12 2.25 -11.46
N LEU C 996 -47.20 1.62 -11.89
CA LEU C 996 -48.33 2.37 -12.44
C LEU C 996 -49.18 2.97 -11.33
N LEU C 997 -49.34 2.25 -10.22
CA LEU C 997 -50.13 2.76 -9.11
C LEU C 997 -49.39 3.87 -8.36
N MET C 998 -48.06 3.88 -8.41
CA MET C 998 -47.31 4.98 -7.82
C MET C 998 -47.41 6.23 -8.69
N ALA C 999 -47.32 6.06 -10.01
CA ALA C 999 -47.47 7.20 -10.91
C ALA C 999 -48.89 7.73 -10.92
N GLU C 1000 -49.87 6.85 -10.66
CA GLU C 1000 -51.25 7.30 -10.49
C GLU C 1000 -51.40 8.12 -9.22
N MET C 1001 -50.73 7.70 -8.14
CA MET C 1001 -50.79 8.44 -6.88
C MET C 1001 -50.04 9.76 -6.97
N SER C 1002 -48.99 9.83 -7.80
CA SER C 1002 -48.23 11.06 -7.95
C SER C 1002 -48.99 12.12 -8.74
N ARG C 1003 -50.03 11.75 -9.48
CA ARG C 1003 -50.83 12.74 -10.17
C ARG C 1003 -51.91 13.32 -9.27
N LEU C 1004 -52.40 12.55 -8.31
CA LEU C 1004 -53.46 12.99 -7.42
C LEU C 1004 -52.99 14.01 -6.39
N VAL C 1005 -51.69 14.16 -6.19
CA VAL C 1005 -51.21 15.11 -5.19
C VAL C 1005 -51.14 16.53 -5.72
N ARG C 1006 -51.32 16.73 -7.03
CA ARG C 1006 -51.34 18.08 -7.57
C ARG C 1006 -52.69 18.76 -7.36
N GLY C 1007 -53.78 18.00 -7.35
CA GLY C 1007 -55.09 18.58 -7.21
C GLY C 1007 -55.38 19.07 -5.80
N GLY C 1008 -56.56 19.67 -5.65
CA GLY C 1008 -56.99 20.24 -4.39
C GLY C 1008 -57.50 19.22 -3.40
N SER C 1009 -58.44 19.67 -2.56
CA SER C 1009 -58.97 18.82 -1.50
C SER C 1009 -60.02 17.84 -1.97
N GLY C 1010 -60.46 17.93 -3.22
CA GLY C 1010 -61.47 17.01 -3.73
C GLY C 1010 -60.94 15.65 -4.12
N THR C 1011 -59.66 15.56 -4.47
CA THR C 1011 -59.08 14.32 -4.98
C THR C 1011 -58.32 13.53 -3.92
N LYS C 1012 -58.40 13.93 -2.65
CA LYS C 1012 -57.64 13.25 -1.62
C LYS C 1012 -58.34 12.02 -1.08
N ARG C 1013 -59.64 11.88 -1.31
CA ARG C 1013 -60.31 10.63 -0.95
C ARG C 1013 -59.95 9.51 -1.90
N ALA C 1014 -59.67 9.85 -3.16
CA ALA C 1014 -59.15 8.86 -4.10
C ALA C 1014 -57.66 8.61 -3.92
N LEU C 1015 -56.97 9.48 -3.19
CA LEU C 1015 -55.57 9.24 -2.85
C LEU C 1015 -55.44 8.12 -1.84
N ILE C 1016 -56.34 8.08 -0.85
CA ILE C 1016 -56.30 7.04 0.17
C ILE C 1016 -56.68 5.69 -0.44
N GLN C 1017 -57.61 5.67 -1.37
CA GLN C 1017 -57.94 4.44 -2.07
C GLN C 1017 -56.81 4.02 -3.01
N CYS C 1018 -56.02 4.97 -3.49
CA CYS C 1018 -54.85 4.64 -4.29
C CYS C 1018 -53.69 4.14 -3.44
N ALA C 1019 -53.74 4.34 -2.13
CA ALA C 1019 -52.71 3.81 -1.24
C ALA C 1019 -53.08 2.46 -0.64
N LYS C 1020 -54.37 2.11 -0.60
CA LYS C 1020 -54.78 0.85 -0.01
C LYS C 1020 -54.65 -0.33 -0.96
N ASP C 1021 -54.30 -0.10 -2.23
CA ASP C 1021 -54.06 -1.19 -3.16
C ASP C 1021 -52.61 -1.29 -3.62
N ILE C 1022 -51.80 -0.26 -3.37
CA ILE C 1022 -50.35 -0.44 -3.47
C ILE C 1022 -49.88 -1.43 -2.43
N ALA C 1023 -50.43 -1.35 -1.22
CA ALA C 1023 -50.13 -2.30 -0.16
C ALA C 1023 -50.68 -3.68 -0.44
N LYS C 1024 -51.65 -3.81 -1.34
CA LYS C 1024 -52.12 -5.13 -1.75
C LYS C 1024 -51.32 -5.65 -2.94
N ALA C 1025 -50.92 -4.76 -3.87
CA ALA C 1025 -50.10 -5.17 -4.99
C ALA C 1025 -48.70 -5.56 -4.54
N SER C 1026 -48.22 -4.99 -3.44
CA SER C 1026 -46.94 -5.40 -2.86
C SER C 1026 -47.03 -6.75 -2.19
N ASP C 1027 -48.24 -7.17 -1.79
CA ASP C 1027 -48.41 -8.50 -1.21
C ASP C 1027 -48.30 -9.60 -2.25
N GLU C 1028 -48.50 -9.27 -3.52
CA GLU C 1028 -48.33 -10.26 -4.57
C GLU C 1028 -46.85 -10.51 -4.86
N VAL C 1029 -46.01 -9.48 -4.70
CA VAL C 1029 -44.58 -9.63 -4.98
C VAL C 1029 -43.93 -10.53 -3.93
N THR C 1030 -44.22 -10.27 -2.66
CA THR C 1030 -43.69 -11.11 -1.59
C THR C 1030 -44.31 -12.50 -1.54
N ARG C 1031 -45.43 -12.73 -2.23
CA ARG C 1031 -46.02 -14.06 -2.29
C ARG C 1031 -45.21 -14.98 -3.20
N LEU C 1032 -44.72 -14.45 -4.31
CA LEU C 1032 -44.02 -15.25 -5.30
C LEU C 1032 -42.51 -15.02 -5.33
N ALA C 1033 -42.00 -14.01 -4.64
CA ALA C 1033 -40.56 -13.94 -4.42
C ALA C 1033 -40.12 -14.94 -3.36
N LYS C 1034 -41.03 -15.40 -2.51
CA LYS C 1034 -40.74 -16.53 -1.66
C LYS C 1034 -40.63 -17.82 -2.46
N GLU C 1035 -41.37 -17.90 -3.58
CA GLU C 1035 -41.32 -19.11 -4.39
C GLU C 1035 -40.02 -19.24 -5.15
N VAL C 1036 -39.40 -18.11 -5.49
CA VAL C 1036 -38.09 -18.14 -6.14
C VAL C 1036 -37.01 -18.55 -5.14
N ALA C 1037 -37.20 -18.23 -3.87
CA ALA C 1037 -36.24 -18.62 -2.85
C ALA C 1037 -36.27 -20.11 -2.58
N LYS C 1038 -37.42 -20.76 -2.77
CA LYS C 1038 -37.49 -22.22 -2.66
C LYS C 1038 -36.89 -22.92 -3.87
N GLN C 1039 -36.66 -22.20 -4.96
CA GLN C 1039 -36.09 -22.80 -6.16
C GLN C 1039 -34.58 -22.68 -6.21
N CYS C 1040 -34.03 -21.60 -5.66
CA CYS C 1040 -32.60 -21.34 -5.78
C CYS C 1040 -31.81 -22.22 -4.81
N THR C 1041 -30.74 -22.83 -5.30
CA THR C 1041 -29.93 -23.72 -4.47
C THR C 1041 -28.71 -23.02 -3.88
N ASP C 1042 -28.30 -21.89 -4.46
CA ASP C 1042 -27.19 -21.11 -3.91
C ASP C 1042 -27.66 -20.45 -2.62
N LYS C 1043 -26.99 -20.77 -1.52
CA LYS C 1043 -27.41 -20.27 -0.22
C LYS C 1043 -27.09 -18.78 -0.04
N ARG C 1044 -26.10 -18.25 -0.74
CA ARG C 1044 -25.84 -16.82 -0.68
C ARG C 1044 -26.87 -16.01 -1.46
N ILE C 1045 -27.64 -16.65 -2.32
CA ILE C 1045 -28.73 -15.96 -3.00
C ILE C 1045 -30.05 -16.15 -2.28
N ARG C 1046 -30.33 -17.38 -1.82
CA ARG C 1046 -31.63 -17.65 -1.21
C ARG C 1046 -31.77 -17.02 0.18
N THR C 1047 -30.67 -16.71 0.85
CA THR C 1047 -30.77 -16.06 2.14
C THR C 1047 -30.67 -14.55 2.04
N ASN C 1048 -29.98 -14.04 1.02
CA ASN C 1048 -29.98 -12.62 0.74
C ASN C 1048 -31.30 -12.15 0.15
N LEU C 1049 -32.06 -13.06 -0.47
CA LEU C 1049 -33.36 -12.68 -1.01
C LEU C 1049 -34.42 -12.59 0.08
N LEU C 1050 -34.39 -13.52 1.03
CA LEU C 1050 -35.36 -13.47 2.12
C LEU C 1050 -35.05 -12.39 3.14
N GLN C 1051 -33.79 -11.96 3.24
CA GLN C 1051 -33.47 -10.89 4.19
C GLN C 1051 -33.94 -9.53 3.68
N VAL C 1052 -34.06 -9.37 2.37
CA VAL C 1052 -34.48 -8.08 1.81
C VAL C 1052 -35.98 -8.02 1.53
N CYS C 1053 -36.65 -9.17 1.40
CA CYS C 1053 -38.06 -9.18 1.07
C CYS C 1053 -38.97 -9.11 2.28
N GLU C 1054 -38.42 -9.23 3.50
CA GLU C 1054 -39.25 -9.18 4.70
C GLU C 1054 -39.62 -7.75 5.11
N ARG C 1055 -39.10 -6.74 4.42
CA ARG C 1055 -39.54 -5.38 4.69
C ARG C 1055 -40.91 -5.12 4.10
N ILE C 1056 -41.26 -5.82 3.03
CA ILE C 1056 -42.53 -5.63 2.33
C ILE C 1056 -43.75 -6.08 3.14
N PRO C 1057 -43.73 -7.15 3.96
CA PRO C 1057 -44.87 -7.34 4.89
C PRO C 1057 -44.96 -6.30 5.99
N THR C 1058 -43.96 -5.46 6.20
CA THR C 1058 -43.97 -4.47 7.26
C THR C 1058 -44.46 -3.11 6.76
N ILE C 1059 -43.92 -2.63 5.64
CA ILE C 1059 -44.30 -1.31 5.15
C ILE C 1059 -45.68 -1.34 4.50
N SER C 1060 -46.14 -2.51 4.06
CA SER C 1060 -47.49 -2.61 3.52
C SER C 1060 -48.53 -2.58 4.63
N THR C 1061 -48.22 -3.19 5.77
CA THR C 1061 -49.15 -3.19 6.89
C THR C 1061 -49.29 -1.80 7.51
N GLN C 1062 -48.20 -1.05 7.59
CA GLN C 1062 -48.30 0.32 8.08
C GLN C 1062 -48.68 1.32 7.00
N LEU C 1063 -48.99 0.86 5.78
CA LEU C 1063 -49.56 1.76 4.78
C LEU C 1063 -51.08 1.61 4.71
N LYS C 1064 -51.60 0.42 4.94
CA LYS C 1064 -53.05 0.23 4.95
C LYS C 1064 -53.67 0.60 6.28
N ILE C 1065 -52.87 0.76 7.34
CA ILE C 1065 -53.39 1.24 8.61
C ILE C 1065 -53.24 2.76 8.71
N LEU C 1066 -52.14 3.33 8.21
CA LEU C 1066 -52.02 4.78 8.12
C LEU C 1066 -53.00 5.40 7.16
N SER C 1067 -53.45 4.66 6.14
CA SER C 1067 -54.48 5.19 5.26
C SER C 1067 -55.84 5.18 5.93
N THR C 1068 -56.07 4.23 6.84
CA THR C 1068 -57.30 4.21 7.64
C THR C 1068 -57.34 5.36 8.63
N VAL C 1069 -56.20 5.75 9.21
CA VAL C 1069 -56.16 6.88 10.13
C VAL C 1069 -56.42 8.19 9.39
N LYS C 1070 -55.83 8.35 8.20
CA LYS C 1070 -56.07 9.57 7.44
C LYS C 1070 -57.45 9.61 6.82
N ALA C 1071 -58.10 8.46 6.64
CA ALA C 1071 -59.47 8.45 6.14
C ALA C 1071 -60.48 8.91 7.19
N THR C 1072 -60.13 8.81 8.47
CA THR C 1072 -60.98 9.28 9.55
C THR C 1072 -60.77 10.76 9.85
N MET C 1073 -59.54 11.26 9.69
CA MET C 1073 -59.21 12.64 10.01
C MET C 1073 -59.77 13.64 9.01
N LEU C 1074 -60.27 13.20 7.87
CA LEU C 1074 -60.95 14.10 6.94
C LEU C 1074 -62.42 14.32 7.30
N GLY C 1075 -62.96 13.52 8.21
CA GLY C 1075 -64.32 13.69 8.69
C GLY C 1075 -64.54 14.85 9.62
N ARG C 1076 -63.47 15.47 10.11
CA ARG C 1076 -63.59 16.66 10.92
C ARG C 1076 -63.99 17.86 10.05
N THR C 1077 -64.48 18.90 10.71
CA THR C 1077 -64.97 20.10 10.04
C THR C 1077 -63.92 21.20 10.14
N ASN C 1078 -63.55 21.76 8.98
CA ASN C 1078 -62.60 22.87 8.84
C ASN C 1078 -61.25 22.49 9.44
N ILE C 1079 -60.54 21.58 8.76
CA ILE C 1079 -59.26 21.14 9.30
C ILE C 1079 -58.18 22.20 9.08
N SER C 1080 -57.75 22.41 7.82
CA SER C 1080 -56.93 23.51 7.33
C SER C 1080 -56.78 23.35 5.82
N ASP C 1081 -55.97 24.22 5.24
CA ASP C 1081 -55.38 24.00 3.93
C ASP C 1081 -53.99 23.38 4.05
N GLU C 1082 -53.37 23.49 5.22
CA GLU C 1082 -52.01 23.04 5.48
C GLU C 1082 -51.97 21.73 6.26
N GLU C 1083 -52.98 21.48 7.10
CA GLU C 1083 -53.07 20.23 7.85
C GLU C 1083 -53.25 19.03 6.93
N SER C 1084 -54.11 19.14 5.93
CA SER C 1084 -54.28 18.06 4.97
C SER C 1084 -53.20 18.09 3.90
N GLU C 1085 -52.47 19.20 3.77
CA GLU C 1085 -51.33 19.27 2.86
C GLU C 1085 -50.20 18.35 3.32
N GLN C 1086 -49.91 18.35 4.62
CA GLN C 1086 -48.87 17.48 5.16
C GLN C 1086 -49.37 16.08 5.43
N ALA C 1087 -50.68 15.86 5.47
CA ALA C 1087 -51.21 14.53 5.71
C ALA C 1087 -51.07 13.62 4.50
N THR C 1088 -50.96 14.19 3.29
CA THR C 1088 -50.71 13.37 2.11
C THR C 1088 -49.25 12.97 1.99
N GLU C 1089 -48.34 13.81 2.48
CA GLU C 1089 -46.92 13.47 2.45
C GLU C 1089 -46.57 12.33 3.38
N MET C 1090 -47.37 12.10 4.43
CA MET C 1090 -47.16 10.93 5.26
C MET C 1090 -47.66 9.66 4.58
N LEU C 1091 -48.46 9.78 3.52
CA LEU C 1091 -48.87 8.64 2.71
C LEU C 1091 -48.04 8.48 1.44
N VAL C 1092 -47.52 9.59 0.90
CA VAL C 1092 -46.65 9.50 -0.28
C VAL C 1092 -45.29 8.92 0.10
N HIS C 1093 -44.68 9.46 1.17
CA HIS C 1093 -43.39 8.98 1.64
C HIS C 1093 -43.47 7.55 2.15
N ASN C 1094 -44.59 7.16 2.75
CA ASN C 1094 -44.77 5.77 3.17
C ASN C 1094 -44.91 4.84 1.98
N ALA C 1095 -45.41 5.35 0.85
CA ALA C 1095 -45.54 4.55 -0.35
C ALA C 1095 -44.29 4.58 -1.22
N GLN C 1096 -43.53 5.69 -1.19
CA GLN C 1096 -42.22 5.72 -1.84
C GLN C 1096 -41.24 4.80 -1.11
N ASN C 1097 -41.40 4.66 0.20
CA ASN C 1097 -40.54 3.75 0.95
C ASN C 1097 -40.89 2.29 0.67
N LEU C 1098 -42.16 2.01 0.37
CA LEU C 1098 -42.56 0.66 0.00
C LEU C 1098 -42.13 0.32 -1.42
N MET C 1099 -42.19 1.30 -2.32
CA MET C 1099 -41.75 1.07 -3.69
C MET C 1099 -40.23 0.94 -3.78
N GLN C 1100 -39.50 1.65 -2.94
CA GLN C 1100 -38.05 1.52 -2.95
C GLN C 1100 -37.61 0.23 -2.26
N SER C 1101 -38.49 -0.35 -1.45
CA SER C 1101 -38.18 -1.64 -0.82
C SER C 1101 -38.52 -2.81 -1.73
N VAL C 1102 -39.36 -2.60 -2.73
CA VAL C 1102 -39.76 -3.70 -3.61
C VAL C 1102 -38.94 -3.73 -4.88
N LYS C 1103 -38.26 -2.63 -5.23
CA LYS C 1103 -37.31 -2.70 -6.34
C LYS C 1103 -35.98 -3.30 -5.90
N GLU C 1104 -35.68 -3.31 -4.61
CA GLU C 1104 -34.48 -3.96 -4.11
C GLU C 1104 -34.67 -5.44 -3.82
N THR C 1105 -35.88 -5.97 -3.95
CA THR C 1105 -36.05 -7.42 -3.93
C THR C 1105 -36.22 -8.00 -5.33
N VAL C 1106 -36.48 -7.15 -6.32
CA VAL C 1106 -36.44 -7.59 -7.72
C VAL C 1106 -34.99 -7.79 -8.15
N ARG C 1107 -34.07 -6.97 -7.62
CA ARG C 1107 -32.66 -7.09 -7.95
C ARG C 1107 -32.05 -8.38 -7.42
N GLU C 1108 -32.40 -8.75 -6.19
CA GLU C 1108 -31.91 -10.00 -5.63
C GLU C 1108 -32.69 -11.21 -6.12
N ALA C 1109 -33.80 -11.01 -6.83
CA ALA C 1109 -34.50 -12.11 -7.48
C ALA C 1109 -34.10 -12.26 -8.95
N GLU C 1110 -33.70 -11.17 -9.59
CA GLU C 1110 -33.13 -11.27 -10.93
C GLU C 1110 -31.76 -11.92 -10.89
N ALA C 1111 -31.03 -11.77 -9.78
CA ALA C 1111 -29.79 -12.50 -9.57
C ALA C 1111 -30.03 -13.95 -9.20
N ALA C 1112 -31.25 -14.30 -8.77
CA ALA C 1112 -31.57 -15.70 -8.54
C ALA C 1112 -31.88 -16.43 -9.82
N SER C 1113 -32.37 -15.72 -10.84
CA SER C 1113 -32.69 -16.35 -12.12
C SER C 1113 -31.45 -16.79 -12.87
N ILE C 1114 -30.28 -16.21 -12.59
CA ILE C 1114 -29.05 -16.64 -13.24
C ILE C 1114 -28.61 -18.00 -12.69
N LYS C 1115 -28.86 -18.25 -11.41
CA LYS C 1115 -28.49 -19.53 -10.83
C LYS C 1115 -29.51 -20.63 -11.17
N ILE C 1116 -30.79 -20.27 -11.29
CA ILE C 1116 -31.81 -21.25 -11.65
C ILE C 1116 -31.63 -21.70 -13.10
N ARG C 1117 -31.25 -20.77 -13.97
CA ARG C 1117 -31.13 -21.07 -15.39
C ARG C 1117 -29.99 -22.04 -15.68
N THR C 1118 -28.86 -21.89 -14.99
CA THR C 1118 -27.71 -22.74 -15.30
C THR C 1118 -27.81 -24.11 -14.63
N ASP C 1119 -28.49 -24.22 -13.50
CA ASP C 1119 -28.66 -25.51 -12.85
C ASP C 1119 -29.71 -26.37 -13.52
N ALA C 1120 -30.51 -25.82 -14.44
CA ALA C 1120 -31.50 -26.55 -15.21
C ALA C 1120 -31.06 -26.67 -16.66
N GLY C 1121 -29.77 -26.91 -16.89
CA GLY C 1121 -29.22 -26.92 -18.23
C GLY C 1121 -28.92 -25.51 -18.70
N PHE C 1122 -29.25 -25.20 -19.96
CA PHE C 1122 -29.27 -23.85 -20.52
C PHE C 1122 -27.90 -23.16 -20.50
N THR C 1123 -26.82 -23.93 -20.41
CA THR C 1123 -25.49 -23.38 -20.16
C THR C 1123 -24.67 -23.42 -21.44
N LEU C 1124 -24.21 -22.25 -21.88
CA LEU C 1124 -23.35 -22.15 -23.05
C LEU C 1124 -21.96 -22.66 -22.68
N ARG C 1125 -21.54 -23.75 -23.31
CA ARG C 1125 -20.22 -24.30 -23.05
C ARG C 1125 -19.14 -23.48 -23.76
N TRP C 1126 -18.06 -23.19 -23.04
CA TRP C 1126 -16.95 -22.44 -23.59
C TRP C 1126 -15.94 -23.40 -24.20
N VAL C 1127 -15.48 -23.08 -25.41
CA VAL C 1127 -14.46 -23.85 -26.09
C VAL C 1127 -13.29 -22.93 -26.45
N ARG C 1128 -12.08 -23.45 -26.33
CA ARG C 1128 -10.88 -22.66 -26.56
C ARG C 1128 -10.60 -22.57 -28.06
N LYS C 1129 -10.30 -21.36 -28.53
CA LYS C 1129 -10.14 -21.12 -29.96
C LYS C 1129 -8.84 -21.71 -30.49
N THR C 1130 -8.94 -22.43 -31.61
CA THR C 1130 -7.80 -23.09 -32.23
C THR C 1130 -7.01 -22.09 -33.09
N PRO C 1131 -5.67 -22.05 -32.97
CA PRO C 1131 -4.84 -21.15 -33.78
C PRO C 1131 -4.89 -21.45 -35.28
N THR D 5 57.90 -2.67 19.43
CA THR D 5 56.52 -2.47 19.01
C THR D 5 56.05 -3.62 18.14
N THR D 6 54.73 -3.82 18.08
CA THR D 6 54.14 -4.90 17.34
C THR D 6 53.39 -4.33 16.14
N ALA D 7 53.52 -4.99 14.99
CA ALA D 7 52.82 -4.53 13.80
C ALA D 7 51.33 -4.85 13.90
N LEU D 8 50.51 -3.95 13.35
CA LEU D 8 49.07 -4.17 13.30
C LEU D 8 48.70 -4.77 11.95
N VAL D 9 47.75 -5.69 11.97
CA VAL D 9 47.18 -6.22 10.75
C VAL D 9 45.66 -6.04 10.80
N CYS D 10 45.14 -5.23 9.89
CA CYS D 10 43.72 -4.88 9.84
C CYS D 10 43.17 -5.32 8.50
N ASP D 11 42.15 -6.17 8.54
CA ASP D 11 41.50 -6.68 7.34
C ASP D 11 40.13 -6.02 7.24
N ASN D 12 40.07 -4.88 6.59
CA ASN D 12 38.79 -4.17 6.40
C ASN D 12 38.02 -4.87 5.29
N GLY D 13 37.10 -5.73 5.68
CA GLY D 13 36.22 -6.36 4.73
C GLY D 13 34.98 -5.52 4.49
N SER D 14 34.17 -5.98 3.55
CA SER D 14 32.93 -5.28 3.25
C SER D 14 31.89 -5.48 4.33
N GLY D 15 31.96 -6.59 5.06
CA GLY D 15 31.00 -6.86 6.09
C GLY D 15 31.53 -6.80 7.51
N LEU D 16 32.75 -7.25 7.74
CA LEU D 16 33.33 -7.34 9.06
C LEU D 16 34.73 -6.73 9.09
N VAL D 17 35.11 -6.19 10.23
CA VAL D 17 36.45 -5.69 10.46
C VAL D 17 37.18 -6.71 11.34
N LYS D 18 38.31 -7.22 10.86
CA LYS D 18 39.15 -8.13 11.62
C LYS D 18 40.46 -7.41 11.90
N ALA D 19 40.71 -7.09 13.15
CA ALA D 19 41.93 -6.39 13.54
C ALA D 19 42.64 -7.16 14.66
N GLY D 20 43.93 -6.90 14.79
CA GLY D 20 44.70 -7.58 15.80
C GLY D 20 46.18 -7.23 15.66
N PHE D 21 47.01 -8.05 16.30
CA PHE D 21 48.45 -7.84 16.31
C PHE D 21 49.15 -8.96 15.55
N ALA D 22 50.28 -8.62 14.94
CA ALA D 22 51.02 -9.57 14.14
C ALA D 22 51.71 -10.60 15.03
N GLY D 23 51.59 -11.87 14.66
CA GLY D 23 52.15 -12.96 15.43
C GLY D 23 51.11 -13.83 16.10
N ASP D 24 49.92 -13.30 16.34
CA ASP D 24 48.88 -14.06 17.01
C ASP D 24 48.18 -15.00 16.03
N ASP D 25 47.28 -15.81 16.57
CA ASP D 25 46.59 -16.82 15.77
C ASP D 25 45.12 -16.51 15.57
N ALA D 26 44.63 -15.38 16.09
CA ALA D 26 43.22 -15.01 15.96
C ALA D 26 43.13 -13.51 16.10
N PRO D 27 42.22 -12.84 15.40
CA PRO D 27 42.07 -11.39 15.57
C PRO D 27 41.47 -11.04 16.92
N ARG D 28 41.88 -9.88 17.45
CA ARG D 28 41.39 -9.46 18.75
C ARG D 28 40.02 -8.81 18.66
N ALA D 29 39.75 -8.09 17.58
CA ALA D 29 38.52 -7.35 17.40
C ALA D 29 37.84 -7.78 16.12
N VAL D 30 36.66 -8.40 16.24
CA VAL D 30 35.83 -8.76 15.09
C VAL D 30 34.45 -8.15 15.31
N PHE D 31 34.14 -7.09 14.56
CA PHE D 31 32.90 -6.35 14.73
C PHE D 31 32.38 -5.96 13.35
N PRO D 32 31.08 -5.70 13.21
CA PRO D 32 30.54 -5.31 11.91
C PRO D 32 31.02 -3.94 11.45
N SER D 33 31.14 -3.81 10.14
CA SER D 33 31.63 -2.57 9.53
C SER D 33 30.46 -1.70 9.09
N ILE D 34 29.69 -1.24 10.07
CA ILE D 34 28.51 -0.41 9.84
C ILE D 34 28.67 0.89 10.60
N VAL D 35 27.83 1.86 10.24
CA VAL D 35 27.67 3.11 10.99
C VAL D 35 26.18 3.37 11.07
N GLY D 36 25.66 3.52 12.28
CA GLY D 36 24.24 3.75 12.50
C GLY D 36 23.97 5.19 12.94
N ARG D 37 22.91 5.76 12.40
CA ARG D 37 22.48 7.10 12.75
C ARG D 37 20.99 7.09 13.05
N PRO D 38 20.53 7.83 14.05
CA PRO D 38 19.14 7.72 14.49
C PRO D 38 18.15 8.33 13.50
N ARG D 39 17.01 7.67 13.37
CA ARG D 39 15.97 8.04 12.43
C ARG D 39 14.72 8.60 13.09
N HIS D 40 14.63 8.58 14.41
CA HIS D 40 13.45 8.97 15.16
C HIS D 40 13.74 10.23 15.98
N GLN D 41 12.77 10.59 16.83
CA GLN D 41 12.77 11.86 17.54
C GLN D 41 13.13 11.65 19.01
N GLY D 42 14.15 12.35 19.48
CA GLY D 42 14.67 12.20 20.83
C GLY D 42 13.92 12.99 21.90
N VAL D 43 12.78 12.47 22.35
CA VAL D 43 11.90 13.24 23.22
C VAL D 43 12.39 13.34 24.66
N MET D 44 13.27 12.46 25.12
CA MET D 44 13.75 12.50 26.50
C MET D 44 15.06 13.27 26.56
N VAL D 45 15.14 14.21 27.50
CA VAL D 45 16.22 15.19 27.52
C VAL D 45 17.45 14.58 28.19
N GLY D 46 18.60 14.70 27.52
CA GLY D 46 19.85 14.21 28.06
C GLY D 46 20.29 12.91 27.43
N MET D 47 19.34 12.01 27.21
CA MET D 47 19.66 10.68 26.69
C MET D 47 20.04 10.72 25.22
N GLY D 48 19.15 11.26 24.38
CA GLY D 48 19.34 11.21 22.94
C GLY D 48 20.26 12.28 22.39
N GLN D 49 21.57 12.11 22.57
CA GLN D 49 22.56 13.05 22.04
C GLN D 49 23.62 12.42 21.17
N LYS D 50 23.89 11.12 21.30
CA LYS D 50 24.86 10.45 20.45
C LYS D 50 24.29 10.31 19.04
N ASP D 51 24.98 10.88 18.06
CA ASP D 51 24.46 10.95 16.71
C ASP D 51 25.01 9.88 15.77
N SER D 52 25.97 9.08 16.22
CA SER D 52 26.53 8.03 15.37
C SER D 52 27.05 6.90 16.24
N TYR D 53 26.69 5.68 15.86
CA TYR D 53 27.13 4.46 16.51
C TYR D 53 27.87 3.61 15.49
N VAL D 54 28.98 2.99 15.88
CA VAL D 54 29.90 2.37 14.94
C VAL D 54 29.90 0.85 15.05
N GLY D 55 30.29 0.32 16.19
CA GLY D 55 30.72 -1.08 16.14
C GLY D 55 29.62 -2.08 16.39
N ASP D 56 29.67 -2.74 17.54
CA ASP D 56 28.57 -3.57 17.99
C ASP D 56 27.47 -2.77 18.67
N GLU D 57 27.71 -1.50 18.98
CA GLU D 57 26.66 -0.66 19.55
C GLU D 57 25.69 -0.15 18.50
N ALA D 58 26.05 -0.22 17.22
CA ALA D 58 25.10 0.04 16.16
C ALA D 58 24.29 -1.19 15.79
N GLN D 59 24.75 -2.37 16.20
CA GLN D 59 24.04 -3.60 15.95
C GLN D 59 23.08 -3.95 17.07
N SER D 60 23.36 -3.49 18.29
CA SER D 60 22.46 -3.75 19.41
C SER D 60 21.33 -2.73 19.47
N LYS D 61 21.62 -1.47 19.17
CA LYS D 61 20.61 -0.43 19.11
C LYS D 61 20.02 -0.25 17.72
N ARG D 62 20.03 -1.29 16.90
CA ARG D 62 19.71 -1.16 15.48
C ARG D 62 18.24 -0.90 15.21
N GLY D 63 17.37 -1.02 16.21
CA GLY D 63 15.96 -0.80 15.99
C GLY D 63 15.56 0.65 15.84
N ILE D 64 16.46 1.58 16.11
CA ILE D 64 16.14 3.00 15.98
C ILE D 64 17.16 3.70 15.10
N LEU D 65 17.91 2.94 14.33
CA LEU D 65 19.02 3.48 13.54
C LEU D 65 18.87 3.16 12.07
N THR D 66 19.61 3.90 11.26
CA THR D 66 19.80 3.65 9.83
C THR D 66 21.21 3.13 9.64
N LEU D 67 21.34 1.86 9.23
CA LEU D 67 22.64 1.23 9.13
C LEU D 67 23.21 1.40 7.73
N LYS D 68 24.47 1.81 7.66
CA LYS D 68 25.16 2.06 6.40
C LYS D 68 26.50 1.33 6.39
N TYR D 69 26.77 0.61 5.32
CA TYR D 69 28.09 0.05 5.11
C TYR D 69 28.94 1.03 4.30
N PRO D 70 30.11 1.45 4.78
CA PRO D 70 30.94 2.35 3.99
C PRO D 70 31.65 1.67 2.82
N ILE D 71 31.71 0.33 2.81
CA ILE D 71 32.39 -0.42 1.77
C ILE D 71 31.36 -1.29 1.08
N GLU D 72 31.26 -1.15 -0.24
CA GLU D 72 30.48 -2.11 -1.01
C GLU D 72 31.24 -2.59 -2.23
N HIC D 73 31.35 -3.90 -2.37
CA HIC D 73 32.07 -4.53 -3.50
C HIC D 73 33.57 -4.26 -3.38
O HIC D 73 34.24 -4.22 -4.42
CB HIC D 73 31.54 -4.02 -4.84
CG HIC D 73 30.11 -4.36 -5.09
ND1 HIC D 73 29.69 -5.66 -5.06
CD2 HIC D 73 29.06 -3.53 -5.37
CE1 HIC D 73 28.40 -5.63 -5.32
NE2 HIC D 73 27.95 -4.36 -5.50
CZ HIC D 73 26.60 -3.91 -5.81
N GLY D 74 34.08 -4.06 -2.17
CA GLY D 74 35.49 -3.80 -2.00
C GLY D 74 35.92 -2.34 -2.08
N ILE D 75 35.11 -1.52 -2.71
CA ILE D 75 35.42 -0.10 -2.87
C ILE D 75 34.83 0.67 -1.69
N ILE D 76 35.67 1.48 -1.04
CA ILE D 76 35.19 2.38 -0.01
C ILE D 76 34.43 3.52 -0.66
N THR D 77 33.16 3.70 -0.30
CA THR D 77 32.31 4.70 -0.90
C THR D 77 32.06 5.90 0.00
N ASN D 78 32.09 5.70 1.32
CA ASN D 78 31.90 6.77 2.29
C ASN D 78 33.20 6.92 3.05
N TRP D 79 33.94 7.99 2.77
CA TRP D 79 35.25 8.17 3.36
C TRP D 79 35.21 8.81 4.73
N ASP D 80 34.14 9.52 5.07
CA ASP D 80 33.99 10.04 6.42
C ASP D 80 33.53 8.96 7.38
N ASP D 81 32.70 8.03 6.92
CA ASP D 81 32.28 6.90 7.73
C ASP D 81 33.35 5.84 7.84
N MET D 82 34.28 5.77 6.88
CA MET D 82 35.37 4.81 6.99
C MET D 82 36.38 5.24 8.04
N GLU D 83 36.61 6.55 8.20
CA GLU D 83 37.49 7.04 9.25
C GLU D 83 36.89 6.83 10.63
N LYS D 84 35.55 6.83 10.74
CA LYS D 84 34.91 6.52 12.01
C LYS D 84 35.16 5.08 12.43
N ILE D 85 35.24 4.17 11.47
CA ILE D 85 35.49 2.77 11.78
C ILE D 85 36.95 2.54 12.09
N TRP D 86 37.84 3.23 11.38
CA TRP D 86 39.28 3.09 11.62
C TRP D 86 39.66 3.72 12.96
N HIS D 87 39.03 4.84 13.31
CA HIS D 87 39.26 5.43 14.63
C HIS D 87 38.68 4.55 15.74
N HIS D 88 37.62 3.80 15.44
CA HIS D 88 37.01 2.95 16.44
C HIS D 88 37.83 1.70 16.69
N THR D 89 38.45 1.14 15.66
CA THR D 89 39.20 -0.09 15.85
C THR D 89 40.58 0.16 16.44
N PHE D 90 41.08 1.38 16.40
CA PHE D 90 42.35 1.68 17.03
C PHE D 90 42.17 1.99 18.51
N TYR D 91 41.29 2.92 18.84
CA TYR D 91 41.17 3.43 20.19
C TYR D 91 40.20 2.64 21.05
N ASN D 92 39.04 2.26 20.50
CA ASN D 92 38.01 1.62 21.29
C ASN D 92 38.05 0.10 21.25
N GLU D 93 38.68 -0.49 20.24
CA GLU D 93 38.72 -1.94 20.10
C GLU D 93 40.08 -2.53 20.43
N LEU D 94 41.14 -2.05 19.80
CA LEU D 94 42.49 -2.52 20.10
C LEU D 94 43.12 -1.77 21.26
N ARG D 95 42.68 -0.53 21.51
CA ARG D 95 43.16 0.34 22.58
C ARG D 95 44.66 0.58 22.46
N VAL D 96 45.10 0.94 21.26
CA VAL D 96 46.50 1.23 20.98
C VAL D 96 46.58 2.62 20.35
N ALA D 97 47.77 3.19 20.41
CA ALA D 97 47.93 4.42 19.65
C ALA D 97 48.45 4.10 18.25
N PRO D 98 47.95 4.77 17.22
CA PRO D 98 48.39 4.45 15.86
C PRO D 98 49.78 4.95 15.54
N GLU D 99 50.33 5.89 16.31
CA GLU D 99 51.66 6.42 16.03
C GLU D 99 52.77 5.44 16.37
N GLU D 100 52.48 4.40 17.15
CA GLU D 100 53.51 3.51 17.65
C GLU D 100 53.46 2.12 17.00
N HIS D 101 52.76 1.99 15.87
CA HIS D 101 52.52 0.68 15.30
C HIS D 101 52.46 0.76 13.78
N PRO D 102 53.27 0.00 13.06
CA PRO D 102 53.04 -0.15 11.62
C PRO D 102 51.80 -0.99 11.36
N THR D 103 51.11 -0.68 10.27
CA THR D 103 49.79 -1.23 10.00
C THR D 103 49.77 -1.93 8.65
N LEU D 104 49.35 -3.20 8.65
CA LEU D 104 49.15 -3.95 7.41
C LEU D 104 47.67 -3.89 7.04
N LEU D 105 47.38 -3.31 5.89
CA LEU D 105 46.02 -3.26 5.36
C LEU D 105 45.90 -4.23 4.19
N THR D 106 44.68 -4.57 3.84
CA THR D 106 44.41 -5.49 2.74
C THR D 106 43.53 -4.83 1.69
N GLU D 107 43.46 -5.47 0.52
CA GLU D 107 42.62 -4.99 -0.57
C GLU D 107 42.38 -6.18 -1.49
N ALA D 108 41.34 -6.07 -2.33
CA ALA D 108 40.97 -7.02 -3.35
C ALA D 108 41.73 -6.75 -4.64
N PRO D 109 41.97 -7.75 -5.49
CA PRO D 109 42.60 -7.47 -6.78
C PRO D 109 41.61 -6.85 -7.75
N LEU D 110 42.18 -6.16 -8.75
CA LEU D 110 41.44 -5.43 -9.79
C LEU D 110 40.52 -4.37 -9.19
N ASN D 111 40.98 -3.70 -8.16
CA ASN D 111 40.26 -2.64 -7.50
C ASN D 111 40.66 -1.32 -8.14
N PRO D 112 39.93 -0.22 -7.92
CA PRO D 112 40.42 1.09 -8.40
C PRO D 112 41.70 1.51 -7.71
N LYS D 113 42.49 2.32 -8.41
CA LYS D 113 43.78 2.73 -7.89
C LYS D 113 43.68 3.92 -6.95
N ALA D 114 42.59 4.68 -7.01
CA ALA D 114 42.37 5.76 -6.05
C ALA D 114 41.84 5.25 -4.72
N ASN D 115 41.37 4.01 -4.68
CA ASN D 115 40.97 3.41 -3.41
C ASN D 115 42.16 3.09 -2.52
N ARG D 116 43.32 2.84 -3.13
CA ARG D 116 44.52 2.48 -2.41
C ARG D 116 45.39 3.68 -2.06
N GLU D 117 45.29 4.76 -2.84
CA GLU D 117 46.01 5.98 -2.50
C GLU D 117 45.33 6.76 -1.40
N LYS D 118 44.00 6.74 -1.35
CA LYS D 118 43.29 7.47 -0.32
C LYS D 118 43.37 6.78 1.03
N MET D 119 43.41 5.45 1.06
CA MET D 119 43.60 4.76 2.33
C MET D 119 45.06 4.81 2.78
N THR D 120 45.98 5.18 1.90
CA THR D 120 47.36 5.44 2.29
C THR D 120 47.50 6.84 2.84
N GLN D 121 46.79 7.80 2.26
CA GLN D 121 46.83 9.17 2.74
C GLN D 121 46.15 9.31 4.10
N ILE D 122 45.05 8.57 4.32
CA ILE D 122 44.34 8.63 5.59
C ILE D 122 45.19 8.05 6.71
N MET D 123 45.94 6.98 6.42
CA MET D 123 46.74 6.33 7.45
C MET D 123 47.95 7.18 7.84
N PHE D 124 48.46 7.99 6.92
CA PHE D 124 49.65 8.78 7.20
C PHE D 124 49.33 10.17 7.73
N GLU D 125 48.24 10.78 7.27
CA GLU D 125 47.97 12.18 7.58
C GLU D 125 46.85 12.39 8.57
N THR D 126 46.16 11.34 9.01
CA THR D 126 45.12 11.45 10.02
C THR D 126 45.45 10.63 11.26
N PHE D 127 45.92 9.40 11.09
CA PHE D 127 46.28 8.56 12.22
C PHE D 127 47.79 8.56 12.49
N ASN D 128 48.59 9.04 11.53
CA ASN D 128 50.03 9.28 11.68
C ASN D 128 50.80 8.00 12.05
N VAL D 129 50.59 6.95 11.26
CA VAL D 129 51.26 5.68 11.50
C VAL D 129 52.71 5.82 11.06
N PRO D 130 53.65 5.05 11.62
CA PRO D 130 55.04 5.16 11.18
C PRO D 130 55.30 4.52 9.83
N ALA D 131 54.61 3.41 9.55
CA ALA D 131 54.79 2.69 8.30
C ALA D 131 53.51 1.94 7.99
N MET D 132 53.34 1.57 6.73
CA MET D 132 52.15 0.85 6.30
C MET D 132 52.46 0.05 5.05
N TYR D 133 51.51 -0.81 4.68
CA TYR D 133 51.63 -1.69 3.52
C TYR D 133 50.24 -2.23 3.20
N VAL D 134 49.95 -2.35 1.91
CA VAL D 134 48.68 -2.90 1.44
C VAL D 134 48.95 -4.20 0.70
N ALA D 135 48.31 -5.28 1.14
CA ALA D 135 48.50 -6.60 0.57
C ALA D 135 47.24 -7.07 -0.12
N ILE D 136 47.39 -8.07 -0.99
CA ILE D 136 46.27 -8.66 -1.71
C ILE D 136 45.70 -9.79 -0.85
N GLN D 137 44.37 -9.81 -0.74
CA GLN D 137 43.68 -10.72 0.17
C GLN D 137 43.83 -12.19 -0.20
N ALA D 138 44.08 -12.51 -1.45
CA ALA D 138 44.21 -13.91 -1.84
C ALA D 138 45.63 -14.42 -1.74
N VAL D 139 46.62 -13.53 -1.71
CA VAL D 139 47.99 -13.96 -1.40
C VAL D 139 48.11 -14.34 0.06
N LEU D 140 47.40 -13.61 0.94
CA LEU D 140 47.45 -13.89 2.36
C LEU D 140 46.72 -15.18 2.71
N SER D 141 45.71 -15.56 1.93
CA SER D 141 45.01 -16.81 2.19
C SER D 141 45.85 -18.03 1.83
N LEU D 142 46.89 -17.84 1.02
CA LEU D 142 47.81 -18.92 0.71
C LEU D 142 48.90 -19.06 1.77
N TYR D 143 49.24 -17.95 2.43
CA TYR D 143 50.12 -18.02 3.61
C TYR D 143 49.48 -18.83 4.72
N ALA D 144 48.17 -18.69 4.90
CA ALA D 144 47.46 -19.28 6.02
C ALA D 144 47.03 -20.71 5.75
N SER D 145 47.61 -21.38 4.76
CA SER D 145 47.30 -22.76 4.47
C SER D 145 48.53 -23.65 4.44
N GLY D 146 49.73 -23.08 4.65
CA GLY D 146 50.93 -23.87 4.56
C GLY D 146 51.32 -24.24 3.15
N ARG D 147 51.02 -23.39 2.18
CA ARG D 147 51.29 -23.69 0.78
C ARG D 147 52.02 -22.51 0.14
N THR D 148 52.72 -22.82 -0.94
CA THR D 148 53.27 -21.81 -1.84
C THR D 148 52.70 -21.95 -3.24
N THR D 149 51.76 -22.87 -3.44
CA THR D 149 51.22 -23.18 -4.75
C THR D 149 49.76 -23.54 -4.61
N GLY D 150 48.91 -22.85 -5.36
CA GLY D 150 47.49 -23.15 -5.36
C GLY D 150 46.72 -22.00 -5.94
N ILE D 151 45.44 -22.24 -6.21
CA ILE D 151 44.52 -21.23 -6.69
C ILE D 151 43.48 -20.97 -5.60
N VAL D 152 43.36 -19.71 -5.20
CA VAL D 152 42.55 -19.32 -4.06
C VAL D 152 41.18 -18.86 -4.55
N LEU D 153 40.13 -19.27 -3.85
CA LEU D 153 38.78 -18.75 -4.07
C LEU D 153 38.36 -18.03 -2.80
N ASP D 154 38.46 -16.70 -2.82
CA ASP D 154 38.18 -15.87 -1.66
C ASP D 154 36.83 -15.18 -1.87
N SER D 155 35.84 -15.58 -1.08
CA SER D 155 34.48 -15.05 -1.20
C SER D 155 34.04 -14.52 0.14
N GLY D 156 33.82 -13.21 0.23
CA GLY D 156 33.44 -12.60 1.49
C GLY D 156 32.09 -11.95 1.49
N ASP D 157 32.06 -10.63 1.64
CA ASP D 157 30.81 -9.89 1.66
C ASP D 157 30.58 -9.06 0.42
N GLY D 158 31.62 -8.70 -0.33
CA GLY D 158 31.40 -7.96 -1.55
C GLY D 158 32.00 -8.50 -2.83
N VAL D 159 33.09 -9.26 -2.74
CA VAL D 159 33.90 -9.63 -3.90
C VAL D 159 34.23 -11.11 -3.80
N THR D 160 34.04 -11.84 -4.90
CA THR D 160 34.55 -13.19 -5.08
C THR D 160 35.65 -13.14 -6.13
N HIS D 161 36.86 -13.54 -5.77
CA HIS D 161 37.97 -13.46 -6.71
C HIS D 161 38.84 -14.72 -6.68
N ASN D 162 39.47 -14.99 -7.83
CA ASN D 162 40.36 -16.13 -8.04
C ASN D 162 41.75 -15.62 -8.35
N VAL D 163 42.76 -16.16 -7.69
CA VAL D 163 44.15 -15.82 -7.94
C VAL D 163 44.98 -17.10 -8.03
N PRO D 164 45.59 -17.41 -9.17
CA PRO D 164 46.50 -18.56 -9.24
C PRO D 164 47.93 -18.21 -8.88
N ILE D 165 48.54 -18.97 -7.97
CA ILE D 165 49.92 -18.75 -7.55
C ILE D 165 50.67 -20.07 -7.69
N TYR D 166 51.81 -20.04 -8.35
CA TYR D 166 52.67 -21.21 -8.51
C TYR D 166 54.06 -20.87 -8.00
N GLU D 167 54.45 -21.52 -6.90
CA GLU D 167 55.77 -21.41 -6.26
C GLU D 167 56.10 -19.97 -5.85
N GLY D 168 55.08 -19.19 -5.51
CA GLY D 168 55.27 -17.81 -5.13
C GLY D 168 55.12 -16.81 -6.23
N TYR D 169 54.84 -17.25 -7.45
CA TYR D 169 54.66 -16.38 -8.60
C TYR D 169 53.19 -16.32 -8.94
N ALA D 170 52.63 -15.12 -8.94
CA ALA D 170 51.25 -14.93 -9.35
C ALA D 170 51.19 -14.76 -10.86
N LEU D 171 50.08 -15.22 -11.44
CA LEU D 171 49.82 -15.09 -12.87
C LEU D 171 48.72 -14.07 -13.03
N PRO D 172 49.04 -12.79 -13.24
CA PRO D 172 48.03 -11.74 -13.13
C PRO D 172 47.04 -11.68 -14.27
N HIS D 173 47.32 -12.35 -15.39
CA HIS D 173 46.36 -12.39 -16.47
C HIS D 173 45.26 -13.39 -16.21
N ALA D 174 45.46 -14.31 -15.28
CA ALA D 174 44.48 -15.34 -14.96
C ALA D 174 43.68 -15.01 -13.71
N ILE D 175 43.86 -13.81 -13.16
CA ILE D 175 43.12 -13.38 -11.97
C ILE D 175 41.72 -12.99 -12.38
N MET D 176 40.73 -13.63 -11.76
CA MET D 176 39.33 -13.32 -11.98
C MET D 176 38.78 -12.50 -10.83
N ARG D 177 37.65 -11.85 -11.08
CA ARG D 177 36.95 -11.09 -10.05
C ARG D 177 35.47 -11.07 -10.40
N LEU D 178 34.64 -11.44 -9.44
CA LEU D 178 33.20 -11.52 -9.63
C LEU D 178 32.52 -10.82 -8.48
N ASP D 179 31.71 -9.81 -8.78
CA ASP D 179 31.06 -9.00 -7.75
C ASP D 179 29.74 -9.66 -7.33
N LEU D 180 29.89 -10.81 -6.68
CA LEU D 180 28.78 -11.59 -6.15
C LEU D 180 29.28 -12.29 -4.90
N ALA D 181 28.67 -11.99 -3.77
CA ALA D 181 29.17 -12.43 -2.48
C ALA D 181 28.01 -12.43 -1.50
N GLY D 182 28.33 -12.41 -0.20
CA GLY D 182 27.31 -12.60 0.81
C GLY D 182 26.28 -11.49 0.91
N ARG D 183 26.62 -10.28 0.48
CA ARG D 183 25.65 -9.20 0.55
C ARG D 183 24.59 -9.33 -0.54
N ASP D 184 24.93 -9.90 -1.68
CA ASP D 184 23.97 -10.15 -2.74
C ASP D 184 23.21 -11.45 -2.55
N LEU D 185 23.61 -12.27 -1.60
CA LEU D 185 22.82 -13.44 -1.23
C LEU D 185 21.80 -13.12 -0.16
N THR D 186 22.08 -12.13 0.68
CA THR D 186 21.08 -11.64 1.63
C THR D 186 19.94 -10.94 0.90
N ASP D 187 20.26 -10.17 -0.15
CA ASP D 187 19.22 -9.48 -0.89
C ASP D 187 18.39 -10.44 -1.73
N TYR D 188 18.97 -11.54 -2.16
CA TYR D 188 18.19 -12.53 -2.90
C TYR D 188 17.27 -13.30 -1.97
N LEU D 189 17.74 -13.62 -0.77
CA LEU D 189 16.91 -14.35 0.19
C LEU D 189 15.78 -13.47 0.72
N MET D 190 16.02 -12.16 0.85
CA MET D 190 14.94 -11.23 1.17
C MET D 190 13.88 -11.18 0.08
N LYS D 191 14.28 -11.40 -1.17
CA LYS D 191 13.34 -11.34 -2.27
C LYS D 191 12.50 -12.62 -2.35
N ILE D 192 13.09 -13.78 -2.11
CA ILE D 192 12.35 -15.03 -2.20
C ILE D 192 11.73 -15.43 -0.88
N LEU D 193 11.88 -14.61 0.17
CA LEU D 193 11.12 -14.82 1.40
C LEU D 193 9.73 -14.24 1.32
N THR D 194 9.47 -13.36 0.35
CA THR D 194 8.13 -12.82 0.15
C THR D 194 7.17 -13.82 -0.46
N GLU D 195 7.67 -14.95 -0.97
CA GLU D 195 6.81 -16.01 -1.47
C GLU D 195 6.08 -16.76 -0.37
N ARG D 196 6.46 -16.57 0.89
CA ARG D 196 5.76 -17.15 2.02
C ARG D 196 5.03 -16.12 2.86
N GLY D 197 5.18 -14.83 2.55
CA GLY D 197 4.49 -13.79 3.26
C GLY D 197 5.29 -13.05 4.29
N TYR D 198 6.61 -13.23 4.33
CA TYR D 198 7.46 -12.51 5.26
C TYR D 198 8.08 -11.32 4.54
N SER D 199 7.97 -10.14 5.14
CA SER D 199 8.42 -8.90 4.51
C SER D 199 9.47 -8.25 5.41
N PHE D 200 10.72 -8.32 4.99
CA PHE D 200 11.83 -7.63 5.64
C PHE D 200 12.28 -6.54 4.71
N VAL D 201 12.06 -5.28 5.08
CA VAL D 201 12.40 -4.15 4.23
C VAL D 201 13.33 -3.16 4.89
N THR D 202 13.38 -3.11 6.22
CA THR D 202 14.23 -2.19 6.97
C THR D 202 15.69 -2.64 6.84
N THR D 203 16.62 -1.69 6.96
CA THR D 203 18.04 -2.05 7.04
C THR D 203 18.35 -2.83 8.30
N ALA D 204 17.57 -2.62 9.37
CA ALA D 204 17.71 -3.45 10.56
C ALA D 204 17.09 -4.81 10.36
N GLU D 205 16.12 -4.93 9.45
CA GLU D 205 15.61 -6.25 9.07
C GLU D 205 16.50 -6.94 8.05
N ARG D 206 17.47 -6.24 7.46
CA ARG D 206 18.47 -6.90 6.65
C ARG D 206 19.45 -7.68 7.51
N GLU D 207 19.65 -7.25 8.75
CA GLU D 207 20.53 -7.95 9.68
C GLU D 207 19.88 -9.17 10.30
N ILE D 208 18.56 -9.32 10.17
CA ILE D 208 17.89 -10.52 10.63
C ILE D 208 17.96 -11.61 9.57
N VAL D 209 17.76 -11.24 8.30
CA VAL D 209 17.83 -12.18 7.19
C VAL D 209 19.24 -12.70 7.01
N ARG D 210 20.25 -11.88 7.32
CA ARG D 210 21.62 -12.36 7.34
C ARG D 210 21.83 -13.42 8.42
N ASP D 211 21.14 -13.29 9.56
CA ASP D 211 21.24 -14.31 10.59
C ASP D 211 20.49 -15.58 10.22
N ILE D 212 19.46 -15.48 9.37
CA ILE D 212 18.80 -16.68 8.87
C ILE D 212 19.68 -17.36 7.83
N LYS D 213 20.36 -16.56 7.00
CA LYS D 213 21.23 -17.08 5.95
C LYS D 213 22.41 -17.85 6.54
N GLU D 214 22.92 -17.41 7.68
CA GLU D 214 24.08 -18.03 8.30
C GLU D 214 23.75 -19.25 9.13
N LYS D 215 22.47 -19.53 9.38
CA LYS D 215 22.09 -20.62 10.25
C LYS D 215 21.31 -21.73 9.57
N LEU D 216 20.49 -21.41 8.57
CA LEU D 216 19.61 -22.40 7.97
C LEU D 216 19.91 -22.71 6.51
N CYS D 217 20.83 -21.99 5.88
CA CYS D 217 21.10 -22.18 4.46
C CYS D 217 22.29 -23.11 4.24
N TYR D 218 22.19 -23.92 3.17
CA TYR D 218 23.24 -24.87 2.80
C TYR D 218 23.28 -24.97 1.28
N VAL D 219 24.28 -25.68 0.78
CA VAL D 219 24.49 -25.85 -0.65
C VAL D 219 24.10 -27.27 -1.05
N ALA D 220 23.16 -27.38 -1.98
CA ALA D 220 22.70 -28.68 -2.44
C ALA D 220 23.70 -29.31 -3.39
N LEU D 221 23.91 -30.62 -3.25
CA LEU D 221 24.84 -31.32 -4.13
C LEU D 221 24.27 -31.48 -5.52
N ASP D 222 23.03 -31.95 -5.62
CA ASP D 222 22.28 -31.96 -6.87
C ASP D 222 21.08 -31.05 -6.67
N PHE D 223 21.01 -29.98 -7.46
CA PHE D 223 20.01 -28.94 -7.21
C PHE D 223 18.62 -29.38 -7.63
N GLU D 224 18.51 -30.14 -8.72
CA GLU D 224 17.19 -30.49 -9.22
C GLU D 224 16.56 -31.65 -8.48
N ASN D 225 17.34 -32.46 -7.77
CA ASN D 225 16.76 -33.48 -6.91
C ASN D 225 16.32 -32.90 -5.57
N GLU D 226 16.99 -31.87 -5.08
CA GLU D 226 16.55 -31.22 -3.86
C GLU D 226 15.31 -30.37 -4.11
N MET D 227 15.15 -29.85 -5.32
CA MET D 227 13.92 -29.15 -5.66
C MET D 227 12.75 -30.10 -5.79
N ALA D 228 13.02 -31.36 -6.18
CA ALA D 228 11.97 -32.37 -6.24
C ALA D 228 11.72 -33.02 -4.90
N THR D 229 12.71 -33.00 -4.00
CA THR D 229 12.51 -33.52 -2.65
C THR D 229 11.62 -32.59 -1.84
N ALA D 230 11.87 -31.28 -1.92
CA ALA D 230 11.08 -30.33 -1.14
C ALA D 230 9.67 -30.18 -1.67
N ALA D 231 9.44 -30.48 -2.94
CA ALA D 231 8.10 -30.41 -3.50
C ALA D 231 7.24 -31.61 -3.10
N SER D 232 7.85 -32.71 -2.66
CA SER D 232 7.11 -33.90 -2.29
C SER D 232 7.07 -34.14 -0.79
N SER D 233 8.22 -34.04 -0.11
CA SER D 233 8.32 -34.26 1.32
C SER D 233 8.18 -32.95 2.07
N SER D 234 8.34 -33.02 3.38
CA SER D 234 8.38 -31.83 4.22
C SER D 234 9.48 -31.94 5.27
N SER D 235 10.53 -32.71 4.97
CA SER D 235 11.65 -32.90 5.88
C SER D 235 12.73 -31.85 5.73
N LEU D 236 12.63 -31.00 4.72
CA LEU D 236 13.60 -29.94 4.50
C LEU D 236 13.21 -28.64 5.20
N GLU D 237 12.04 -28.60 5.83
CA GLU D 237 11.57 -27.41 6.52
C GLU D 237 12.32 -27.20 7.82
N LYS D 238 12.58 -25.95 8.14
CA LYS D 238 13.16 -25.59 9.42
C LYS D 238 12.50 -24.31 9.91
N SER D 239 12.68 -24.03 11.20
CA SER D 239 12.03 -22.90 11.83
C SER D 239 13.05 -21.96 12.44
N TYR D 240 12.76 -20.67 12.35
CA TYR D 240 13.58 -19.62 12.93
C TYR D 240 12.65 -18.70 13.70
N GLU D 241 13.16 -18.14 14.79
CA GLU D 241 12.37 -17.28 15.67
C GLU D 241 12.86 -15.84 15.56
N LEU D 242 11.95 -14.95 15.22
CA LEU D 242 12.25 -13.54 15.04
C LEU D 242 12.46 -12.87 16.41
N PRO D 243 13.04 -11.66 16.44
CA PRO D 243 13.25 -11.00 17.75
C PRO D 243 11.99 -10.63 18.51
N ASP D 244 10.83 -10.57 17.86
CA ASP D 244 9.61 -10.27 18.59
C ASP D 244 8.84 -11.51 19.00
N GLY D 245 9.33 -12.71 18.66
CA GLY D 245 8.70 -13.93 19.07
C GLY D 245 7.93 -14.66 17.99
N GLN D 246 7.89 -14.13 16.77
CA GLN D 246 7.23 -14.83 15.69
C GLN D 246 8.12 -15.96 15.17
N VAL D 247 7.49 -16.97 14.58
CA VAL D 247 8.20 -18.14 14.08
C VAL D 247 7.92 -18.25 12.59
N ILE D 248 8.97 -18.25 11.78
CA ILE D 248 8.88 -18.41 10.35
C ILE D 248 9.38 -19.80 9.96
N THR D 249 9.03 -20.22 8.76
CA THR D 249 9.33 -21.57 8.29
C THR D 249 9.82 -21.49 6.85
N ILE D 250 11.03 -21.98 6.60
CA ILE D 250 11.57 -22.05 5.25
C ILE D 250 11.99 -23.48 4.96
N GLY D 251 11.62 -23.98 3.79
CA GLY D 251 12.07 -25.30 3.40
C GLY D 251 12.75 -25.35 2.05
N ASN D 252 12.40 -24.44 1.17
CA ASN D 252 12.87 -24.44 -0.20
C ASN D 252 13.98 -23.44 -0.45
N GLU D 253 14.00 -22.35 0.30
CA GLU D 253 14.92 -21.25 0.11
C GLU D 253 16.20 -21.43 0.91
N ARG D 254 16.37 -22.58 1.55
CA ARG D 254 17.60 -22.86 2.27
C ARG D 254 18.71 -23.24 1.30
N PHE D 255 18.39 -23.96 0.24
CA PHE D 255 19.37 -24.31 -0.77
C PHE D 255 19.24 -23.47 -2.04
N ARG D 256 18.14 -22.74 -2.20
CA ARG D 256 18.00 -21.86 -3.35
C ARG D 256 18.75 -20.55 -3.18
N CYS D 257 19.07 -20.17 -1.94
CA CYS D 257 19.85 -18.96 -1.74
C CYS D 257 21.32 -19.12 -2.13
N PRO D 258 22.08 -20.14 -1.70
CA PRO D 258 23.46 -20.24 -2.16
C PRO D 258 23.65 -20.92 -3.51
N GLU D 259 22.57 -21.24 -4.23
CA GLU D 259 22.70 -21.69 -5.61
C GLU D 259 23.00 -20.53 -6.55
N THR D 260 22.82 -19.29 -6.08
CA THR D 260 23.16 -18.12 -6.87
C THR D 260 24.66 -18.01 -7.10
N LEU D 261 25.46 -18.59 -6.21
CA LEU D 261 26.90 -18.68 -6.44
C LEU D 261 27.22 -19.57 -7.62
N PHE D 262 26.41 -20.60 -7.85
CA PHE D 262 26.64 -21.54 -8.94
C PHE D 262 25.78 -21.25 -10.16
N GLN D 263 24.70 -20.49 -10.00
CA GLN D 263 23.89 -19.99 -11.11
C GLN D 263 23.61 -18.52 -10.85
N PRO D 264 24.46 -17.61 -11.34
CA PRO D 264 24.21 -16.17 -11.14
C PRO D 264 23.10 -15.61 -12.01
N SER D 265 22.45 -16.43 -12.83
CA SER D 265 21.24 -16.07 -13.53
C SER D 265 20.08 -15.78 -12.59
N PHE D 266 20.15 -16.28 -11.35
CA PHE D 266 19.06 -16.13 -10.39
C PHE D 266 18.88 -14.69 -9.93
N ILE D 267 19.91 -13.86 -10.04
CA ILE D 267 19.79 -12.44 -9.74
C ILE D 267 20.02 -11.58 -10.96
N GLY D 268 19.93 -12.17 -12.16
CA GLY D 268 20.01 -11.41 -13.38
C GLY D 268 21.41 -11.05 -13.83
N MET D 269 22.40 -11.84 -13.47
CA MET D 269 23.77 -11.61 -13.90
C MET D 269 24.17 -12.62 -14.97
N GLU D 270 24.97 -12.16 -15.92
CA GLU D 270 25.38 -13.00 -17.04
C GLU D 270 26.65 -13.80 -16.73
N SER D 271 27.20 -13.65 -15.54
CA SER D 271 28.48 -14.24 -15.21
C SER D 271 28.36 -15.76 -15.05
N ALA D 272 29.50 -16.43 -15.05
CA ALA D 272 29.56 -17.85 -14.79
C ALA D 272 29.65 -18.10 -13.30
N GLY D 273 29.35 -19.34 -12.90
CA GLY D 273 29.41 -19.70 -11.51
C GLY D 273 30.83 -19.76 -10.99
N ILE D 274 30.95 -19.97 -9.68
CA ILE D 274 32.27 -20.01 -9.07
C ILE D 274 33.00 -21.30 -9.39
N HIS D 275 32.30 -22.31 -9.88
CA HIS D 275 32.96 -23.53 -10.34
C HIS D 275 33.52 -23.37 -11.74
N GLU D 276 32.95 -22.48 -12.54
CA GLU D 276 33.42 -22.22 -13.89
C GLU D 276 34.42 -21.08 -13.94
N THR D 277 34.30 -20.12 -13.02
CA THR D 277 35.29 -19.07 -12.90
C THR D 277 36.62 -19.64 -12.42
N THR D 278 36.57 -20.64 -11.53
CA THR D 278 37.78 -21.31 -11.07
C THR D 278 38.42 -22.12 -12.19
N TYR D 279 37.61 -22.82 -12.98
CA TYR D 279 38.14 -23.63 -14.07
C TYR D 279 38.71 -22.76 -15.19
N ASN D 280 38.08 -21.62 -15.46
CA ASN D 280 38.58 -20.73 -16.51
C ASN D 280 39.88 -20.05 -16.10
N SER D 281 40.11 -19.89 -14.81
CA SER D 281 41.33 -19.28 -14.34
C SER D 281 42.49 -20.27 -14.36
N ILE D 282 42.19 -21.56 -14.26
CA ILE D 282 43.22 -22.59 -14.37
C ILE D 282 43.65 -22.76 -15.81
N MET D 283 42.70 -22.73 -16.74
CA MET D 283 43.00 -22.93 -18.15
C MET D 283 43.62 -21.71 -18.81
N LYS D 284 43.70 -20.58 -18.13
CA LYS D 284 44.48 -19.45 -18.62
C LYS D 284 45.95 -19.56 -18.23
N CYS D 285 46.29 -20.50 -17.35
CA CYS D 285 47.66 -20.68 -16.87
C CYS D 285 48.40 -21.61 -17.82
N ASP D 286 49.70 -21.81 -17.53
CA ASP D 286 50.53 -22.66 -18.36
C ASP D 286 50.15 -24.12 -18.17
N ILE D 287 50.37 -24.92 -19.22
CA ILE D 287 49.92 -26.31 -19.22
C ILE D 287 50.71 -27.17 -18.26
N ASP D 288 51.90 -26.74 -17.84
CA ASP D 288 52.73 -27.54 -16.97
C ASP D 288 52.40 -27.34 -15.50
N ILE D 289 51.76 -26.23 -15.14
CA ILE D 289 51.43 -25.95 -13.76
C ILE D 289 49.99 -26.25 -13.43
N ARG D 290 49.20 -26.73 -14.41
CA ARG D 290 47.77 -26.95 -14.18
C ARG D 290 47.51 -28.15 -13.28
N LYS D 291 48.39 -29.15 -13.30
CA LYS D 291 48.22 -30.32 -12.44
C LYS D 291 48.36 -29.95 -10.97
N ASP D 292 49.26 -29.03 -10.65
CA ASP D 292 49.43 -28.59 -9.27
C ASP D 292 48.34 -27.63 -8.83
N LEU D 293 47.60 -27.03 -9.74
CA LEU D 293 46.50 -26.15 -9.38
C LEU D 293 45.21 -26.93 -9.13
N TYR D 294 44.98 -28.02 -9.85
CA TYR D 294 43.81 -28.85 -9.61
C TYR D 294 43.86 -29.51 -8.23
N ALA D 295 45.05 -29.84 -7.76
CA ALA D 295 45.21 -30.52 -6.48
C ALA D 295 45.33 -29.56 -5.31
N ASN D 296 45.25 -28.25 -5.56
CA ASN D 296 45.32 -27.24 -4.49
C ASN D 296 44.28 -26.17 -4.79
N ASN D 297 43.07 -26.37 -4.29
CA ASN D 297 41.97 -25.43 -4.46
C ASN D 297 41.63 -24.86 -3.09
N VAL D 298 42.30 -23.77 -2.72
CA VAL D 298 42.10 -23.18 -1.40
C VAL D 298 40.85 -22.32 -1.39
N MET D 299 39.88 -22.70 -0.57
CA MET D 299 38.69 -21.88 -0.35
C MET D 299 38.88 -21.01 0.88
N SER D 300 38.47 -19.76 0.78
CA SER D 300 38.68 -18.81 1.86
C SER D 300 37.51 -17.83 1.90
N GLY D 301 37.28 -17.25 3.07
CA GLY D 301 36.26 -16.25 3.24
C GLY D 301 35.03 -16.79 3.93
N GLY D 302 34.11 -15.87 4.23
CA GLY D 302 32.92 -16.24 4.97
C GLY D 302 31.83 -16.86 4.13
N THR D 303 31.76 -16.51 2.85
CA THR D 303 30.73 -17.05 1.97
C THR D 303 31.06 -18.49 1.55
N THR D 304 32.28 -18.94 1.79
CA THR D 304 32.64 -20.34 1.60
C THR D 304 32.34 -21.21 2.80
N MET D 305 31.44 -20.78 3.70
CA MET D 305 31.19 -21.50 4.94
C MET D 305 29.82 -22.18 4.96
N TYR D 306 29.22 -22.37 3.80
CA TYR D 306 27.97 -23.11 3.76
C TYR D 306 28.23 -24.60 3.93
N PRO D 307 27.27 -25.33 4.49
CA PRO D 307 27.37 -26.80 4.48
C PRO D 307 27.20 -27.35 3.08
N GLY D 308 28.22 -28.03 2.58
CA GLY D 308 28.18 -28.63 1.27
C GLY D 308 28.78 -27.82 0.16
N ILE D 309 29.48 -26.73 0.47
CA ILE D 309 30.09 -25.90 -0.56
C ILE D 309 31.31 -26.58 -1.16
N ALA D 310 32.01 -27.41 -0.38
CA ALA D 310 33.22 -28.04 -0.84
C ALA D 310 32.98 -29.38 -1.53
N ASP D 311 31.88 -30.05 -1.22
CA ASP D 311 31.51 -31.25 -1.96
C ASP D 311 30.81 -30.92 -3.26
N ARG D 312 30.25 -29.72 -3.38
CA ARG D 312 29.68 -29.26 -4.65
C ARG D 312 30.76 -28.67 -5.54
N MET D 313 31.76 -28.00 -4.96
CA MET D 313 32.86 -27.46 -5.75
C MET D 313 33.73 -28.57 -6.31
N GLN D 314 33.88 -29.67 -5.58
CA GLN D 314 34.64 -30.81 -6.10
C GLN D 314 33.86 -31.56 -7.16
N LYS D 315 32.54 -31.63 -7.03
CA LYS D 315 31.72 -32.36 -7.98
C LYS D 315 31.67 -31.65 -9.33
N GLU D 316 31.71 -30.32 -9.33
CA GLU D 316 31.54 -29.55 -10.55
C GLU D 316 32.84 -29.30 -11.29
N ILE D 317 33.97 -29.18 -10.57
CA ILE D 317 35.25 -29.01 -11.25
C ILE D 317 35.70 -30.33 -11.86
N THR D 318 35.35 -31.45 -11.23
CA THR D 318 35.66 -32.78 -11.78
C THR D 318 34.95 -33.02 -13.11
N ALA D 319 33.74 -32.48 -13.26
CA ALA D 319 33.01 -32.61 -14.51
C ALA D 319 33.58 -31.75 -15.63
N LEU D 320 34.43 -30.77 -15.32
CA LEU D 320 35.09 -29.96 -16.33
C LEU D 320 36.55 -30.32 -16.55
N ALA D 321 37.22 -30.84 -15.53
CA ALA D 321 38.61 -31.24 -15.61
C ALA D 321 38.76 -32.49 -16.49
N PRO D 322 39.99 -32.78 -17.01
CA PRO D 322 40.11 -33.87 -18.00
C PRO D 322 40.12 -35.29 -17.47
N SER D 323 39.63 -35.53 -16.25
CA SER D 323 39.27 -36.82 -15.65
C SER D 323 40.47 -37.69 -15.27
N THR D 324 41.69 -37.29 -15.59
CA THR D 324 42.87 -37.95 -15.05
C THR D 324 43.51 -37.14 -13.95
N MET D 325 43.40 -35.81 -14.03
CA MET D 325 43.79 -34.94 -12.93
C MET D 325 42.85 -35.15 -11.75
N LYS D 326 43.42 -35.18 -10.55
CA LYS D 326 42.63 -35.35 -9.34
C LYS D 326 42.41 -34.00 -8.69
N ILE D 327 41.19 -33.75 -8.25
CA ILE D 327 40.78 -32.46 -7.70
C ILE D 327 40.77 -32.56 -6.19
N LYS D 328 41.30 -31.53 -5.52
CA LYS D 328 41.39 -31.50 -4.08
C LYS D 328 41.05 -30.10 -3.61
N ILE D 329 39.93 -29.97 -2.89
CA ILE D 329 39.48 -28.70 -2.36
C ILE D 329 39.94 -28.59 -0.92
N ILE D 330 40.80 -27.62 -0.64
CA ILE D 330 41.30 -27.37 0.71
C ILE D 330 40.39 -26.32 1.34
N ALA D 331 39.73 -26.69 2.44
CA ALA D 331 38.80 -25.82 3.13
C ALA D 331 38.96 -26.01 4.63
N PRO D 332 39.86 -25.25 5.26
CA PRO D 332 40.07 -25.37 6.71
C PRO D 332 38.89 -24.82 7.48
N PRO D 333 38.73 -25.20 8.76
CA PRO D 333 37.64 -24.65 9.56
C PRO D 333 37.84 -23.18 9.94
N GLU D 334 39.05 -22.65 9.82
CA GLU D 334 39.35 -21.25 10.10
C GLU D 334 39.26 -20.38 8.84
N ARG D 335 38.39 -20.74 7.90
CA ARG D 335 38.27 -20.08 6.60
C ARG D 335 37.91 -18.61 6.71
N LYS D 336 37.15 -18.23 7.74
CA LYS D 336 36.72 -16.85 7.87
C LYS D 336 37.86 -15.91 8.24
N TYR D 337 38.98 -16.43 8.72
CA TYR D 337 40.09 -15.60 9.18
C TYR D 337 41.38 -15.88 8.43
N SER D 338 41.31 -16.52 7.27
CA SER D 338 42.52 -16.87 6.53
C SER D 338 43.25 -15.65 6.00
N VAL D 339 42.52 -14.59 5.63
CA VAL D 339 43.17 -13.36 5.20
C VAL D 339 43.84 -12.68 6.38
N TRP D 340 43.28 -12.82 7.58
CA TRP D 340 43.94 -12.24 8.75
C TRP D 340 45.11 -13.09 9.19
N ILE D 341 44.94 -14.41 9.26
CA ILE D 341 45.97 -15.31 9.78
C ILE D 341 47.21 -15.29 8.89
N GLY D 342 47.01 -15.31 7.57
CA GLY D 342 48.12 -15.13 6.65
C GLY D 342 48.65 -13.73 6.59
N GLY D 343 47.88 -12.75 7.05
CA GLY D 343 48.39 -11.40 7.16
C GLY D 343 49.29 -11.21 8.36
N SER D 344 49.04 -11.94 9.44
CA SER D 344 49.93 -11.93 10.59
C SER D 344 51.19 -12.76 10.37
N ILE D 345 51.16 -13.71 9.43
CA ILE D 345 52.38 -14.41 9.06
C ILE D 345 53.29 -13.49 8.26
N LEU D 346 52.73 -12.74 7.31
CA LEU D 346 53.52 -11.87 6.46
C LEU D 346 54.10 -10.69 7.24
N ALA D 347 53.33 -10.13 8.17
CA ALA D 347 53.82 -9.00 8.94
C ALA D 347 54.84 -9.40 9.99
N SER D 348 54.93 -10.69 10.33
CA SER D 348 55.88 -11.16 11.33
C SER D 348 57.08 -11.86 10.71
N LEU D 349 57.22 -11.83 9.39
CA LEU D 349 58.44 -12.32 8.77
C LEU D 349 59.57 -11.33 9.01
N SER D 350 60.80 -11.84 9.02
CA SER D 350 61.96 -10.98 9.14
C SER D 350 62.36 -10.38 7.80
N THR D 351 61.99 -11.03 6.69
CA THR D 351 62.26 -10.51 5.36
C THR D 351 61.40 -9.30 5.03
N PHE D 352 60.27 -9.13 5.73
CA PHE D 352 59.29 -8.12 5.37
C PHE D 352 59.69 -6.70 5.76
N GLN D 353 60.57 -6.52 6.75
CA GLN D 353 60.73 -5.19 7.35
C GLN D 353 61.50 -4.20 6.49
N GLN D 354 61.95 -4.56 5.29
CA GLN D 354 62.38 -3.55 4.34
C GLN D 354 61.33 -3.27 3.29
N MET D 355 60.14 -3.85 3.42
CA MET D 355 59.06 -3.66 2.47
C MET D 355 57.94 -2.78 3.00
N TRP D 356 58.04 -2.30 4.23
CA TRP D 356 57.10 -1.29 4.71
C TRP D 356 57.31 0.01 3.94
N ILE D 357 56.23 0.78 3.81
CA ILE D 357 56.29 2.12 3.25
C ILE D 357 56.35 3.07 4.43
N THR D 358 57.53 3.60 4.73
CA THR D 358 57.68 4.50 5.86
C THR D 358 57.15 5.88 5.52
N LYS D 359 57.01 6.72 6.54
CA LYS D 359 56.46 8.05 6.35
C LYS D 359 57.43 8.99 5.64
N GLN D 360 58.72 8.79 5.82
CA GLN D 360 59.68 9.61 5.10
C GLN D 360 59.80 9.22 3.63
N GLU D 361 59.45 7.99 3.26
CA GLU D 361 59.34 7.64 1.85
C GLU D 361 58.10 8.24 1.23
N TYR D 362 57.07 8.47 2.04
CA TYR D 362 55.82 9.03 1.56
C TYR D 362 55.97 10.52 1.23
N ASP D 363 56.93 11.19 1.87
CA ASP D 363 57.02 12.65 1.74
C ASP D 363 57.64 13.10 0.42
N GLU D 364 58.41 12.28 -0.26
CA GLU D 364 58.95 12.70 -1.55
C GLU D 364 58.12 12.21 -2.73
N ALA D 365 57.28 11.20 -2.53
CA ALA D 365 56.53 10.60 -3.62
C ALA D 365 55.03 10.77 -3.50
N GLY D 366 54.49 11.11 -2.33
CA GLY D 366 53.08 11.26 -2.17
C GLY D 366 52.40 9.90 -2.14
N PRO D 367 51.09 9.87 -2.40
CA PRO D 367 50.36 8.59 -2.39
C PRO D 367 50.62 7.70 -3.60
N SER D 368 51.48 8.11 -4.53
CA SER D 368 51.83 7.26 -5.67
C SER D 368 52.86 6.20 -5.34
N ILE D 369 53.42 6.24 -4.13
CA ILE D 369 54.44 5.27 -3.73
C ILE D 369 53.83 3.89 -3.47
N VAL D 370 52.51 3.83 -3.25
CA VAL D 370 51.88 2.56 -2.92
C VAL D 370 51.71 1.67 -4.15
N HIS D 371 51.76 2.25 -5.35
CA HIS D 371 51.66 1.43 -6.55
C HIS D 371 53.00 0.83 -6.95
N ARG D 372 54.10 1.51 -6.62
CA ARG D 372 55.43 1.06 -7.00
C ARG D 372 56.09 0.21 -5.93
N LYS D 373 55.52 0.14 -4.73
CA LYS D 373 56.09 -0.64 -3.65
C LYS D 373 55.25 -1.82 -3.22
N CYS D 374 53.99 -1.89 -3.63
CA CYS D 374 53.14 -3.01 -3.27
C CYS D 374 52.80 -3.85 -4.50
N THR E 5 26.31 -15.37 -64.52
CA THR E 5 26.19 -15.07 -63.10
C THR E 5 27.45 -14.39 -62.58
N THR E 6 27.43 -14.02 -61.30
CA THR E 6 28.54 -13.32 -60.67
C THR E 6 29.01 -14.13 -59.48
N ALA E 7 30.32 -14.25 -59.32
CA ALA E 7 30.89 -14.99 -58.20
C ALA E 7 30.76 -14.19 -56.92
N LEU E 8 30.65 -14.90 -55.80
CA LEU E 8 30.49 -14.30 -54.49
C LEU E 8 31.81 -14.33 -53.74
N VAL E 9 32.14 -13.21 -53.10
CA VAL E 9 33.35 -13.08 -52.29
C VAL E 9 32.90 -12.84 -50.86
N CYS E 10 32.88 -13.90 -50.06
CA CYS E 10 32.52 -13.81 -48.65
C CYS E 10 33.78 -13.96 -47.81
N ASP E 11 34.21 -12.88 -47.18
CA ASP E 11 35.34 -12.88 -46.27
C ASP E 11 34.79 -12.77 -44.86
N ASN E 12 34.67 -13.92 -44.21
CA ASN E 12 34.14 -14.00 -42.85
C ASN E 12 35.31 -14.08 -41.88
N GLY E 13 35.54 -13.00 -41.15
CA GLY E 13 36.56 -12.96 -40.14
C GLY E 13 36.01 -13.34 -38.78
N SER E 14 36.85 -13.15 -37.77
CA SER E 14 36.43 -13.44 -36.40
C SER E 14 35.42 -12.42 -35.91
N GLY E 15 35.51 -11.18 -36.38
CA GLY E 15 34.67 -10.12 -35.88
C GLY E 15 33.60 -9.62 -36.83
N LEU E 16 33.90 -9.54 -38.12
CA LEU E 16 32.99 -8.96 -39.10
C LEU E 16 32.87 -9.86 -40.32
N VAL E 17 31.69 -9.87 -40.91
CA VAL E 17 31.45 -10.58 -42.16
C VAL E 17 31.43 -9.55 -43.30
N LYS E 18 32.38 -9.66 -44.20
CA LYS E 18 32.47 -8.79 -45.38
C LYS E 18 32.08 -9.64 -46.58
N ALA E 19 30.93 -9.35 -47.17
CA ALA E 19 30.44 -10.12 -48.30
C ALA E 19 30.06 -9.19 -49.44
N GLY E 20 30.03 -9.75 -50.65
CA GLY E 20 29.67 -8.96 -51.81
C GLY E 20 29.85 -9.77 -53.08
N PHE E 21 29.88 -9.08 -54.20
CA PHE E 21 30.01 -9.69 -55.52
C PHE E 21 31.39 -9.41 -56.10
N ALA E 22 31.84 -10.32 -56.96
CA ALA E 22 33.16 -10.20 -57.55
C ALA E 22 33.18 -9.12 -58.62
N GLY E 23 34.20 -8.27 -58.56
CA GLY E 23 34.35 -7.18 -59.50
C GLY E 23 34.14 -5.81 -58.90
N ASP E 24 33.45 -5.71 -57.77
CA ASP E 24 33.18 -4.43 -57.16
C ASP E 24 34.39 -3.94 -56.37
N ASP E 25 34.29 -2.71 -55.87
CA ASP E 25 35.37 -2.09 -55.12
C ASP E 25 35.10 -2.03 -53.63
N ALA E 26 33.95 -2.52 -53.17
CA ALA E 26 33.60 -2.47 -51.76
C ALA E 26 32.61 -3.59 -51.48
N PRO E 27 32.65 -4.19 -50.29
CA PRO E 27 31.66 -5.22 -49.96
C PRO E 27 30.28 -4.59 -49.74
N ARG E 28 29.26 -5.34 -50.14
CA ARG E 28 27.90 -4.82 -50.02
C ARG E 28 27.39 -4.92 -48.60
N ALA E 29 27.75 -5.98 -47.88
CA ALA E 29 27.23 -6.26 -46.55
C ALA E 29 28.39 -6.40 -45.57
N VAL E 30 28.48 -5.48 -44.61
CA VAL E 30 29.45 -5.54 -43.53
C VAL E 30 28.65 -5.48 -42.23
N PHE E 31 28.60 -6.59 -41.50
CA PHE E 31 27.81 -6.69 -40.28
C PHE E 31 28.59 -7.52 -39.27
N PRO E 32 28.33 -7.34 -37.98
CA PRO E 32 29.03 -8.14 -36.97
C PRO E 32 28.70 -9.62 -37.03
N SER E 33 29.70 -10.43 -36.72
CA SER E 33 29.59 -11.88 -36.80
C SER E 33 29.21 -12.47 -35.46
N ILE E 34 28.06 -12.04 -34.94
CA ILE E 34 27.59 -12.46 -33.63
C ILE E 34 26.25 -13.18 -33.79
N VAL E 35 25.83 -13.86 -32.74
CA VAL E 35 24.50 -14.45 -32.62
C VAL E 35 24.02 -14.16 -31.20
N GLY E 36 22.90 -13.48 -31.07
CA GLY E 36 22.35 -13.09 -29.77
C GLY E 36 21.13 -13.92 -29.43
N ARG E 37 21.02 -14.32 -28.17
CA ARG E 37 19.88 -15.07 -27.66
C ARG E 37 19.39 -14.44 -26.37
N PRO E 38 18.07 -14.41 -26.15
CA PRO E 38 17.53 -13.67 -25.00
C PRO E 38 17.83 -14.33 -23.67
N ARG E 39 18.11 -13.49 -22.67
CA ARG E 39 18.47 -13.94 -21.34
C ARG E 39 17.42 -13.62 -20.27
N HIS E 40 16.45 -12.78 -20.58
CA HIS E 40 15.45 -12.32 -19.62
C HIS E 40 14.11 -13.01 -19.90
N GLN E 41 13.07 -12.56 -19.19
CA GLN E 41 11.77 -13.22 -19.20
C GLN E 41 10.78 -12.45 -20.06
N GLY E 42 10.14 -13.16 -21.00
CA GLY E 42 9.22 -12.61 -21.97
C GLY E 42 7.79 -12.43 -21.51
N VAL E 43 7.50 -11.37 -20.76
CA VAL E 43 6.18 -11.25 -20.13
C VAL E 43 5.07 -10.81 -21.08
N MET E 44 5.38 -10.09 -22.16
CA MET E 44 4.33 -9.59 -23.05
C MET E 44 4.06 -10.60 -24.14
N VAL E 45 2.77 -10.93 -24.33
CA VAL E 45 2.38 -12.04 -25.19
C VAL E 45 2.41 -11.58 -26.64
N GLY E 46 3.11 -12.34 -27.48
CA GLY E 46 3.18 -12.04 -28.90
C GLY E 46 4.50 -11.44 -29.31
N MET E 47 5.03 -10.54 -28.48
CA MET E 47 6.24 -9.81 -28.84
C MET E 47 7.47 -10.69 -28.77
N GLY E 48 7.76 -11.25 -27.59
CA GLY E 48 8.98 -12.00 -27.38
C GLY E 48 8.93 -13.43 -27.86
N GLN E 49 9.03 -13.64 -29.17
CA GLN E 49 8.98 -14.98 -29.75
C GLN E 49 10.22 -15.35 -30.55
N LYS E 50 11.00 -14.39 -31.03
CA LYS E 50 12.21 -14.70 -31.76
C LYS E 50 13.28 -15.24 -30.82
N ASP E 51 13.89 -16.35 -31.21
CA ASP E 51 14.83 -17.04 -30.33
C ASP E 51 16.29 -16.72 -30.59
N SER E 52 16.62 -16.14 -31.75
CA SER E 52 18.00 -15.80 -32.06
C SER E 52 18.04 -14.62 -33.01
N TYR E 53 18.99 -13.72 -32.76
CA TYR E 53 19.24 -12.55 -33.58
C TYR E 53 20.66 -12.64 -34.09
N VAL E 54 20.89 -12.27 -35.36
CA VAL E 54 22.14 -12.55 -36.04
C VAL E 54 22.93 -11.29 -36.35
N GLY E 55 22.39 -10.41 -37.17
CA GLY E 55 23.29 -9.46 -37.79
C GLY E 55 23.48 -8.18 -37.02
N ASP E 56 22.94 -7.08 -37.56
CA ASP E 56 22.88 -5.83 -36.83
C ASP E 56 21.70 -5.76 -35.87
N GLU E 57 20.76 -6.70 -35.96
CA GLU E 57 19.65 -6.73 -35.02
C GLU E 57 20.06 -7.32 -33.68
N ALA E 58 21.16 -8.05 -33.61
CA ALA E 58 21.72 -8.47 -32.34
C ALA E 58 22.60 -7.41 -31.71
N GLN E 59 22.99 -6.40 -32.48
CA GLN E 59 23.77 -5.29 -31.97
C GLN E 59 22.90 -4.13 -31.51
N SER E 60 21.65 -4.08 -31.97
CA SER E 60 20.73 -3.04 -31.55
C SER E 60 19.90 -3.47 -30.35
N LYS E 61 19.46 -4.73 -30.32
CA LYS E 61 18.73 -5.29 -29.18
C LYS E 61 19.65 -5.94 -28.17
N ARG E 62 20.93 -5.54 -28.12
CA ARG E 62 21.93 -6.26 -27.34
C ARG E 62 21.75 -6.11 -25.83
N GLY E 63 20.89 -5.21 -25.37
CA GLY E 63 20.67 -5.05 -23.95
C GLY E 63 19.90 -6.17 -23.31
N ILE E 64 19.21 -7.01 -24.08
CA ILE E 64 18.44 -8.11 -23.54
C ILE E 64 18.93 -9.46 -24.06
N LEU E 65 20.11 -9.51 -24.67
CA LEU E 65 20.64 -10.72 -25.25
C LEU E 65 22.02 -11.02 -24.68
N THR E 66 22.45 -12.26 -24.89
CA THR E 66 23.82 -12.68 -24.63
C THR E 66 24.50 -12.98 -25.97
N LEU E 67 25.61 -12.30 -26.24
CA LEU E 67 26.21 -12.30 -27.56
C LEU E 67 27.34 -13.32 -27.64
N LYS E 68 27.32 -14.13 -28.68
CA LYS E 68 28.35 -15.14 -28.90
C LYS E 68 28.96 -14.97 -30.28
N TYR E 69 30.28 -15.14 -30.36
CA TYR E 69 30.97 -15.18 -31.63
C TYR E 69 31.20 -16.64 -32.01
N PRO E 70 30.78 -17.08 -33.20
CA PRO E 70 31.05 -18.46 -33.60
C PRO E 70 32.50 -18.72 -33.98
N ILE E 71 33.26 -17.70 -34.32
CA ILE E 71 34.65 -17.85 -34.73
C ILE E 71 35.54 -17.21 -33.67
N GLU E 72 36.38 -18.02 -33.04
CA GLU E 72 37.40 -17.46 -32.19
C GLU E 72 38.76 -17.93 -32.69
N HIC E 73 39.71 -16.99 -32.72
CA HIC E 73 41.12 -17.25 -33.15
C HIC E 73 41.17 -17.88 -34.54
O HIC E 73 42.04 -18.75 -34.75
CB HIC E 73 41.83 -18.12 -32.11
CG HIC E 73 42.10 -17.40 -30.83
ND1 HIC E 73 42.74 -16.17 -30.86
CD2 HIC E 73 41.81 -17.75 -29.55
CE1 HIC E 73 42.82 -15.79 -29.60
NE2 HIC E 73 42.27 -16.72 -28.75
CZ HIC E 73 42.19 -16.66 -27.30
N GLY E 74 40.30 -17.47 -35.46
CA GLY E 74 40.32 -17.99 -36.81
C GLY E 74 39.56 -19.29 -37.02
N ILE E 75 39.42 -20.06 -35.94
CA ILE E 75 38.78 -21.38 -36.01
C ILE E 75 37.30 -21.23 -35.68
N ILE E 76 36.45 -21.81 -36.52
CA ILE E 76 35.02 -21.84 -36.24
C ILE E 76 34.75 -22.85 -35.14
N THR E 77 34.21 -22.37 -34.02
CA THR E 77 33.95 -23.22 -32.86
C THR E 77 32.50 -23.64 -32.74
N ASN E 78 31.56 -22.82 -33.18
CA ASN E 78 30.13 -23.13 -33.12
C ASN E 78 29.64 -23.27 -34.55
N TRP E 79 29.45 -24.52 -34.99
CA TRP E 79 29.04 -24.77 -36.36
C TRP E 79 27.55 -24.57 -36.57
N ASP E 80 26.76 -24.65 -35.52
CA ASP E 80 25.33 -24.43 -35.65
C ASP E 80 25.01 -22.95 -35.79
N ASP E 81 25.80 -22.09 -35.16
CA ASP E 81 25.62 -20.65 -35.28
C ASP E 81 26.30 -20.08 -36.51
N MET E 82 27.33 -20.75 -37.02
CA MET E 82 27.99 -20.28 -38.24
C MET E 82 27.09 -20.47 -39.45
N GLU E 83 26.24 -21.49 -39.45
CA GLU E 83 25.26 -21.65 -40.51
C GLU E 83 24.18 -20.58 -40.44
N LYS E 84 23.90 -20.05 -39.24
CA LYS E 84 22.95 -18.96 -39.12
C LYS E 84 23.48 -17.68 -39.75
N ILE E 85 24.79 -17.45 -39.65
CA ILE E 85 25.38 -16.26 -40.22
C ILE E 85 25.53 -16.41 -41.73
N TRP E 86 25.83 -17.62 -42.19
CA TRP E 86 25.92 -17.85 -43.63
C TRP E 86 24.56 -17.80 -44.30
N HIS E 87 23.51 -18.26 -43.61
CA HIS E 87 22.16 -18.13 -44.14
C HIS E 87 21.70 -16.68 -44.11
N HIS E 88 22.25 -15.87 -43.21
CA HIS E 88 21.86 -14.48 -43.11
C HIS E 88 22.54 -13.63 -44.18
N THR E 89 23.79 -13.93 -44.50
CA THR E 89 24.48 -13.14 -45.51
C THR E 89 24.09 -13.52 -46.92
N PHE E 90 23.41 -14.65 -47.12
CA PHE E 90 22.95 -15.03 -48.45
C PHE E 90 21.57 -14.47 -48.74
N TYR E 91 20.59 -14.79 -47.89
CA TYR E 91 19.20 -14.47 -48.14
C TYR E 91 18.82 -13.07 -47.65
N ASN E 92 19.32 -12.67 -46.49
CA ASN E 92 18.89 -11.41 -45.88
C ASN E 92 19.78 -10.23 -46.23
N GLU E 93 21.07 -10.44 -46.41
CA GLU E 93 22.00 -9.35 -46.67
C GLU E 93 22.29 -9.14 -48.14
N LEU E 94 22.72 -10.18 -48.84
CA LEU E 94 22.98 -10.08 -50.27
C LEU E 94 21.74 -10.35 -51.11
N ARG E 95 20.77 -11.08 -50.55
CA ARG E 95 19.47 -11.38 -51.18
C ARG E 95 19.63 -12.12 -52.50
N VAL E 96 20.49 -13.13 -52.51
CA VAL E 96 20.75 -13.94 -53.68
C VAL E 96 20.47 -15.40 -53.35
N ALA E 97 20.35 -16.20 -54.40
CA ALA E 97 20.28 -17.62 -54.09
C ALA E 97 21.68 -18.22 -54.12
N PRO E 98 22.00 -19.11 -53.18
CA PRO E 98 23.34 -19.72 -53.18
C PRO E 98 23.53 -20.74 -54.29
N GLU E 99 22.46 -21.22 -54.92
CA GLU E 99 22.58 -22.23 -55.96
C GLU E 99 23.11 -21.69 -57.28
N GLU E 100 23.13 -20.38 -57.46
CA GLU E 100 23.46 -19.78 -58.75
C GLU E 100 24.76 -19.00 -58.74
N HIS E 101 25.54 -19.09 -57.67
CA HIS E 101 26.75 -18.30 -57.55
C HIS E 101 27.88 -19.16 -56.98
N PRO E 102 29.04 -19.20 -57.62
CA PRO E 102 30.21 -19.77 -56.96
C PRO E 102 30.72 -18.82 -55.89
N THR E 103 31.15 -19.39 -54.76
CA THR E 103 31.45 -18.62 -53.57
C THR E 103 32.94 -18.74 -53.23
N LEU E 104 33.59 -17.60 -53.06
CA LEU E 104 34.98 -17.56 -52.62
C LEU E 104 35.01 -17.30 -51.12
N LEU E 105 35.53 -18.26 -50.35
CA LEU E 105 35.72 -18.09 -48.92
C LEU E 105 37.19 -17.88 -48.64
N THR E 106 37.49 -17.40 -47.43
CA THR E 106 38.86 -17.17 -47.01
C THR E 106 39.15 -17.91 -45.72
N GLU E 107 40.44 -18.02 -45.40
CA GLU E 107 40.87 -18.70 -44.19
C GLU E 107 42.26 -18.19 -43.83
N ALA E 108 42.59 -18.29 -42.55
CA ALA E 108 43.91 -17.91 -42.10
C ALA E 108 44.89 -19.06 -42.32
N PRO E 109 46.18 -18.78 -42.47
CA PRO E 109 47.16 -19.87 -42.57
C PRO E 109 47.36 -20.55 -41.23
N LEU E 110 47.79 -21.81 -41.31
CA LEU E 110 48.06 -22.70 -40.17
C LEU E 110 46.81 -22.90 -39.29
N ASN E 111 45.65 -23.08 -39.94
CA ASN E 111 44.43 -23.52 -39.29
C ASN E 111 44.33 -25.03 -39.32
N PRO E 112 43.47 -25.62 -38.48
CA PRO E 112 43.19 -27.06 -38.61
C PRO E 112 42.61 -27.42 -39.96
N LYS E 113 42.95 -28.61 -40.43
CA LYS E 113 42.49 -29.06 -41.73
C LYS E 113 41.02 -29.41 -41.72
N ALA E 114 40.45 -29.74 -40.56
CA ALA E 114 39.03 -30.01 -40.46
C ALA E 114 38.19 -28.76 -40.39
N ASN E 115 38.82 -27.59 -40.25
CA ASN E 115 38.09 -26.33 -40.33
C ASN E 115 37.71 -26.01 -41.77
N ARG E 116 38.49 -26.49 -42.73
CA ARG E 116 38.31 -26.20 -44.14
C ARG E 116 37.50 -27.30 -44.84
N GLU E 117 37.56 -28.52 -44.34
CA GLU E 117 36.73 -29.59 -44.87
C GLU E 117 35.29 -29.47 -44.40
N LYS E 118 35.08 -28.92 -43.21
CA LYS E 118 33.73 -28.79 -42.70
C LYS E 118 33.01 -27.58 -43.29
N MET E 119 33.73 -26.57 -43.73
CA MET E 119 33.10 -25.46 -44.41
C MET E 119 32.96 -25.70 -45.91
N THR E 120 33.68 -26.68 -46.44
CA THR E 120 33.42 -27.13 -47.80
C THR E 120 32.15 -27.96 -47.85
N GLN E 121 31.92 -28.77 -46.82
CA GLN E 121 30.74 -29.62 -46.78
C GLN E 121 29.46 -28.81 -46.59
N ILE E 122 29.53 -27.73 -45.80
CA ILE E 122 28.35 -26.91 -45.56
C ILE E 122 27.95 -26.15 -46.83
N MET E 123 28.93 -25.69 -47.59
CA MET E 123 28.63 -24.94 -48.81
C MET E 123 28.05 -25.82 -49.91
N PHE E 124 28.37 -27.11 -49.90
CA PHE E 124 27.90 -28.01 -50.94
C PHE E 124 26.64 -28.78 -50.54
N GLU E 125 26.48 -29.14 -49.28
CA GLU E 125 25.39 -30.01 -48.87
C GLU E 125 24.28 -29.30 -48.10
N THR E 126 24.44 -28.03 -47.79
CA THR E 126 23.38 -27.25 -47.16
C THR E 126 22.92 -26.09 -48.02
N PHE E 127 23.85 -25.35 -48.62
CA PHE E 127 23.49 -24.23 -49.48
C PHE E 127 23.52 -24.59 -50.96
N ASN E 128 24.17 -25.69 -51.33
CA ASN E 128 24.19 -26.26 -52.68
C ASN E 128 24.75 -25.28 -53.71
N VAL E 129 25.95 -24.79 -53.45
CA VAL E 129 26.60 -23.85 -54.35
C VAL E 129 27.12 -24.63 -55.56
N PRO E 130 27.26 -24.01 -56.73
CA PRO E 130 27.82 -24.76 -57.86
C PRO E 130 29.31 -25.01 -57.76
N ALA E 131 30.06 -24.04 -57.23
CA ALA E 131 31.50 -24.16 -57.11
C ALA E 131 31.95 -23.35 -55.91
N MET E 132 33.17 -23.61 -55.44
CA MET E 132 33.70 -22.88 -54.31
C MET E 132 35.23 -22.94 -54.34
N TYR E 133 35.84 -22.13 -53.49
CA TYR E 133 37.29 -22.04 -53.36
C TYR E 133 37.60 -21.36 -52.04
N VAL E 134 38.65 -21.82 -51.37
CA VAL E 134 39.12 -21.23 -50.13
C VAL E 134 40.52 -20.68 -50.36
N ALA E 135 40.72 -19.40 -50.05
CA ALA E 135 41.98 -18.73 -50.29
C ALA E 135 42.58 -18.24 -48.98
N ILE E 136 43.87 -17.96 -48.99
CA ILE E 136 44.58 -17.46 -47.83
C ILE E 136 44.44 -15.94 -47.79
N GLN E 137 44.17 -15.39 -46.60
CA GLN E 137 43.84 -13.98 -46.48
C GLN E 137 45.03 -13.06 -46.73
N ALA E 138 46.24 -13.57 -46.53
CA ALA E 138 47.41 -12.72 -46.71
C ALA E 138 47.84 -12.68 -48.17
N VAL E 139 47.45 -13.68 -48.96
CA VAL E 139 47.68 -13.62 -50.39
C VAL E 139 46.75 -12.60 -51.02
N LEU E 140 45.51 -12.52 -50.54
CA LEU E 140 44.53 -11.60 -51.10
C LEU E 140 44.85 -10.15 -50.74
N SER E 141 45.57 -9.92 -49.64
CA SER E 141 45.95 -8.56 -49.31
C SER E 141 47.04 -8.02 -50.22
N LEU E 142 47.78 -8.92 -50.88
CA LEU E 142 48.79 -8.51 -51.85
C LEU E 142 48.17 -8.28 -53.22
N TYR E 143 47.08 -9.00 -53.54
CA TYR E 143 46.32 -8.72 -54.75
C TYR E 143 45.69 -7.34 -54.72
N ALA E 144 45.31 -6.87 -53.54
CA ALA E 144 44.69 -5.57 -53.37
C ALA E 144 45.70 -4.45 -53.15
N SER E 145 46.93 -4.63 -53.62
CA SER E 145 47.97 -3.64 -53.44
C SER E 145 48.71 -3.30 -54.72
N GLY E 146 48.47 -4.01 -55.81
CA GLY E 146 49.23 -3.81 -57.01
C GLY E 146 50.63 -4.37 -56.95
N ARG E 147 50.88 -5.36 -56.10
CA ARG E 147 52.19 -5.94 -55.94
C ARG E 147 52.14 -7.43 -56.21
N THR E 148 53.28 -7.97 -56.63
CA THR E 148 53.49 -9.41 -56.64
C THR E 148 54.60 -9.81 -55.68
N THR E 149 55.16 -8.86 -54.94
CA THR E 149 56.29 -9.08 -54.05
C THR E 149 56.10 -8.25 -52.80
N GLY E 150 56.14 -8.91 -51.64
CA GLY E 150 56.05 -8.21 -50.38
C GLY E 150 55.78 -9.17 -49.26
N ILE E 151 55.82 -8.65 -48.05
CA ILE E 151 55.50 -9.40 -46.85
C ILE E 151 54.33 -8.71 -46.16
N VAL E 152 53.27 -9.47 -45.91
CA VAL E 152 51.99 -8.95 -45.46
C VAL E 152 51.87 -9.15 -43.96
N LEU E 153 51.43 -8.11 -43.26
CA LEU E 153 51.06 -8.20 -41.85
C LEU E 153 49.56 -7.97 -41.76
N ASP E 154 48.81 -9.06 -41.59
CA ASP E 154 47.36 -9.03 -41.54
C ASP E 154 46.91 -9.25 -40.11
N SER E 155 46.26 -8.25 -39.52
CA SER E 155 45.84 -8.30 -38.13
C SER E 155 44.36 -7.94 -38.04
N GLY E 156 43.53 -8.90 -37.69
CA GLY E 156 42.10 -8.66 -37.63
C GLY E 156 41.50 -8.72 -36.25
N ASP E 157 40.61 -9.69 -36.04
CA ASP E 157 39.95 -9.85 -34.75
C ASP E 157 40.40 -11.10 -34.00
N GLY E 158 40.97 -12.09 -34.68
CA GLY E 158 41.46 -13.25 -33.97
C GLY E 158 42.90 -13.64 -34.20
N VAL E 159 43.46 -13.32 -35.37
CA VAL E 159 44.74 -13.86 -35.81
C VAL E 159 45.57 -12.71 -36.39
N THR E 160 46.83 -12.63 -35.96
CA THR E 160 47.85 -11.82 -36.62
C THR E 160 48.83 -12.77 -37.29
N HIS E 161 49.05 -12.59 -38.60
CA HIS E 161 49.95 -13.50 -39.30
C HIS E 161 50.81 -12.77 -40.32
N ASN E 162 51.96 -13.37 -40.63
CA ASN E 162 52.94 -12.86 -41.57
C ASN E 162 53.15 -13.87 -42.69
N VAL E 163 53.09 -13.41 -43.93
CA VAL E 163 53.34 -14.25 -45.10
C VAL E 163 54.26 -13.50 -46.05
N PRO E 164 55.46 -14.01 -46.34
CA PRO E 164 56.29 -13.38 -47.38
C PRO E 164 56.04 -13.97 -48.76
N ILE E 165 55.91 -13.11 -49.77
CA ILE E 165 55.68 -13.54 -51.15
C ILE E 165 56.66 -12.79 -52.03
N TYR E 166 57.37 -13.54 -52.89
CA TYR E 166 58.32 -12.97 -53.84
C TYR E 166 57.95 -13.42 -55.23
N GLU E 167 57.51 -12.46 -56.07
CA GLU E 167 57.18 -12.67 -57.48
C GLU E 167 56.09 -13.72 -57.68
N GLY E 168 55.14 -13.77 -56.75
CA GLY E 168 54.07 -14.74 -56.81
C GLY E 168 54.36 -16.05 -56.12
N TYR E 169 55.57 -16.22 -55.58
CA TYR E 169 55.96 -17.44 -54.90
C TYR E 169 55.95 -17.20 -53.39
N ALA E 170 55.18 -18.00 -52.67
CA ALA E 170 55.16 -17.92 -51.22
C ALA E 170 56.22 -18.83 -50.64
N LEU E 171 56.79 -18.40 -49.50
CA LEU E 171 57.78 -19.16 -48.77
C LEU E 171 57.10 -19.68 -47.52
N PRO E 172 56.59 -20.92 -47.53
CA PRO E 172 55.73 -21.38 -46.42
C PRO E 172 56.48 -21.68 -45.14
N HIS E 173 57.80 -21.84 -45.19
CA HIS E 173 58.55 -22.07 -43.97
C HIS E 173 58.77 -20.80 -43.17
N ALA E 174 58.48 -19.64 -43.75
CA ALA E 174 58.64 -18.37 -43.07
C ALA E 174 57.32 -17.75 -42.68
N ILE E 175 56.22 -18.50 -42.78
CA ILE E 175 54.90 -17.99 -42.41
C ILE E 175 54.75 -18.07 -40.90
N MET E 176 54.52 -16.93 -40.28
CA MET E 176 54.28 -16.84 -38.85
C MET E 176 52.79 -16.66 -38.57
N ARG E 177 52.39 -17.00 -37.35
CA ARG E 177 51.02 -16.81 -36.92
C ARG E 177 51.04 -16.52 -35.43
N LEU E 178 50.36 -15.45 -35.02
CA LEU E 178 50.31 -15.03 -33.64
C LEU E 178 48.86 -14.81 -33.26
N ASP E 179 48.41 -15.46 -32.18
CA ASP E 179 47.02 -15.39 -31.76
C ASP E 179 46.82 -14.21 -30.81
N LEU E 180 47.00 -13.02 -31.37
CA LEU E 180 46.87 -11.77 -30.64
C LEU E 180 46.36 -10.74 -31.63
N ALA E 181 45.13 -10.28 -31.44
CA ALA E 181 44.46 -9.41 -32.39
C ALA E 181 43.50 -8.52 -31.60
N GLY E 182 42.52 -7.96 -32.30
CA GLY E 182 41.63 -6.97 -31.73
C GLY E 182 40.73 -7.47 -30.62
N ARG E 183 40.46 -8.77 -30.56
CA ARG E 183 39.63 -9.29 -29.48
C ARG E 183 40.41 -9.34 -28.17
N ASP E 184 41.70 -9.65 -28.24
CA ASP E 184 42.55 -9.70 -27.06
C ASP E 184 42.93 -8.32 -26.55
N LEU E 185 42.74 -7.28 -27.36
CA LEU E 185 42.96 -5.91 -26.90
C LEU E 185 41.72 -5.32 -26.25
N THR E 186 40.54 -5.78 -26.64
CA THR E 186 39.32 -5.38 -25.94
C THR E 186 39.28 -5.98 -24.54
N ASP E 187 39.75 -7.22 -24.39
CA ASP E 187 39.79 -7.84 -23.08
C ASP E 187 40.85 -7.22 -22.20
N TYR E 188 41.91 -6.67 -22.78
CA TYR E 188 42.92 -5.99 -21.99
C TYR E 188 42.45 -4.60 -21.56
N LEU E 189 41.76 -3.89 -22.44
CA LEU E 189 41.26 -2.56 -22.11
C LEU E 189 40.15 -2.63 -21.07
N MET E 190 39.36 -3.71 -21.07
CA MET E 190 38.38 -3.93 -20.01
C MET E 190 39.06 -4.16 -18.67
N LYS E 191 40.24 -4.76 -18.67
CA LYS E 191 40.92 -5.06 -17.42
C LYS E 191 41.60 -3.82 -16.84
N ILE E 192 42.18 -2.97 -17.69
CA ILE E 192 42.84 -1.77 -17.19
C ILE E 192 41.90 -0.58 -17.10
N LEU E 193 40.62 -0.77 -17.39
CA LEU E 193 39.64 0.28 -17.12
C LEU E 193 39.13 0.24 -15.69
N THR E 194 39.34 -0.88 -15.00
CA THR E 194 38.98 -0.99 -13.59
C THR E 194 39.90 -0.19 -12.70
N GLU E 195 41.04 0.27 -13.20
CA GLU E 195 41.95 1.12 -12.44
C GLU E 195 41.40 2.52 -12.24
N ARG E 196 40.35 2.91 -12.96
CA ARG E 196 39.69 4.18 -12.76
C ARG E 196 38.31 4.04 -12.15
N GLY E 197 37.83 2.82 -11.96
CA GLY E 197 36.54 2.59 -11.36
C GLY E 197 35.44 2.18 -12.31
N TYR E 198 35.70 2.16 -13.62
CA TYR E 198 34.71 1.74 -14.59
C TYR E 198 34.76 0.23 -14.71
N SER E 199 33.58 -0.40 -14.69
CA SER E 199 33.50 -1.86 -14.70
C SER E 199 32.52 -2.28 -15.78
N PHE E 200 33.05 -2.85 -16.85
CA PHE E 200 32.26 -3.43 -17.94
C PHE E 200 32.43 -4.92 -17.88
N VAL E 201 31.34 -5.65 -17.70
CA VAL E 201 31.42 -7.08 -17.41
C VAL E 201 30.76 -7.92 -18.49
N THR E 202 29.53 -7.56 -18.87
CA THR E 202 28.72 -8.42 -19.71
C THR E 202 29.19 -8.40 -21.17
N THR E 203 28.55 -9.22 -21.99
CA THR E 203 28.91 -9.31 -23.40
C THR E 203 28.43 -8.10 -24.18
N ALA E 204 27.38 -7.44 -23.70
CA ALA E 204 26.93 -6.20 -24.33
C ALA E 204 27.73 -5.00 -23.87
N GLU E 205 28.40 -5.08 -22.72
CA GLU E 205 29.35 -4.05 -22.34
C GLU E 205 30.71 -4.27 -22.97
N ARG E 206 30.95 -5.45 -23.56
CA ARG E 206 32.16 -5.66 -24.33
C ARG E 206 32.09 -4.95 -25.68
N GLU E 207 30.88 -4.72 -26.18
CA GLU E 207 30.70 -3.96 -27.42
C GLU E 207 30.79 -2.47 -27.19
N ILE E 208 30.78 -2.01 -25.95
CA ILE E 208 30.98 -0.60 -25.64
C ILE E 208 32.45 -0.29 -25.53
N VAL E 209 33.23 -1.17 -24.90
CA VAL E 209 34.67 -1.00 -24.76
C VAL E 209 35.36 -1.09 -26.12
N ARG E 210 34.81 -1.88 -27.04
CA ARG E 210 35.33 -1.94 -28.39
C ARG E 210 35.11 -0.62 -29.14
N ASP E 211 34.06 0.12 -28.80
CA ASP E 211 33.87 1.44 -29.39
C ASP E 211 34.82 2.46 -28.81
N ILE E 212 35.17 2.34 -27.53
CA ILE E 212 36.17 3.22 -26.93
C ILE E 212 37.54 2.92 -27.52
N LYS E 213 37.82 1.64 -27.80
CA LYS E 213 39.08 1.23 -28.40
C LYS E 213 39.23 1.78 -29.82
N GLU E 214 38.13 1.87 -30.56
CA GLU E 214 38.19 2.30 -31.95
C GLU E 214 38.17 3.81 -32.12
N LYS E 215 37.89 4.56 -31.06
CA LYS E 215 37.78 6.01 -31.16
C LYS E 215 38.83 6.76 -30.39
N LEU E 216 39.35 6.22 -29.30
CA LEU E 216 40.24 6.98 -28.43
C LEU E 216 41.63 6.37 -28.28
N CYS E 217 41.91 5.23 -28.90
CA CYS E 217 43.19 4.56 -28.71
C CYS E 217 44.11 4.80 -29.90
N TYR E 218 45.40 4.98 -29.60
CA TYR E 218 46.43 5.21 -30.60
C TYR E 218 47.71 4.50 -30.18
N VAL E 219 48.70 4.49 -31.05
CA VAL E 219 49.98 3.82 -30.80
C VAL E 219 51.02 4.91 -30.55
N ALA E 220 51.69 4.82 -29.40
CA ALA E 220 52.75 5.76 -29.07
C ALA E 220 54.00 5.47 -29.88
N LEU E 221 54.71 6.53 -30.28
CA LEU E 221 55.96 6.34 -31.01
C LEU E 221 57.07 5.87 -30.06
N ASP E 222 57.19 6.50 -28.91
CA ASP E 222 58.04 6.02 -27.83
C ASP E 222 57.16 5.81 -26.62
N PHE E 223 57.18 4.60 -26.06
CA PHE E 223 56.22 4.24 -25.03
C PHE E 223 56.55 4.88 -23.69
N GLU E 224 57.82 4.94 -23.33
CA GLU E 224 58.17 5.41 -22.00
C GLU E 224 58.21 6.94 -21.90
N ASN E 225 58.21 7.66 -23.02
CA ASN E 225 58.04 9.11 -22.95
C ASN E 225 56.58 9.48 -22.82
N GLU E 226 55.68 8.75 -23.50
CA GLU E 226 54.26 9.02 -23.34
C GLU E 226 53.74 8.57 -21.98
N MET E 227 54.39 7.58 -21.38
CA MET E 227 54.04 7.22 -20.00
C MET E 227 54.51 8.28 -19.03
N ALA E 228 55.59 9.00 -19.37
CA ALA E 228 56.04 10.13 -18.56
C ALA E 228 55.30 11.41 -18.90
N THR E 229 54.76 11.53 -20.10
CA THR E 229 53.96 12.69 -20.46
C THR E 229 52.61 12.65 -19.76
N ALA E 230 51.98 11.47 -19.70
CA ALA E 230 50.67 11.33 -19.08
C ALA E 230 50.71 11.49 -17.57
N ALA E 231 51.87 11.29 -16.94
CA ALA E 231 51.99 11.56 -15.52
C ALA E 231 52.18 13.04 -15.23
N SER E 232 52.65 13.81 -16.20
CA SER E 232 52.90 15.24 -15.99
C SER E 232 51.63 16.07 -16.08
N SER E 233 50.97 16.04 -17.24
CA SER E 233 49.83 16.93 -17.45
C SER E 233 48.55 16.16 -17.74
N SER E 234 47.48 16.89 -18.07
CA SER E 234 46.19 16.32 -18.42
C SER E 234 45.89 16.51 -19.90
N SER E 235 46.95 16.62 -20.72
CA SER E 235 46.77 16.87 -22.14
C SER E 235 46.39 15.63 -22.91
N LEU E 236 46.64 14.45 -22.37
CA LEU E 236 46.34 13.19 -23.05
C LEU E 236 44.97 12.65 -22.71
N GLU E 237 44.24 13.31 -21.81
CA GLU E 237 42.94 12.83 -21.37
C GLU E 237 41.88 13.10 -22.42
N LYS E 238 40.96 12.15 -22.58
CA LYS E 238 39.82 12.31 -23.46
C LYS E 238 38.59 11.75 -22.77
N SER E 239 37.43 12.11 -23.29
CA SER E 239 36.16 11.73 -22.68
C SER E 239 35.30 10.95 -23.66
N TYR E 240 34.64 9.92 -23.14
CA TYR E 240 33.68 9.12 -23.90
C TYR E 240 32.38 9.10 -23.13
N GLU E 241 31.27 9.05 -23.86
CA GLU E 241 29.94 9.08 -23.27
C GLU E 241 29.25 7.75 -23.46
N LEU E 242 28.82 7.14 -22.35
CA LEU E 242 28.20 5.83 -22.35
C LEU E 242 26.78 5.93 -22.90
N PRO E 243 26.14 4.79 -23.26
CA PRO E 243 24.77 4.88 -23.79
C PRO E 243 23.71 5.37 -22.80
N ASP E 244 23.99 5.40 -21.50
CA ASP E 244 23.02 5.92 -20.55
C ASP E 244 23.31 7.37 -20.15
N GLY E 245 24.35 7.97 -20.71
CA GLY E 245 24.65 9.36 -20.44
C GLY E 245 25.81 9.60 -19.51
N GLN E 246 26.44 8.56 -18.98
CA GLN E 246 27.59 8.74 -18.12
C GLN E 246 28.83 9.03 -18.95
N VAL E 247 29.73 9.81 -18.38
CA VAL E 247 30.94 10.27 -19.07
C VAL E 247 32.14 9.67 -18.36
N ILE E 248 32.96 8.93 -19.09
CA ILE E 248 34.19 8.36 -18.56
C ILE E 248 35.37 9.09 -19.17
N THR E 249 36.51 9.00 -18.50
CA THR E 249 37.72 9.74 -18.88
C THR E 249 38.91 8.79 -18.87
N ILE E 250 39.58 8.67 -20.00
CA ILE E 250 40.81 7.87 -20.10
C ILE E 250 41.92 8.75 -20.65
N GLY E 251 43.08 8.70 -20.01
CA GLY E 251 44.22 9.41 -20.54
C GLY E 251 45.47 8.58 -20.73
N ASN E 252 45.61 7.54 -19.92
CA ASN E 252 46.81 6.72 -19.91
C ASN E 252 46.62 5.40 -20.65
N GLU E 253 45.41 4.88 -20.67
CA GLU E 253 45.08 3.61 -21.28
C GLU E 253 44.73 3.75 -22.75
N ARG E 254 44.94 4.94 -23.32
CA ARG E 254 44.72 5.12 -24.75
C ARG E 254 45.84 4.48 -25.55
N PHE E 255 47.08 4.60 -25.08
CA PHE E 255 48.21 4.01 -25.77
C PHE E 255 48.71 2.73 -25.11
N ARG E 256 48.30 2.44 -23.88
CA ARG E 256 48.68 1.19 -23.24
C ARG E 256 47.90 0.00 -23.79
N CYS E 257 46.73 0.22 -24.39
CA CYS E 257 46.01 -0.87 -25.03
C CYS E 257 46.69 -1.36 -26.32
N PRO E 258 47.03 -0.52 -27.31
CA PRO E 258 47.69 -1.07 -28.49
C PRO E 258 49.18 -1.32 -28.33
N GLU E 259 49.74 -1.12 -27.14
CA GLU E 259 51.13 -1.47 -26.89
C GLU E 259 51.30 -2.97 -26.72
N THR E 260 50.21 -3.71 -26.50
CA THR E 260 50.29 -5.15 -26.35
C THR E 260 50.63 -5.84 -27.67
N LEU E 261 50.42 -5.18 -28.80
CA LEU E 261 50.90 -5.70 -30.08
C LEU E 261 52.42 -5.70 -30.15
N PHE E 262 53.06 -4.76 -29.46
CA PHE E 262 54.51 -4.66 -29.47
C PHE E 262 55.15 -5.23 -28.21
N GLN E 263 54.40 -5.37 -27.12
CA GLN E 263 54.85 -6.05 -25.91
C GLN E 263 53.77 -7.03 -25.48
N PRO E 264 53.77 -8.25 -26.01
CA PRO E 264 52.72 -9.22 -25.66
C PRO E 264 52.80 -9.77 -24.25
N SER E 265 53.81 -9.40 -23.46
CA SER E 265 53.87 -9.75 -22.05
C SER E 265 52.91 -8.94 -21.19
N PHE E 266 52.22 -7.96 -21.77
CA PHE E 266 51.20 -7.21 -21.04
C PHE E 266 49.98 -8.05 -20.74
N ILE E 267 49.74 -9.11 -21.52
CA ILE E 267 48.65 -10.03 -21.26
C ILE E 267 49.18 -11.43 -20.96
N GLY E 268 50.46 -11.54 -20.64
CA GLY E 268 51.01 -12.81 -20.23
C GLY E 268 51.38 -13.76 -21.32
N MET E 269 51.62 -13.27 -22.54
CA MET E 269 52.11 -14.10 -23.62
C MET E 269 53.62 -13.97 -23.73
N GLU E 270 54.27 -15.05 -24.11
CA GLU E 270 55.72 -15.08 -24.22
C GLU E 270 56.21 -14.68 -25.60
N SER E 271 55.30 -14.38 -26.52
CA SER E 271 55.65 -14.17 -27.91
C SER E 271 56.33 -12.82 -28.10
N ALA E 272 56.98 -12.68 -29.24
CA ALA E 272 57.56 -11.41 -29.63
C ALA E 272 56.50 -10.50 -30.22
N GLY E 273 56.80 -9.21 -30.26
CA GLY E 273 55.88 -8.25 -30.81
C GLY E 273 55.74 -8.38 -32.31
N ILE E 274 54.81 -7.61 -32.87
CA ILE E 274 54.56 -7.69 -34.31
C ILE E 274 55.68 -7.06 -35.14
N HIS E 275 56.57 -6.31 -34.52
CA HIS E 275 57.73 -5.77 -35.23
C HIS E 275 58.86 -6.79 -35.31
N GLU E 276 58.95 -7.68 -34.32
CA GLU E 276 59.96 -8.73 -34.33
C GLU E 276 59.50 -9.97 -35.05
N THR E 277 58.19 -10.21 -35.07
CA THR E 277 57.65 -11.32 -35.83
C THR E 277 57.80 -11.10 -37.32
N THR E 278 57.64 -9.85 -37.79
CA THR E 278 57.80 -9.55 -39.20
C THR E 278 59.27 -9.44 -39.60
N TYR E 279 60.18 -9.32 -38.63
CA TYR E 279 61.59 -9.33 -38.94
C TYR E 279 62.17 -10.73 -38.97
N ASN E 280 61.67 -11.62 -38.10
CA ASN E 280 62.11 -13.01 -38.12
C ASN E 280 61.60 -13.73 -39.36
N SER E 281 60.49 -13.29 -39.91
CA SER E 281 59.98 -13.89 -41.14
C SER E 281 60.78 -13.45 -42.36
N ILE E 282 61.34 -12.24 -42.31
CA ILE E 282 62.22 -11.79 -43.38
C ILE E 282 63.54 -12.54 -43.34
N MET E 283 64.11 -12.69 -42.15
CA MET E 283 65.41 -13.34 -42.00
C MET E 283 65.36 -14.85 -42.11
N LYS E 284 64.18 -15.43 -42.27
CA LYS E 284 64.08 -16.84 -42.64
C LYS E 284 64.10 -17.06 -44.13
N CYS E 285 63.89 -16.02 -44.92
CA CYS E 285 63.87 -16.11 -46.36
C CYS E 285 65.30 -16.12 -46.92
N ASP E 286 65.42 -16.19 -48.23
CA ASP E 286 66.73 -16.19 -48.87
C ASP E 286 67.35 -14.79 -48.79
N ILE E 287 68.68 -14.76 -48.87
CA ILE E 287 69.41 -13.51 -48.69
C ILE E 287 69.25 -12.57 -49.87
N ASP E 288 68.79 -13.07 -51.02
CA ASP E 288 68.71 -12.25 -52.21
C ASP E 288 67.37 -11.56 -52.37
N ILE E 289 66.34 -12.04 -51.67
CA ILE E 289 65.01 -11.43 -51.76
C ILE E 289 64.69 -10.56 -50.56
N ARG E 290 65.63 -10.40 -49.63
CA ARG E 290 65.35 -9.66 -48.40
C ARG E 290 65.25 -8.16 -48.64
N LYS E 291 66.02 -7.63 -49.60
CA LYS E 291 65.96 -6.20 -49.91
C LYS E 291 64.61 -5.82 -50.49
N ASP E 292 64.00 -6.70 -51.27
CA ASP E 292 62.68 -6.44 -51.82
C ASP E 292 61.58 -6.59 -50.78
N LEU E 293 61.83 -7.34 -49.70
CA LEU E 293 60.84 -7.51 -48.65
C LEU E 293 60.89 -6.41 -47.62
N TYR E 294 62.06 -5.81 -47.39
CA TYR E 294 62.15 -4.68 -46.47
C TYR E 294 61.43 -3.46 -47.01
N ALA E 295 61.44 -3.28 -48.32
CA ALA E 295 60.83 -2.13 -48.96
C ALA E 295 59.37 -2.35 -49.30
N ASN E 296 58.79 -3.50 -48.93
CA ASN E 296 57.39 -3.78 -49.20
C ASN E 296 56.80 -4.46 -47.97
N ASN E 297 56.29 -3.67 -47.04
CA ASN E 297 55.64 -4.13 -45.82
C ASN E 297 54.19 -3.72 -45.91
N VAL E 298 53.33 -4.62 -46.37
CA VAL E 298 51.92 -4.34 -46.55
C VAL E 298 51.20 -4.67 -45.25
N MET E 299 50.50 -3.68 -44.70
CA MET E 299 49.66 -3.89 -43.53
C MET E 299 48.22 -4.06 -43.97
N SER E 300 47.49 -4.96 -43.31
CA SER E 300 46.11 -5.22 -43.67
C SER E 300 45.34 -5.57 -42.41
N GLY E 301 44.02 -5.38 -42.47
CA GLY E 301 43.14 -5.72 -41.37
C GLY E 301 42.80 -4.53 -40.50
N GLY E 302 41.80 -4.73 -39.65
CA GLY E 302 41.29 -3.67 -38.81
C GLY E 302 42.15 -3.29 -37.64
N THR E 303 42.96 -4.22 -37.13
CA THR E 303 43.83 -3.92 -35.99
C THR E 303 45.06 -3.11 -36.41
N THR E 304 45.31 -2.96 -37.70
CA THR E 304 46.33 -2.07 -38.20
C THR E 304 45.81 -0.67 -38.47
N MET E 305 44.68 -0.28 -37.87
CA MET E 305 44.05 1.01 -38.12
C MET E 305 44.22 1.97 -36.96
N TYR E 306 45.21 1.76 -36.11
CA TYR E 306 45.44 2.72 -35.06
C TYR E 306 46.21 3.92 -35.59
N PRO E 307 46.01 5.10 -35.03
CA PRO E 307 46.89 6.24 -35.35
C PRO E 307 48.29 6.00 -34.81
N GLY E 308 49.26 5.93 -35.71
CA GLY E 308 50.64 5.77 -35.33
C GLY E 308 51.19 4.36 -35.44
N ILE E 309 50.42 3.41 -35.95
CA ILE E 309 50.90 2.04 -36.05
C ILE E 309 51.90 1.90 -37.19
N ALA E 310 51.81 2.76 -38.21
CA ALA E 310 52.71 2.69 -39.34
C ALA E 310 53.99 3.47 -39.12
N ASP E 311 53.98 4.46 -38.23
CA ASP E 311 55.20 5.16 -37.88
C ASP E 311 55.99 4.41 -36.83
N ARG E 312 55.31 3.65 -35.97
CA ARG E 312 55.98 2.82 -34.99
C ARG E 312 56.55 1.56 -35.62
N MET E 313 55.85 0.99 -36.60
CA MET E 313 56.36 -0.19 -37.29
C MET E 313 57.57 0.14 -38.13
N GLN E 314 57.67 1.37 -38.62
CA GLN E 314 58.86 1.77 -39.35
C GLN E 314 60.03 2.05 -38.42
N LYS E 315 59.77 2.65 -37.27
CA LYS E 315 60.82 2.96 -36.31
C LYS E 315 61.46 1.70 -35.73
N GLU E 316 60.66 0.67 -35.49
CA GLU E 316 61.17 -0.54 -34.85
C GLU E 316 61.90 -1.46 -35.81
N ILE E 317 61.50 -1.48 -37.09
CA ILE E 317 62.15 -2.39 -38.04
C ILE E 317 63.51 -1.85 -38.46
N THR E 318 63.66 -0.52 -38.55
CA THR E 318 64.97 0.06 -38.85
C THR E 318 66.00 -0.17 -37.76
N ALA E 319 65.56 -0.40 -36.52
CA ALA E 319 66.50 -0.74 -35.46
C ALA E 319 67.04 -2.15 -35.60
N LEU E 320 66.31 -3.04 -36.26
CA LEU E 320 66.74 -4.42 -36.47
C LEU E 320 67.33 -4.67 -37.85
N ALA E 321 66.90 -3.90 -38.85
CA ALA E 321 67.43 -4.00 -40.20
C ALA E 321 68.88 -3.52 -40.23
N PRO E 322 69.67 -3.93 -41.23
CA PRO E 322 71.11 -3.62 -41.22
C PRO E 322 71.48 -2.19 -41.58
N SER E 323 70.56 -1.23 -41.57
CA SER E 323 70.76 0.22 -41.66
C SER E 323 71.25 0.70 -43.02
N THR E 324 71.45 -0.19 -43.99
CA THR E 324 71.65 0.20 -45.38
C THR E 324 70.39 -0.05 -46.21
N MET E 325 69.62 -1.07 -45.84
CA MET E 325 68.31 -1.32 -46.40
C MET E 325 67.36 -0.17 -46.06
N LYS E 326 66.44 0.11 -46.97
CA LYS E 326 65.41 1.12 -46.72
C LYS E 326 64.08 0.43 -46.50
N ILE E 327 63.35 0.92 -45.49
CA ILE E 327 62.12 0.27 -45.02
C ILE E 327 60.94 1.12 -45.46
N LYS E 328 59.93 0.46 -46.01
CA LYS E 328 58.73 1.14 -46.50
C LYS E 328 57.52 0.36 -46.03
N ILE E 329 56.67 1.01 -45.23
CA ILE E 329 55.45 0.39 -44.71
C ILE E 329 54.29 0.89 -45.56
N ILE E 330 53.70 -0.01 -46.34
CA ILE E 330 52.54 0.33 -47.16
C ILE E 330 51.29 0.10 -46.34
N ALA E 331 50.52 1.17 -46.12
CA ALA E 331 49.29 1.10 -45.32
C ALA E 331 48.23 1.94 -46.00
N PRO E 332 47.45 1.36 -46.90
CA PRO E 332 46.42 2.12 -47.61
C PRO E 332 45.25 2.46 -46.70
N PRO E 333 44.45 3.47 -47.05
CA PRO E 333 43.27 3.79 -46.22
C PRO E 333 42.15 2.77 -46.30
N GLU E 334 42.19 1.85 -47.27
CA GLU E 334 41.22 0.77 -47.39
C GLU E 334 41.73 -0.52 -46.77
N ARG E 335 42.53 -0.41 -45.69
CA ARG E 335 43.16 -1.55 -45.05
C ARG E 335 42.16 -2.54 -44.47
N LYS E 336 41.00 -2.06 -44.04
CA LYS E 336 40.00 -2.92 -43.44
C LYS E 336 39.36 -3.87 -44.43
N TYR E 337 39.45 -3.58 -45.74
CA TYR E 337 38.80 -4.39 -46.76
C TYR E 337 39.79 -4.95 -47.77
N SER E 338 41.08 -4.99 -47.44
CA SER E 338 42.08 -5.47 -48.40
C SER E 338 41.94 -6.96 -48.68
N VAL E 339 41.49 -7.74 -47.71
CA VAL E 339 41.24 -9.16 -47.96
C VAL E 339 40.05 -9.34 -48.87
N TRP E 340 39.05 -8.46 -48.76
CA TRP E 340 37.90 -8.56 -49.66
C TRP E 340 38.24 -8.05 -51.06
N ILE E 341 38.94 -6.93 -51.15
CA ILE E 341 39.21 -6.28 -52.44
C ILE E 341 40.10 -7.16 -53.30
N GLY E 342 41.13 -7.75 -52.72
CA GLY E 342 41.93 -8.72 -53.44
C GLY E 342 41.24 -10.05 -53.65
N GLY E 343 40.17 -10.32 -52.90
CA GLY E 343 39.37 -11.48 -53.18
C GLY E 343 38.47 -11.31 -54.38
N SER E 344 37.98 -10.09 -54.61
CA SER E 344 37.20 -9.81 -55.81
C SER E 344 38.09 -9.67 -57.04
N ILE E 345 39.35 -9.31 -56.86
CA ILE E 345 40.28 -9.28 -57.98
C ILE E 345 40.61 -10.71 -58.44
N LEU E 346 40.79 -11.62 -57.49
CA LEU E 346 41.13 -13.00 -57.82
C LEU E 346 39.95 -13.72 -58.45
N ALA E 347 38.73 -13.47 -57.97
CA ALA E 347 37.56 -14.12 -58.53
C ALA E 347 37.15 -13.53 -59.87
N SER E 348 37.76 -12.43 -60.30
CA SER E 348 37.45 -11.81 -61.58
C SER E 348 38.49 -12.11 -62.66
N LEU E 349 39.58 -12.79 -62.31
CA LEU E 349 40.58 -13.16 -63.30
C LEU E 349 40.02 -14.23 -64.22
N SER E 350 40.44 -14.18 -65.49
CA SER E 350 40.04 -15.20 -66.45
C SER E 350 40.80 -16.51 -66.25
N THR E 351 41.98 -16.44 -65.65
CA THR E 351 42.76 -17.64 -65.35
C THR E 351 42.16 -18.45 -64.22
N PHE E 352 41.37 -17.82 -63.36
CA PHE E 352 40.92 -18.46 -62.13
C PHE E 352 39.81 -19.48 -62.36
N GLN E 353 39.03 -19.38 -63.44
CA GLN E 353 37.85 -20.23 -63.57
C GLN E 353 38.16 -21.68 -63.91
N GLN E 354 39.42 -22.08 -63.99
CA GLN E 354 39.78 -23.49 -63.99
C GLN E 354 40.24 -23.96 -62.62
N MET E 355 40.15 -23.10 -61.61
CA MET E 355 40.59 -23.44 -60.26
C MET E 355 39.46 -23.56 -59.26
N TRP E 356 38.21 -23.42 -59.68
CA TRP E 356 37.10 -23.66 -58.79
C TRP E 356 36.98 -25.15 -58.47
N ILE E 357 36.38 -25.46 -57.33
CA ILE E 357 36.06 -26.82 -56.95
C ILE E 357 34.58 -27.01 -57.21
N THR E 358 34.25 -27.66 -58.32
CA THR E 358 32.85 -27.85 -58.68
C THR E 358 32.24 -28.98 -57.86
N LYS E 359 30.92 -29.14 -57.99
CA LYS E 359 30.22 -30.11 -57.15
C LYS E 359 30.46 -31.54 -57.60
N GLN E 360 30.63 -31.77 -58.90
CA GLN E 360 30.92 -33.12 -59.36
C GLN E 360 32.34 -33.56 -59.05
N GLU E 361 33.26 -32.62 -58.84
CA GLU E 361 34.57 -32.98 -58.32
C GLU E 361 34.47 -33.33 -56.84
N TYR E 362 33.52 -32.73 -56.13
CA TYR E 362 33.33 -33.03 -54.71
C TYR E 362 32.71 -34.40 -54.50
N ASP E 363 31.93 -34.87 -55.48
CA ASP E 363 31.27 -36.16 -55.34
C ASP E 363 32.21 -37.34 -55.55
N GLU E 364 33.36 -37.11 -56.18
CA GLU E 364 34.33 -38.18 -56.41
C GLU E 364 35.42 -38.23 -55.35
N ALA E 365 35.61 -37.16 -54.60
CA ALA E 365 36.70 -37.09 -53.62
C ALA E 365 36.24 -36.79 -52.20
N GLY E 366 35.04 -36.26 -52.00
CA GLY E 366 34.62 -35.83 -50.69
C GLY E 366 35.29 -34.51 -50.30
N PRO E 367 35.31 -34.21 -49.01
CA PRO E 367 35.89 -32.93 -48.57
C PRO E 367 37.41 -32.88 -48.59
N SER E 368 38.10 -33.95 -48.99
CA SER E 368 39.56 -33.94 -49.07
C SER E 368 40.07 -33.25 -50.32
N ILE E 369 39.19 -32.88 -51.25
CA ILE E 369 39.61 -32.22 -52.48
C ILE E 369 40.05 -30.79 -52.22
N VAL E 370 39.67 -30.20 -51.09
CA VAL E 370 40.01 -28.82 -50.80
C VAL E 370 41.47 -28.66 -50.39
N HIS E 371 42.16 -29.75 -50.04
CA HIS E 371 43.58 -29.67 -49.73
C HIS E 371 44.46 -29.82 -50.96
N ARG E 372 44.00 -30.58 -51.96
CA ARG E 372 44.79 -30.81 -53.16
C ARG E 372 44.56 -29.76 -54.24
N LYS E 373 43.47 -29.00 -54.16
CA LYS E 373 43.18 -27.97 -55.15
C LYS E 373 43.52 -26.57 -54.65
N CYS E 374 43.12 -26.23 -53.43
CA CYS E 374 43.44 -24.93 -52.87
C CYS E 374 44.86 -24.94 -52.30
N THR F 5 15.35 31.09 42.40
CA THR F 5 13.93 30.81 42.19
C THR F 5 13.72 29.34 41.87
N THR F 6 12.49 28.86 42.06
CA THR F 6 12.13 27.47 41.84
C THR F 6 11.10 27.40 40.72
N ALA F 7 11.25 26.42 39.84
CA ALA F 7 10.30 26.25 38.75
C ALA F 7 8.99 25.70 39.28
N LEU F 8 7.91 26.02 38.55
CA LEU F 8 6.58 25.53 38.88
C LEU F 8 6.18 24.43 37.90
N VAL F 9 5.56 23.38 38.43
CA VAL F 9 5.05 22.28 37.61
C VAL F 9 3.55 22.24 37.80
N CYS F 10 2.81 22.55 36.75
CA CYS F 10 1.35 22.53 36.77
C CYS F 10 0.86 21.51 35.75
N ASP F 11 0.11 20.53 36.23
CA ASP F 11 -0.42 19.47 35.38
C ASP F 11 -1.93 19.67 35.30
N ASN F 12 -2.37 20.40 34.28
CA ASN F 12 -3.78 20.70 34.10
C ASN F 12 -4.46 19.49 33.47
N GLY F 13 -5.05 18.66 34.30
CA GLY F 13 -5.83 17.56 33.78
C GLY F 13 -7.23 18.00 33.44
N SER F 14 -7.98 17.07 32.85
CA SER F 14 -9.36 17.35 32.50
C SER F 14 -10.24 17.41 33.74
N GLY F 15 -9.85 16.72 34.81
CA GLY F 15 -10.66 16.69 36.01
C GLY F 15 -10.00 17.28 37.23
N LEU F 16 -8.68 17.19 37.33
CA LEU F 16 -7.94 17.61 38.50
C LEU F 16 -6.74 18.45 38.11
N VAL F 17 -6.43 19.45 38.94
CA VAL F 17 -5.22 20.25 38.79
C VAL F 17 -4.20 19.76 39.79
N LYS F 18 -3.00 19.45 39.31
CA LYS F 18 -1.88 19.04 40.15
C LYS F 18 -0.78 20.08 39.99
N ALA F 19 -0.59 20.91 41.01
CA ALA F 19 0.41 21.95 40.96
C ALA F 19 1.41 21.76 42.10
N GLY F 20 2.56 22.41 41.96
CA GLY F 20 3.59 22.30 42.97
C GLY F 20 4.90 22.86 42.46
N PHE F 21 5.97 22.52 43.16
CA PHE F 21 7.30 23.05 42.88
C PHE F 21 8.23 21.95 42.39
N ALA F 22 9.12 22.33 41.48
CA ALA F 22 10.03 21.38 40.86
C ALA F 22 11.08 20.95 41.87
N GLY F 23 11.17 19.64 42.13
CA GLY F 23 12.09 19.07 43.09
C GLY F 23 11.43 18.26 44.17
N ASP F 24 10.14 18.47 44.42
CA ASP F 24 9.45 17.80 45.51
C ASP F 24 9.00 16.40 45.08
N ASP F 25 8.35 15.69 45.99
CA ASP F 25 7.93 14.32 45.76
C ASP F 25 6.43 14.18 45.56
N ALA F 26 5.65 15.24 45.76
CA ALA F 26 4.21 15.19 45.68
C ALA F 26 3.72 16.59 45.34
N PRO F 27 2.60 16.71 44.62
CA PRO F 27 2.06 18.05 44.34
C PRO F 27 1.51 18.69 45.61
N ARG F 28 1.68 20.01 45.69
CA ARG F 28 1.23 20.73 46.87
C ARG F 28 -0.28 20.98 46.83
N ALA F 29 -0.81 21.33 45.67
CA ALA F 29 -2.21 21.68 45.52
C ALA F 29 -2.88 20.71 44.55
N VAL F 30 -3.85 19.94 45.03
CA VAL F 30 -4.65 19.04 44.21
C VAL F 30 -6.12 19.37 44.46
N PHE F 31 -6.76 19.96 43.48
CA PHE F 31 -8.14 20.41 43.61
C PHE F 31 -8.88 20.12 42.31
N PRO F 32 -10.22 20.02 42.36
CA PRO F 32 -10.98 19.78 41.12
C PRO F 32 -10.93 20.96 40.15
N SER F 33 -10.86 20.62 38.87
CA SER F 33 -10.77 21.61 37.79
C SER F 33 -12.18 21.98 37.33
N ILE F 34 -12.92 22.64 38.21
CA ILE F 34 -14.29 23.07 37.94
C ILE F 34 -14.40 24.56 38.21
N VAL F 35 -15.51 25.14 37.74
CA VAL F 35 -15.94 26.50 38.08
C VAL F 35 -17.44 26.43 38.31
N GLY F 36 -17.88 26.83 39.49
CA GLY F 36 -19.29 26.79 39.87
C GLY F 36 -19.90 28.17 39.90
N ARG F 37 -21.14 28.27 39.41
CA ARG F 37 -21.90 29.51 39.42
C ARG F 37 -23.29 29.24 39.97
N PRO F 38 -23.87 30.17 40.72
CA PRO F 38 -25.15 29.90 41.38
C PRO F 38 -26.32 29.87 40.40
N ARG F 39 -27.30 29.03 40.72
CA ARG F 39 -28.49 28.86 39.91
C ARG F 39 -29.77 29.28 40.60
N HIS F 40 -29.71 29.65 41.88
CA HIS F 40 -30.90 29.98 42.66
C HIS F 40 -30.90 31.47 43.02
N GLN F 41 -31.85 31.87 43.85
CA GLN F 41 -32.13 33.27 44.13
C GLN F 41 -31.54 33.68 45.48
N GLY F 42 -30.73 34.73 45.47
CA GLY F 42 -30.04 35.21 46.66
C GLY F 42 -30.87 36.11 47.54
N VAL F 43 -31.77 35.52 48.34
CA VAL F 43 -32.77 36.31 49.07
C VAL F 43 -32.24 37.02 50.30
N MET F 44 -31.03 36.74 50.75
CA MET F 44 -30.48 37.37 51.94
C MET F 44 -29.39 38.36 51.57
N VAL F 45 -29.43 39.54 52.18
CA VAL F 45 -28.63 40.67 51.76
C VAL F 45 -27.20 40.52 52.30
N GLY F 46 -26.23 40.60 51.39
CA GLY F 46 -24.83 40.59 51.79
C GLY F 46 -24.14 39.27 51.58
N MET F 47 -24.83 38.17 51.91
CA MET F 47 -24.21 36.85 51.85
C MET F 47 -24.06 36.37 50.41
N GLY F 48 -25.17 36.22 49.70
CA GLY F 48 -25.14 35.66 48.36
C GLY F 48 -24.82 36.66 47.28
N GLN F 49 -23.55 37.05 47.15
CA GLN F 49 -23.17 37.95 46.08
C GLN F 49 -21.84 37.55 45.41
N LYS F 50 -21.20 36.48 45.86
CA LYS F 50 -20.09 35.91 45.13
C LYS F 50 -20.61 35.18 43.89
N ASP F 51 -20.03 35.48 42.74
CA ASP F 51 -20.59 35.01 41.47
C ASP F 51 -19.90 33.78 40.90
N SER F 52 -18.75 33.38 41.45
CA SER F 52 -18.01 32.26 40.87
C SER F 52 -17.13 31.62 41.94
N TYR F 53 -17.19 30.30 42.02
CA TYR F 53 -16.36 29.50 42.92
C TYR F 53 -15.51 28.56 42.08
N VAL F 54 -14.29 28.27 42.53
CA VAL F 54 -13.36 27.56 41.65
C VAL F 54 -12.96 26.20 42.20
N GLY F 55 -12.31 26.15 43.35
CA GLY F 55 -11.59 24.93 43.66
C GLY F 55 -12.37 23.92 44.45
N ASP F 56 -11.98 23.73 45.71
CA ASP F 56 -12.73 22.90 46.63
C ASP F 56 -13.96 23.59 47.20
N GLU F 57 -14.04 24.92 47.07
CA GLU F 57 -15.22 25.62 47.55
C GLU F 57 -16.38 25.55 46.58
N ALA F 58 -16.12 25.18 45.32
CA ALA F 58 -17.21 24.85 44.40
C ALA F 58 -17.69 23.42 44.60
N GLN F 59 -16.85 22.56 45.18
CA GLN F 59 -17.23 21.20 45.46
C GLN F 59 -18.00 21.08 46.77
N SER F 60 -17.80 22.02 47.70
CA SER F 60 -18.50 21.99 48.96
C SER F 60 -19.87 22.67 48.89
N LYS F 61 -19.96 23.78 48.16
CA LYS F 61 -21.23 24.48 47.96
C LYS F 61 -21.95 24.03 46.70
N ARG F 62 -21.70 22.81 46.23
CA ARG F 62 -22.18 22.36 44.92
C ARG F 62 -23.69 22.18 44.86
N GLY F 63 -24.39 22.18 45.99
CA GLY F 63 -25.83 21.99 45.96
C GLY F 63 -26.61 23.16 45.42
N ILE F 64 -25.98 24.34 45.35
CA ILE F 64 -26.62 25.54 44.82
C ILE F 64 -25.87 26.08 43.61
N LEU F 65 -25.06 25.23 42.95
CA LEU F 65 -24.20 25.67 41.87
C LEU F 65 -24.42 24.80 40.64
N THR F 66 -24.08 25.36 39.49
CA THR F 66 -23.96 24.63 38.23
C THR F 66 -22.48 24.46 37.95
N LEU F 67 -22.00 23.22 37.95
CA LEU F 67 -20.59 22.94 37.81
C LEU F 67 -20.21 22.77 36.34
N LYS F 68 -19.10 23.38 35.95
CA LYS F 68 -18.62 23.33 34.57
C LYS F 68 -17.14 22.96 34.58
N TYR F 69 -16.77 22.02 33.71
CA TYR F 69 -15.37 21.70 33.50
C TYR F 69 -14.86 22.47 32.29
N PRO F 70 -13.82 23.29 32.42
CA PRO F 70 -13.32 24.03 31.26
C PRO F 70 -12.49 23.21 30.29
N ILE F 71 -12.21 21.95 30.60
CA ILE F 71 -11.42 21.07 29.75
C ILE F 71 -12.21 19.78 29.55
N GLU F 72 -12.60 19.48 28.32
CA GLU F 72 -13.04 18.12 28.03
C GLU F 72 -12.27 17.53 26.87
N HIC F 73 -11.88 16.26 27.05
CA HIC F 73 -11.11 15.47 26.06
C HIC F 73 -9.70 16.04 25.89
O HIC F 73 -9.11 15.82 24.83
CB HIC F 73 -11.86 15.41 24.72
CG HIC F 73 -13.21 14.79 24.82
ND1 HIC F 73 -13.37 13.56 25.44
CD2 HIC F 73 -14.42 15.26 24.41
CE1 HIC F 73 -14.66 13.30 25.38
NE2 HIC F 73 -15.35 14.30 24.77
CZ HIC F 73 -16.78 14.38 24.51
N GLY F 74 -9.19 16.72 26.92
CA GLY F 74 -7.87 17.28 26.87
C GLY F 74 -7.73 18.65 26.23
N ILE F 75 -8.82 19.16 25.69
CA ILE F 75 -8.83 20.42 24.96
C ILE F 75 -9.56 21.46 25.81
N ILE F 76 -8.92 22.62 26.00
CA ILE F 76 -9.53 23.69 26.75
C ILE F 76 -10.60 24.36 25.89
N THR F 77 -11.84 24.32 26.36
CA THR F 77 -12.97 24.86 25.62
C THR F 77 -13.44 26.21 26.13
N ASN F 78 -13.32 26.46 27.43
CA ASN F 78 -13.71 27.73 28.03
C ASN F 78 -12.44 28.42 28.48
N TRP F 79 -12.09 29.52 27.82
CA TRP F 79 -10.85 30.21 28.12
C TRP F 79 -11.02 31.27 29.20
N ASP F 80 -12.23 31.78 29.41
CA ASP F 80 -12.46 32.68 30.54
C ASP F 80 -12.45 31.92 31.84
N ASP F 81 -12.99 30.69 31.85
CA ASP F 81 -13.00 29.85 33.03
C ASP F 81 -11.64 29.22 33.31
N MET F 82 -10.80 29.04 32.29
CA MET F 82 -9.51 28.44 32.51
C MET F 82 -8.53 29.41 33.15
N GLU F 83 -8.68 30.71 32.89
CA GLU F 83 -7.88 31.70 33.58
C GLU F 83 -8.27 31.83 35.04
N LYS F 84 -9.53 31.53 35.38
CA LYS F 84 -9.95 31.52 36.77
C LYS F 84 -9.28 30.41 37.55
N ILE F 85 -9.02 29.27 36.91
CA ILE F 85 -8.37 28.15 37.59
C ILE F 85 -6.87 28.39 37.70
N TRP F 86 -6.26 29.02 36.69
CA TRP F 86 -4.84 29.34 36.77
C TRP F 86 -4.59 30.46 37.76
N HIS F 87 -5.49 31.43 37.85
CA HIS F 87 -5.36 32.48 38.85
C HIS F 87 -5.62 31.94 40.25
N HIS F 88 -6.41 30.88 40.36
CA HIS F 88 -6.64 30.26 41.66
C HIS F 88 -5.43 29.45 42.12
N THR F 89 -4.79 28.72 41.20
CA THR F 89 -3.69 27.85 41.60
C THR F 89 -2.38 28.61 41.80
N PHE F 90 -2.31 29.88 41.39
CA PHE F 90 -1.12 30.66 41.64
C PHE F 90 -1.23 31.43 42.94
N TYR F 91 -2.23 32.29 43.04
CA TYR F 91 -2.32 33.22 44.18
C TYR F 91 -2.94 32.56 45.41
N ASN F 92 -3.93 31.70 45.22
CA ASN F 92 -4.68 31.17 46.35
C ASN F 92 -4.22 29.80 46.80
N GLU F 93 -3.70 28.97 45.90
CA GLU F 93 -3.31 27.62 46.25
C GLU F 93 -1.82 27.48 46.52
N LEU F 94 -0.98 27.95 45.60
CA LEU F 94 0.46 27.92 45.82
C LEU F 94 0.96 29.14 46.56
N ARG F 95 0.23 30.26 46.48
CA ARG F 95 0.56 31.54 47.12
C ARG F 95 1.94 32.05 46.65
N VAL F 96 2.15 32.04 45.34
CA VAL F 96 3.36 32.56 44.74
C VAL F 96 2.97 33.62 43.72
N ALA F 97 3.95 34.45 43.38
CA ALA F 97 3.70 35.33 42.25
C ALA F 97 4.21 34.68 40.96
N PRO F 98 3.44 34.75 39.87
CA PRO F 98 3.85 34.07 38.63
C PRO F 98 5.00 34.75 37.91
N GLU F 99 5.35 35.99 38.28
CA GLU F 99 6.44 36.68 37.60
C GLU F 99 7.82 36.22 38.04
N GLU F 100 7.92 35.47 39.14
CA GLU F 100 9.21 35.06 39.69
C GLU F 100 9.46 33.57 39.55
N HIS F 101 8.69 32.87 38.71
CA HIS F 101 8.80 31.43 38.60
C HIS F 101 8.55 31.01 37.16
N PRO F 102 9.45 30.24 36.57
CA PRO F 102 9.12 29.60 35.28
C PRO F 102 8.19 28.42 35.50
N THR F 103 7.28 28.22 34.55
CA THR F 103 6.16 27.32 34.73
C THR F 103 6.21 26.19 33.70
N LEU F 104 6.18 24.96 34.17
CA LEU F 104 6.14 23.79 33.30
C LEU F 104 4.70 23.32 33.17
N LEU F 105 4.19 23.25 31.94
CA LEU F 105 2.84 22.80 31.66
C LEU F 105 2.88 21.49 30.88
N THR F 106 1.76 20.78 30.88
CA THR F 106 1.67 19.51 30.18
C THR F 106 0.53 19.56 29.15
N GLU F 107 0.52 18.56 28.27
CA GLU F 107 -0.48 18.43 27.24
C GLU F 107 -0.48 16.98 26.78
N ALA F 108 -1.59 16.54 26.18
CA ALA F 108 -1.73 15.23 25.58
C ALA F 108 -1.24 15.27 24.12
N PRO F 109 -0.81 14.15 23.55
CA PRO F 109 -0.43 14.16 22.14
C PRO F 109 -1.65 14.18 21.24
N LEU F 110 -1.41 14.51 19.96
CA LEU F 110 -2.43 14.63 18.92
C LEU F 110 -3.52 15.64 19.27
N ASN F 111 -3.14 16.70 19.95
CA ASN F 111 -4.03 17.73 20.42
C ASN F 111 -4.02 18.85 19.39
N PRO F 112 -5.03 19.74 19.37
CA PRO F 112 -4.97 20.87 18.43
C PRO F 112 -3.85 21.84 18.77
N LYS F 113 -3.29 22.46 17.73
CA LYS F 113 -2.15 23.34 17.92
C LYS F 113 -2.54 24.72 18.42
N ALA F 114 -3.81 25.09 18.29
CA ALA F 114 -4.28 26.33 18.89
C ALA F 114 -4.43 26.23 20.39
N ASN F 115 -4.52 25.00 20.93
CA ASN F 115 -4.60 24.82 22.36
C ASN F 115 -3.27 25.14 23.03
N ARG F 116 -2.16 24.84 22.36
CA ARG F 116 -0.83 25.11 22.89
C ARG F 116 -0.33 26.50 22.57
N GLU F 117 -0.92 27.18 21.59
CA GLU F 117 -0.54 28.55 21.30
C GLU F 117 -1.26 29.54 22.19
N LYS F 118 -2.50 29.22 22.56
CA LYS F 118 -3.25 30.10 23.44
C LYS F 118 -2.77 30.01 24.88
N MET F 119 -2.41 28.83 25.36
CA MET F 119 -1.94 28.72 26.73
C MET F 119 -0.53 29.23 26.89
N THR F 120 0.20 29.41 25.79
CA THR F 120 1.45 30.15 25.84
C THR F 120 1.18 31.64 25.96
N GLN F 121 0.14 32.13 25.29
CA GLN F 121 -0.19 33.54 25.33
C GLN F 121 -0.78 33.95 26.67
N ILE F 122 -1.54 33.06 27.32
CA ILE F 122 -2.10 33.39 28.64
C ILE F 122 -0.99 33.45 29.68
N MET F 123 0.04 32.61 29.54
CA MET F 123 1.13 32.60 30.52
C MET F 123 2.04 33.81 30.36
N PHE F 124 2.24 34.28 29.13
CA PHE F 124 3.19 35.34 28.85
C PHE F 124 2.58 36.74 28.85
N GLU F 125 1.26 36.86 28.71
CA GLU F 125 0.64 38.17 28.57
C GLU F 125 -0.42 38.47 29.62
N THR F 126 -0.81 37.50 30.44
CA THR F 126 -1.74 37.73 31.54
C THR F 126 -1.09 37.48 32.89
N PHE F 127 -0.34 36.40 33.02
CA PHE F 127 0.34 36.09 34.27
C PHE F 127 1.81 36.50 34.26
N ASN F 128 2.38 36.77 33.08
CA ASN F 128 3.71 37.37 32.91
C ASN F 128 4.82 36.53 33.54
N VAL F 129 4.86 35.25 33.16
CA VAL F 129 5.88 34.35 33.69
C VAL F 129 7.20 34.65 32.97
N PRO F 130 8.35 34.38 33.57
CA PRO F 130 9.61 34.62 32.86
C PRO F 130 9.89 33.60 31.77
N ALA F 131 9.50 32.34 31.95
CA ALA F 131 9.75 31.30 30.97
C ALA F 131 8.70 30.22 31.14
N MET F 132 8.57 29.38 30.11
CA MET F 132 7.61 28.28 30.15
C MET F 132 8.03 27.20 29.17
N TYR F 133 7.34 26.06 29.27
CA TYR F 133 7.60 24.89 28.44
C TYR F 133 6.39 23.96 28.56
N VAL F 134 6.01 23.34 27.45
CA VAL F 134 4.90 22.40 27.41
C VAL F 134 5.46 21.02 27.08
N ALA F 135 5.13 20.02 27.90
CA ALA F 135 5.67 18.69 27.75
C ALA F 135 4.54 17.68 27.53
N ILE F 136 4.88 16.58 26.88
CA ILE F 136 3.91 15.52 26.64
C ILE F 136 3.75 14.70 27.92
N GLN F 137 2.50 14.38 28.25
CA GLN F 137 2.19 13.73 29.52
C GLN F 137 2.74 12.33 29.62
N ALA F 138 2.79 11.59 28.52
CA ALA F 138 3.26 10.21 28.61
C ALA F 138 4.78 10.13 28.59
N VAL F 139 5.47 11.18 28.17
CA VAL F 139 6.92 11.20 28.32
C VAL F 139 7.28 11.42 29.78
N LEU F 140 6.53 12.27 30.48
CA LEU F 140 6.76 12.52 31.89
C LEU F 140 6.42 11.33 32.77
N SER F 141 5.51 10.45 32.33
CA SER F 141 5.23 9.24 33.09
C SER F 141 6.32 8.20 32.97
N LEU F 142 7.24 8.36 32.02
CA LEU F 142 8.40 7.50 31.92
C LEU F 142 9.57 7.98 32.75
N TYR F 143 9.67 9.30 32.97
CA TYR F 143 10.66 9.83 33.91
C TYR F 143 10.39 9.36 35.33
N ALA F 144 9.12 9.27 35.71
CA ALA F 144 8.71 8.95 37.06
C ALA F 144 8.64 7.45 37.32
N SER F 145 9.22 6.63 36.45
CA SER F 145 9.24 5.20 36.65
C SER F 145 10.64 4.63 36.71
N GLY F 146 11.67 5.46 36.56
CA GLY F 146 13.02 4.96 36.52
C GLY F 146 13.36 4.19 35.28
N ARG F 147 12.87 4.65 34.13
CA ARG F 147 13.08 3.94 32.87
C ARG F 147 13.38 4.95 31.78
N THR F 148 14.00 4.44 30.71
CA THR F 148 14.14 5.18 29.47
C THR F 148 13.54 4.40 28.30
N THR F 149 12.85 3.30 28.57
CA THR F 149 12.35 2.42 27.53
C THR F 149 11.06 1.77 28.02
N GLY F 150 10.00 1.90 27.25
CA GLY F 150 8.74 1.27 27.57
C GLY F 150 7.60 2.06 26.97
N ILE F 151 6.47 1.38 26.80
CA ILE F 151 5.29 1.99 26.22
C ILE F 151 4.34 2.39 27.35
N VAL F 152 3.95 3.65 27.38
CA VAL F 152 3.16 4.23 28.44
C VAL F 152 1.68 4.15 28.08
N LEU F 153 0.85 3.81 29.05
CA LEU F 153 -0.60 3.91 28.92
C LEU F 153 -1.09 4.92 29.96
N ASP F 154 -1.46 6.10 29.50
CA ASP F 154 -1.94 7.17 30.37
C ASP F 154 -3.43 7.35 30.16
N SER F 155 -4.20 7.17 31.22
CA SER F 155 -5.66 7.27 31.16
C SER F 155 -6.12 8.16 32.31
N GLY F 156 -6.68 9.32 31.98
CA GLY F 156 -7.10 10.24 33.02
C GLY F 156 -8.59 10.49 33.04
N ASP F 157 -8.99 11.73 32.80
CA ASP F 157 -10.39 12.09 32.81
C ASP F 157 -10.96 12.35 31.43
N GLY F 158 -10.14 12.63 30.43
CA GLY F 158 -10.65 12.78 29.08
C GLY F 158 -10.02 11.97 27.98
N VAL F 159 -8.75 11.60 28.14
CA VAL F 159 -7.93 11.04 27.05
C VAL F 159 -7.28 9.76 27.56
N THR F 160 -7.19 8.76 26.68
CA THR F 160 -6.37 7.56 26.92
C THR F 160 -5.40 7.42 25.76
N HIS F 161 -4.12 7.65 26.00
CA HIS F 161 -3.13 7.64 24.92
C HIS F 161 -1.98 6.69 25.22
N ASN F 162 -1.43 6.11 24.14
CA ASN F 162 -0.28 5.23 24.19
C ASN F 162 0.90 5.90 23.50
N VAL F 163 2.07 5.84 24.14
CA VAL F 163 3.30 6.39 23.55
C VAL F 163 4.42 5.38 23.73
N PRO F 164 5.01 4.86 22.63
CA PRO F 164 6.20 4.01 22.77
C PRO F 164 7.49 4.81 22.74
N ILE F 165 8.40 4.54 23.67
CA ILE F 165 9.68 5.23 23.77
C ILE F 165 10.77 4.18 23.96
N TYR F 166 11.81 4.24 23.14
CA TYR F 166 12.93 3.31 23.21
C TYR F 166 14.22 4.10 23.33
N GLU F 167 14.87 4.01 24.50
CA GLU F 167 16.14 4.67 24.83
C GLU F 167 16.07 6.18 24.66
N GLY F 168 14.91 6.78 24.89
CA GLY F 168 14.75 8.20 24.74
C GLY F 168 14.26 8.66 23.40
N TYR F 169 13.94 7.75 22.49
CA TYR F 169 13.42 8.09 21.17
C TYR F 169 11.97 7.64 21.11
N ALA F 170 11.07 8.56 20.78
CA ALA F 170 9.68 8.20 20.57
C ALA F 170 9.46 7.83 19.11
N LEU F 171 8.45 7.02 18.89
CA LEU F 171 8.05 6.59 17.55
C LEU F 171 6.69 7.21 17.28
N PRO F 172 6.64 8.43 16.72
CA PRO F 172 5.38 9.18 16.68
C PRO F 172 4.36 8.65 15.71
N HIS F 173 4.72 7.74 14.82
CA HIS F 173 3.73 7.08 13.97
C HIS F 173 2.97 6.01 14.72
N ALA F 174 3.47 5.57 15.87
CA ALA F 174 2.83 4.54 16.66
C ALA F 174 2.11 5.08 17.87
N ILE F 175 2.05 6.40 18.04
CA ILE F 175 1.33 7.00 19.15
C ILE F 175 -0.17 6.89 18.90
N MET F 176 -0.88 6.33 19.87
CA MET F 176 -2.32 6.18 19.81
C MET F 176 -2.99 7.22 20.69
N ARG F 177 -4.28 7.43 20.46
CA ARG F 177 -5.08 8.33 21.29
C ARG F 177 -6.53 7.90 21.19
N LEU F 178 -7.16 7.73 22.35
CA LEU F 178 -8.55 7.33 22.42
C LEU F 178 -9.26 8.27 23.37
N ASP F 179 -10.37 8.86 22.93
CA ASP F 179 -11.13 9.81 23.74
C ASP F 179 -12.18 9.06 24.55
N LEU F 180 -11.67 8.30 25.52
CA LEU F 180 -12.51 7.55 26.45
C LEU F 180 -11.71 7.41 27.73
N ALA F 181 -12.26 7.92 28.82
CA ALA F 181 -11.56 7.98 30.10
C ALA F 181 -12.60 8.10 31.19
N GLY F 182 -12.18 8.55 32.37
CA GLY F 182 -13.00 8.47 33.57
C GLY F 182 -14.26 9.32 33.56
N ARG F 183 -14.34 10.33 32.70
CA ARG F 183 -15.60 11.07 32.63
C ARG F 183 -16.63 10.35 31.77
N ASP F 184 -16.18 9.55 30.81
CA ASP F 184 -17.08 8.75 30.01
C ASP F 184 -17.53 7.49 30.72
N LEU F 185 -16.86 7.13 31.81
CA LEU F 185 -17.30 6.02 32.66
C LEU F 185 -18.23 6.50 33.76
N THR F 186 -18.13 7.76 34.16
CA THR F 186 -19.11 8.32 35.09
C THR F 186 -20.47 8.46 34.43
N ASP F 187 -20.50 8.89 33.16
CA ASP F 187 -21.75 9.02 32.44
C ASP F 187 -22.37 7.67 32.13
N TYR F 188 -21.56 6.64 31.89
CA TYR F 188 -22.11 5.32 31.63
C TYR F 188 -22.64 4.69 32.90
N LEU F 189 -21.99 4.95 34.03
CA LEU F 189 -22.47 4.42 35.31
C LEU F 189 -23.77 5.09 35.71
N MET F 190 -23.92 6.39 35.41
CA MET F 190 -25.18 7.09 35.65
C MET F 190 -26.32 6.52 34.82
N LYS F 191 -26.01 5.97 33.65
CA LYS F 191 -27.04 5.44 32.76
C LYS F 191 -27.49 4.05 33.19
N ILE F 192 -26.57 3.23 33.72
CA ILE F 192 -26.92 1.90 34.18
C ILE F 192 -27.33 1.87 35.63
N LEU F 193 -27.31 3.01 36.31
CA LEU F 193 -27.90 3.10 37.64
C LEU F 193 -29.41 3.31 37.57
N THR F 194 -29.94 3.70 36.41
CA THR F 194 -31.38 3.83 36.25
C THR F 194 -32.07 2.49 36.21
N GLU F 195 -31.34 1.41 35.95
CA GLU F 195 -31.94 0.07 35.98
C GLU F 195 -32.27 -0.39 37.39
N ARG F 196 -31.66 0.20 38.40
CA ARG F 196 -31.96 -0.10 39.79
C ARG F 196 -32.92 0.89 40.41
N GLY F 197 -33.30 1.93 39.68
CA GLY F 197 -34.22 2.92 40.18
C GLY F 197 -33.60 4.16 40.76
N TYR F 198 -32.32 4.39 40.55
CA TYR F 198 -31.63 5.57 41.05
C TYR F 198 -31.43 6.55 39.90
N SER F 199 -31.72 7.82 40.15
CA SER F 199 -31.68 8.84 39.10
C SER F 199 -30.80 9.99 39.55
N PHE F 200 -29.67 10.17 38.87
CA PHE F 200 -28.75 11.28 39.09
C PHE F 200 -28.69 12.07 37.79
N VAL F 201 -29.21 13.30 37.80
CA VAL F 201 -29.31 14.07 36.57
C VAL F 201 -28.55 15.39 36.68
N THR F 202 -28.39 15.88 37.90
CA THR F 202 -27.76 17.18 38.14
C THR F 202 -26.25 17.06 37.96
N THR F 203 -25.61 18.17 37.61
CA THR F 203 -24.15 18.21 37.56
C THR F 203 -23.52 18.06 38.94
N ALA F 204 -24.25 18.46 39.98
CA ALA F 204 -23.82 18.20 41.35
C ALA F 204 -24.04 16.75 41.74
N GLU F 205 -25.05 16.09 41.16
CA GLU F 205 -25.23 14.67 41.36
C GLU F 205 -24.27 13.83 40.53
N ARG F 206 -23.64 14.43 39.51
CA ARG F 206 -22.57 13.75 38.78
C ARG F 206 -21.33 13.57 39.64
N GLU F 207 -21.10 14.48 40.60
CA GLU F 207 -19.97 14.32 41.50
C GLU F 207 -20.21 13.26 42.56
N ILE F 208 -21.47 12.85 42.77
CA ILE F 208 -21.76 11.79 43.72
C ILE F 208 -21.53 10.42 43.08
N VAL F 209 -21.88 10.27 41.80
CA VAL F 209 -21.66 9.02 41.09
C VAL F 209 -20.18 8.81 40.81
N ARG F 210 -19.42 9.89 40.74
CA ARG F 210 -17.97 9.77 40.63
C ARG F 210 -17.35 9.22 41.91
N ASP F 211 -17.93 9.51 43.07
CA ASP F 211 -17.45 8.90 44.29
C ASP F 211 -17.88 7.45 44.42
N ILE F 212 -19.01 7.07 43.83
CA ILE F 212 -19.38 5.66 43.79
C ILE F 212 -18.46 4.89 42.87
N LYS F 213 -18.05 5.52 41.76
CA LYS F 213 -17.14 4.89 40.80
C LYS F 213 -15.76 4.68 41.42
N GLU F 214 -15.29 5.62 42.22
CA GLU F 214 -13.97 5.54 42.81
C GLU F 214 -13.91 4.64 44.04
N LYS F 215 -15.03 4.12 44.51
CA LYS F 215 -15.04 3.34 45.73
C LYS F 215 -15.56 1.92 45.57
N LEU F 216 -16.51 1.69 44.68
CA LEU F 216 -17.13 0.37 44.59
C LEU F 216 -16.83 -0.36 43.29
N CYS F 217 -16.14 0.26 42.35
CA CYS F 217 -15.93 -0.34 41.04
C CYS F 217 -14.59 -1.04 40.96
N TYR F 218 -14.54 -2.10 40.16
CA TYR F 218 -13.33 -2.88 39.94
C TYR F 218 -13.39 -3.49 38.55
N VAL F 219 -12.29 -4.12 38.14
CA VAL F 219 -12.17 -4.72 36.82
C VAL F 219 -12.17 -6.24 36.98
N ALA F 220 -13.11 -6.89 36.31
CA ALA F 220 -13.23 -8.34 36.36
C ALA F 220 -12.16 -9.00 35.51
N LEU F 221 -11.62 -10.12 36.00
CA LEU F 221 -10.60 -10.83 35.25
C LEU F 221 -11.21 -11.59 34.08
N ASP F 222 -12.33 -12.25 34.30
CA ASP F 222 -13.14 -12.81 33.22
C ASP F 222 -14.52 -12.21 33.35
N PHE F 223 -14.95 -11.48 32.32
CA PHE F 223 -16.18 -10.70 32.43
C PHE F 223 -17.42 -11.59 32.38
N GLU F 224 -17.39 -12.65 31.58
CA GLU F 224 -18.56 -13.49 31.44
C GLU F 224 -18.76 -14.43 32.62
N ASN F 225 -17.73 -14.65 33.44
CA ASN F 225 -17.90 -15.43 34.65
C ASN F 225 -18.52 -14.58 35.76
N GLU F 226 -18.10 -13.33 35.87
CA GLU F 226 -18.66 -12.44 36.88
C GLU F 226 -20.09 -12.05 36.57
N MET F 227 -20.47 -12.03 35.29
CA MET F 227 -21.85 -11.74 34.94
C MET F 227 -22.77 -12.90 35.27
N ALA F 228 -22.24 -14.11 35.34
CA ALA F 228 -23.01 -15.27 35.79
C ALA F 228 -22.92 -15.47 37.30
N THR F 229 -21.83 -15.02 37.91
CA THR F 229 -21.70 -15.11 39.37
C THR F 229 -22.66 -14.15 40.06
N ALA F 230 -22.77 -12.93 39.54
CA ALA F 230 -23.65 -11.92 40.14
C ALA F 230 -25.13 -12.26 39.99
N ALA F 231 -25.48 -13.09 39.02
CA ALA F 231 -26.88 -13.48 38.87
C ALA F 231 -27.25 -14.65 39.78
N SER F 232 -26.30 -15.52 40.10
CA SER F 232 -26.57 -16.66 40.96
C SER F 232 -26.38 -16.35 42.43
N SER F 233 -25.37 -15.56 42.77
CA SER F 233 -25.05 -15.23 44.15
C SER F 233 -25.61 -13.84 44.48
N SER F 234 -25.29 -13.39 45.70
CA SER F 234 -25.52 -12.01 46.10
C SER F 234 -24.36 -11.46 46.90
N SER F 235 -23.16 -12.02 46.71
CA SER F 235 -21.96 -11.62 47.44
C SER F 235 -21.23 -10.48 46.77
N LEU F 236 -21.59 -10.13 45.53
CA LEU F 236 -20.99 -9.01 44.82
C LEU F 236 -21.69 -7.70 45.09
N GLU F 237 -22.75 -7.72 45.88
CA GLU F 237 -23.48 -6.51 46.22
C GLU F 237 -22.69 -5.67 47.23
N LYS F 238 -22.83 -4.36 47.12
CA LYS F 238 -22.25 -3.44 48.10
C LYS F 238 -23.19 -2.27 48.26
N SER F 239 -23.03 -1.54 49.35
CA SER F 239 -23.92 -0.45 49.70
C SER F 239 -23.14 0.85 49.81
N TYR F 240 -23.81 1.94 49.43
CA TYR F 240 -23.24 3.27 49.49
C TYR F 240 -24.28 4.21 50.07
N GLU F 241 -23.86 5.11 50.94
CA GLU F 241 -24.76 6.03 51.61
C GLU F 241 -24.67 7.40 50.95
N LEU F 242 -25.81 7.88 50.46
CA LEU F 242 -25.88 9.16 49.78
C LEU F 242 -25.76 10.30 50.81
N PRO F 243 -25.47 11.53 50.34
CA PRO F 243 -25.44 12.66 51.28
C PRO F 243 -26.78 13.00 51.91
N ASP F 244 -27.89 12.59 51.30
CA ASP F 244 -29.20 12.82 51.90
C ASP F 244 -29.42 11.92 53.11
N GLY F 245 -28.78 10.75 53.11
CA GLY F 245 -29.02 9.73 54.13
C GLY F 245 -29.56 8.44 53.58
N GLN F 246 -29.90 8.38 52.30
CA GLN F 246 -30.40 7.16 51.69
C GLN F 246 -29.25 6.20 51.43
N VAL F 247 -29.59 4.94 51.16
CA VAL F 247 -28.62 3.88 50.91
C VAL F 247 -28.98 3.23 49.59
N ILE F 248 -28.04 3.20 48.67
CA ILE F 248 -28.21 2.51 47.40
C ILE F 248 -27.42 1.21 47.46
N THR F 249 -27.75 0.28 46.56
CA THR F 249 -27.16 -1.05 46.57
C THR F 249 -26.87 -1.45 45.13
N ILE F 250 -25.59 -1.59 44.79
CA ILE F 250 -25.17 -1.99 43.45
C ILE F 250 -24.38 -3.28 43.56
N GLY F 251 -24.68 -4.23 42.67
CA GLY F 251 -23.90 -5.45 42.65
C GLY F 251 -23.35 -5.83 41.31
N ASN F 252 -24.03 -5.43 40.25
CA ASN F 252 -23.65 -5.81 38.89
C ASN F 252 -22.92 -4.70 38.16
N GLU F 253 -23.21 -3.46 38.52
CA GLU F 253 -22.65 -2.28 37.89
C GLU F 253 -21.26 -1.94 38.39
N ARG F 254 -20.71 -2.77 39.28
CA ARG F 254 -19.39 -2.50 39.81
C ARG F 254 -18.31 -2.89 38.82
N PHE F 255 -18.48 -3.99 38.10
CA PHE F 255 -17.51 -4.37 37.08
C PHE F 255 -17.96 -4.04 35.67
N ARG F 256 -19.23 -3.73 35.46
CA ARG F 256 -19.71 -3.37 34.14
C ARG F 256 -19.34 -1.95 33.75
N CYS F 257 -19.07 -1.07 34.71
CA CYS F 257 -18.63 0.27 34.36
C CYS F 257 -17.19 0.30 33.84
N PRO F 258 -16.18 -0.33 34.49
CA PRO F 258 -14.84 -0.30 33.89
C PRO F 258 -14.63 -1.29 32.75
N GLU F 259 -15.62 -2.09 32.37
CA GLU F 259 -15.49 -2.94 31.19
C GLU F 259 -15.56 -2.14 29.90
N THR F 260 -16.06 -0.90 29.96
CA THR F 260 -16.09 -0.01 28.81
C THR F 260 -14.69 0.34 28.34
N LEU F 261 -13.67 0.25 29.20
CA LEU F 261 -12.29 0.39 28.77
C LEU F 261 -11.85 -0.77 27.90
N PHE F 262 -12.39 -1.97 28.14
CA PHE F 262 -12.00 -3.15 27.39
C PHE F 262 -13.00 -3.54 26.31
N GLN F 263 -14.24 -3.06 26.40
CA GLN F 263 -15.23 -3.19 25.34
C GLN F 263 -15.88 -1.82 25.17
N PRO F 264 -15.32 -0.95 24.32
CA PRO F 264 -15.89 0.38 24.12
C PRO F 264 -17.21 0.40 23.36
N SER F 265 -17.71 -0.76 22.93
CA SER F 265 -19.04 -0.90 22.35
C SER F 265 -20.15 -0.58 23.34
N PHE F 266 -19.86 -0.59 24.64
CA PHE F 266 -20.88 -0.37 25.66
C PHE F 266 -21.42 1.05 25.65
N ILE F 267 -20.66 2.01 25.14
CA ILE F 267 -21.11 3.38 25.01
C ILE F 267 -21.25 3.79 23.54
N GLY F 268 -21.27 2.84 22.64
CA GLY F 268 -21.47 3.14 21.23
C GLY F 268 -20.27 3.62 20.47
N MET F 269 -19.08 3.14 20.81
CA MET F 269 -17.87 3.49 20.09
C MET F 269 -17.35 2.29 19.31
N GLU F 270 -16.76 2.55 18.17
CA GLU F 270 -16.24 1.51 17.29
C GLU F 270 -14.79 1.16 17.61
N SER F 271 -14.15 1.90 18.51
CA SER F 271 -12.74 1.71 18.82
C SER F 271 -12.50 0.38 19.53
N ALA F 272 -11.23 0.00 19.59
CA ALA F 272 -10.82 -1.19 20.31
C ALA F 272 -10.47 -0.82 21.75
N GLY F 273 -10.38 -1.84 22.59
CA GLY F 273 -10.08 -1.62 23.98
C GLY F 273 -8.65 -1.20 24.21
N ILE F 274 -8.34 -0.87 25.47
CA ILE F 274 -7.01 -0.40 25.81
C ILE F 274 -5.97 -1.51 25.78
N HIS F 275 -6.39 -2.77 25.75
CA HIS F 275 -5.46 -3.86 25.58
C HIS F 275 -5.11 -4.10 24.11
N GLU F 276 -6.03 -3.80 23.20
CA GLU F 276 -5.79 -3.93 21.77
C GLU F 276 -5.15 -2.69 21.19
N THR F 277 -5.41 -1.53 21.79
CA THR F 277 -4.74 -0.31 21.40
C THR F 277 -3.26 -0.37 21.77
N THR F 278 -2.94 -0.99 22.90
CA THR F 278 -1.55 -1.15 23.32
C THR F 278 -0.81 -2.13 22.43
N TYR F 279 -1.47 -3.23 22.06
CA TYR F 279 -0.82 -4.23 21.22
C TYR F 279 -0.63 -3.73 19.80
N ASN F 280 -1.60 -2.97 19.27
CA ASN F 280 -1.46 -2.38 17.94
C ASN F 280 -0.38 -1.30 17.92
N SER F 281 -0.13 -0.65 19.04
CA SER F 281 0.92 0.36 19.09
C SER F 281 2.30 -0.28 19.18
N ILE F 282 2.40 -1.48 19.75
CA ILE F 282 3.66 -2.21 19.76
C ILE F 282 3.99 -2.72 18.37
N MET F 283 3.00 -3.25 17.66
CA MET F 283 3.22 -3.83 16.35
C MET F 283 3.43 -2.79 15.26
N LYS F 284 3.16 -1.52 15.52
CA LYS F 284 3.55 -0.46 14.60
C LYS F 284 5.02 -0.09 14.74
N CYS F 285 5.66 -0.53 15.80
CA CYS F 285 7.06 -0.27 16.04
C CYS F 285 7.93 -1.33 15.37
N ASP F 286 9.23 -1.12 15.44
CA ASP F 286 10.16 -2.00 14.76
C ASP F 286 10.34 -3.30 15.53
N ILE F 287 10.68 -4.36 14.80
CA ILE F 287 10.63 -5.71 15.36
C ILE F 287 11.75 -5.92 16.39
N ASP F 288 12.83 -5.17 16.28
CA ASP F 288 13.94 -5.31 17.21
C ASP F 288 13.69 -4.66 18.55
N ILE F 289 12.74 -3.74 18.65
CA ILE F 289 12.43 -3.09 19.91
C ILE F 289 11.15 -3.60 20.54
N ARG F 290 10.46 -4.54 19.90
CA ARG F 290 9.19 -5.03 20.42
C ARG F 290 9.36 -5.86 21.68
N LYS F 291 10.50 -6.54 21.84
CA LYS F 291 10.72 -7.34 23.03
C LYS F 291 10.92 -6.48 24.26
N ASP F 292 11.58 -5.34 24.11
CA ASP F 292 11.77 -4.43 25.24
C ASP F 292 10.57 -3.54 25.49
N LEU F 293 9.51 -3.65 24.71
CA LEU F 293 8.26 -2.95 24.99
C LEU F 293 7.23 -3.85 25.64
N TYR F 294 7.24 -5.15 25.35
CA TYR F 294 6.36 -6.08 26.02
C TYR F 294 6.69 -6.21 27.50
N ALA F 295 7.96 -6.07 27.85
CA ALA F 295 8.41 -6.23 29.22
C ALA F 295 8.35 -4.93 30.03
N ASN F 296 7.93 -3.83 29.42
CA ASN F 296 7.80 -2.55 30.10
C ASN F 296 6.50 -1.91 29.65
N ASN F 297 5.42 -2.18 30.38
CA ASN F 297 4.10 -1.62 30.10
C ASN F 297 3.73 -0.70 31.26
N VAL F 298 4.12 0.57 31.16
CA VAL F 298 3.90 1.52 32.24
C VAL F 298 2.46 2.03 32.18
N MET F 299 1.72 1.87 33.28
CA MET F 299 0.39 2.44 33.42
C MET F 299 0.44 3.70 34.26
N SER F 300 -0.29 4.73 33.83
CA SER F 300 -0.28 6.02 34.48
C SER F 300 -1.68 6.60 34.50
N GLY F 301 -1.91 7.53 35.42
CA GLY F 301 -3.16 8.25 35.48
C GLY F 301 -4.20 7.59 36.38
N GLY F 302 -5.27 8.34 36.64
CA GLY F 302 -6.25 7.95 37.64
C GLY F 302 -7.21 6.86 37.20
N THR F 303 -7.47 6.73 35.91
CA THR F 303 -8.37 5.69 35.42
C THR F 303 -7.72 4.31 35.45
N THR F 304 -6.41 4.24 35.64
CA THR F 304 -5.71 2.99 35.83
C THR F 304 -5.64 2.56 37.29
N MET F 305 -6.54 3.05 38.14
CA MET F 305 -6.50 2.78 39.57
C MET F 305 -7.60 1.85 40.03
N TYR F 306 -8.26 1.15 39.11
CA TYR F 306 -9.25 0.18 39.51
C TYR F 306 -8.57 -1.07 40.09
N PRO F 307 -9.20 -1.73 41.04
CA PRO F 307 -8.70 -3.04 41.49
C PRO F 307 -8.84 -4.07 40.38
N GLY F 308 -7.71 -4.58 39.92
CA GLY F 308 -7.70 -5.63 38.91
C GLY F 308 -7.44 -5.16 37.50
N ILE F 309 -7.07 -3.89 37.30
CA ILE F 309 -6.83 -3.39 35.96
C ILE F 309 -5.52 -3.94 35.40
N ALA F 310 -4.54 -4.22 36.26
CA ALA F 310 -3.23 -4.65 35.81
C ALA F 310 -3.12 -6.15 35.65
N ASP F 311 -3.93 -6.93 36.37
CA ASP F 311 -4.00 -8.36 36.12
C ASP F 311 -4.88 -8.69 34.92
N ARG F 312 -5.78 -7.78 34.56
CA ARG F 312 -6.58 -7.94 33.35
C ARG F 312 -5.80 -7.53 32.11
N MET F 313 -4.94 -6.52 32.24
CA MET F 313 -4.09 -6.12 31.12
C MET F 313 -3.04 -7.16 30.81
N GLN F 314 -2.62 -7.93 31.81
CA GLN F 314 -1.66 -8.99 31.57
C GLN F 314 -2.29 -10.18 30.89
N LYS F 315 -3.55 -10.49 31.20
CA LYS F 315 -4.22 -11.61 30.56
C LYS F 315 -4.51 -11.33 29.09
N GLU F 316 -4.88 -10.09 28.77
CA GLU F 316 -5.34 -9.79 27.42
C GLU F 316 -4.19 -9.55 26.45
N ILE F 317 -3.07 -8.98 26.92
CA ILE F 317 -1.93 -8.78 26.03
C ILE F 317 -1.20 -10.10 25.78
N THR F 318 -1.15 -10.98 26.77
CA THR F 318 -0.56 -12.32 26.59
C THR F 318 -1.33 -13.15 25.58
N ALA F 319 -2.64 -12.93 25.45
CA ALA F 319 -3.42 -13.63 24.44
C ALA F 319 -3.17 -13.09 23.04
N LEU F 320 -2.55 -11.92 22.90
CA LEU F 320 -2.19 -11.36 21.60
C LEU F 320 -0.71 -11.48 21.30
N ALA F 321 0.14 -11.48 22.32
CA ALA F 321 1.58 -11.57 22.17
C ALA F 321 1.98 -12.96 21.64
N PRO F 322 3.19 -13.11 21.06
CA PRO F 322 3.54 -14.39 20.42
C PRO F 322 3.98 -15.52 21.34
N SER F 323 3.69 -15.44 22.64
CA SER F 323 3.74 -16.53 23.63
C SER F 323 5.14 -16.95 24.06
N THR F 324 6.19 -16.41 23.48
CA THR F 324 7.53 -16.58 24.03
C THR F 324 8.07 -15.31 24.64
N MET F 325 7.35 -14.20 24.49
CA MET F 325 7.68 -12.95 25.14
C MET F 325 7.08 -12.93 26.54
N LYS F 326 7.76 -12.25 27.45
CA LYS F 326 7.21 -12.03 28.79
C LYS F 326 6.55 -10.67 28.82
N ILE F 327 5.34 -10.62 29.37
CA ILE F 327 4.59 -9.38 29.51
C ILE F 327 4.69 -8.96 30.97
N LYS F 328 5.03 -7.69 31.18
CA LYS F 328 5.12 -7.16 32.53
C LYS F 328 4.51 -5.77 32.52
N ILE F 329 3.50 -5.57 33.35
CA ILE F 329 2.84 -4.28 33.49
C ILE F 329 3.35 -3.62 34.77
N ILE F 330 3.91 -2.43 34.63
CA ILE F 330 4.43 -1.66 35.74
C ILE F 330 3.36 -0.67 36.15
N ALA F 331 2.76 -0.88 37.31
CA ALA F 331 1.72 -0.03 37.85
C ALA F 331 2.09 0.33 39.28
N PRO F 332 2.82 1.42 39.49
CA PRO F 332 3.20 1.82 40.85
C PRO F 332 2.00 2.31 41.64
N PRO F 333 2.10 2.36 42.97
CA PRO F 333 0.96 2.88 43.75
C PRO F 333 0.75 4.38 43.61
N GLU F 334 1.75 5.13 43.14
CA GLU F 334 1.64 6.56 42.95
C GLU F 334 1.25 6.93 41.52
N ARG F 335 0.43 6.09 40.88
CA ARG F 335 0.06 6.24 39.48
C ARG F 335 -0.66 7.55 39.19
N LYS F 336 -1.42 8.06 40.15
CA LYS F 336 -2.22 9.26 39.92
C LYS F 336 -1.38 10.51 39.78
N TYR F 337 -0.14 10.50 40.26
CA TYR F 337 0.72 11.68 40.24
C TYR F 337 1.99 11.47 39.44
N SER F 338 2.04 10.44 38.60
CA SER F 338 3.27 10.13 37.89
C SER F 338 3.58 11.14 36.80
N VAL F 339 2.55 11.77 36.22
CA VAL F 339 2.79 12.84 35.27
C VAL F 339 3.32 14.08 35.98
N TRP F 340 2.96 14.28 37.25
CA TRP F 340 3.52 15.40 37.98
C TRP F 340 4.93 15.09 38.46
N ILE F 341 5.15 13.89 38.99
CA ILE F 341 6.45 13.51 39.55
C ILE F 341 7.52 13.52 38.48
N GLY F 342 7.21 13.03 37.29
CA GLY F 342 8.14 13.13 36.19
C GLY F 342 8.27 14.52 35.62
N GLY F 343 7.31 15.40 35.89
CA GLY F 343 7.45 16.79 35.52
C GLY F 343 8.35 17.56 36.46
N SER F 344 8.43 17.13 37.72
CA SER F 344 9.37 17.73 38.66
C SER F 344 10.77 17.18 38.49
N ILE F 345 10.92 15.99 37.92
CA ILE F 345 12.24 15.48 37.57
C ILE F 345 12.80 16.27 36.39
N LEU F 346 11.98 16.48 35.36
CA LEU F 346 12.44 17.13 34.14
C LEU F 346 12.76 18.60 34.37
N ALA F 347 11.96 19.29 35.16
CA ALA F 347 12.20 20.70 35.44
C ALA F 347 13.37 20.91 36.41
N SER F 348 13.87 19.85 37.04
CA SER F 348 15.02 19.94 37.93
C SER F 348 16.33 19.59 37.24
N LEU F 349 16.29 19.14 36.00
CA LEU F 349 17.52 18.75 35.31
C LEU F 349 18.32 19.97 34.92
N SER F 350 19.64 19.87 35.05
CA SER F 350 20.52 20.93 34.58
C SER F 350 20.61 20.98 33.07
N THR F 351 20.35 19.86 32.40
CA THR F 351 20.32 19.84 30.94
C THR F 351 19.11 20.61 30.41
N PHE F 352 18.01 20.57 31.14
CA PHE F 352 16.75 21.19 30.72
C PHE F 352 16.80 22.71 30.75
N GLN F 353 17.71 23.32 31.51
CA GLN F 353 17.70 24.76 31.75
C GLN F 353 18.00 25.61 30.53
N GLN F 354 18.44 25.01 29.43
CA GLN F 354 18.56 25.71 28.17
C GLN F 354 17.38 25.49 27.25
N MET F 355 16.34 24.79 27.72
CA MET F 355 15.20 24.43 26.89
C MET F 355 13.93 25.18 27.25
N TRP F 356 13.98 26.11 28.20
CA TRP F 356 12.85 26.97 28.47
C TRP F 356 12.60 27.91 27.30
N ILE F 357 11.35 28.33 27.14
CA ILE F 357 10.98 29.36 26.18
C ILE F 357 10.92 30.65 26.96
N THR F 358 11.94 31.50 26.84
CA THR F 358 11.98 32.73 27.60
C THR F 358 11.03 33.76 26.98
N LYS F 359 10.75 34.81 27.74
CA LYS F 359 9.78 35.81 27.30
C LYS F 359 10.33 36.69 26.20
N GLN F 360 11.63 36.91 26.16
CA GLN F 360 12.22 37.69 25.08
C GLN F 360 12.24 36.89 23.77
N GLU F 361 12.27 35.57 23.85
CA GLU F 361 12.11 34.75 22.65
C GLU F 361 10.67 34.77 22.16
N TYR F 362 9.72 35.01 23.05
CA TYR F 362 8.32 35.09 22.65
C TYR F 362 8.02 36.39 21.93
N ASP F 363 8.71 37.47 22.29
CA ASP F 363 8.46 38.75 21.65
C ASP F 363 9.02 38.80 20.24
N GLU F 364 10.04 38.00 19.95
CA GLU F 364 10.65 37.98 18.63
C GLU F 364 9.90 37.11 17.64
N ALA F 365 9.31 36.01 18.08
CA ALA F 365 8.71 35.03 17.19
C ALA F 365 7.21 34.85 17.37
N GLY F 366 6.61 35.39 18.42
CA GLY F 366 5.20 35.22 18.65
C GLY F 366 4.88 33.86 19.22
N PRO F 367 3.61 33.48 19.20
CA PRO F 367 3.20 32.21 19.82
C PRO F 367 3.56 30.97 19.01
N SER F 368 4.12 31.11 17.81
CA SER F 368 4.51 29.96 17.02
C SER F 368 5.85 29.36 17.45
N ILE F 369 6.52 29.96 18.44
CA ILE F 369 7.79 29.43 18.91
C ILE F 369 7.58 28.18 19.77
N VAL F 370 6.36 27.94 20.25
CA VAL F 370 6.10 26.80 21.12
C VAL F 370 6.07 25.49 20.34
N HIS F 371 5.98 25.54 19.01
CA HIS F 371 6.02 24.33 18.20
C HIS F 371 7.42 24.02 17.69
N ARG F 372 8.28 25.03 17.56
CA ARG F 372 9.66 24.83 17.17
C ARG F 372 10.53 24.31 18.31
N LYS F 373 10.04 24.34 19.54
CA LYS F 373 10.80 23.90 20.71
C LYS F 373 10.20 22.69 21.39
N CYS F 374 8.90 22.71 21.62
CA CYS F 374 8.25 21.61 22.32
C CYS F 374 7.68 20.59 21.34
N THR G 5 -58.51 -15.26 17.49
CA THR G 5 -58.32 -14.28 18.56
C THR G 5 -57.61 -13.04 18.04
N THR G 6 -57.80 -11.92 18.73
CA THR G 6 -57.21 -10.65 18.35
C THR G 6 -56.34 -10.16 19.50
N ALA G 7 -55.16 -9.66 19.18
CA ALA G 7 -54.26 -9.15 20.20
C ALA G 7 -54.78 -7.84 20.77
N LEU G 8 -54.43 -7.58 22.03
CA LEU G 8 -54.80 -6.36 22.72
C LEU G 8 -53.61 -5.42 22.78
N VAL G 9 -53.88 -4.13 22.62
CA VAL G 9 -52.87 -3.09 22.76
C VAL G 9 -53.28 -2.20 23.92
N CYS G 10 -52.44 -2.12 24.95
CA CYS G 10 -52.70 -1.29 26.11
C CYS G 10 -51.53 -0.35 26.32
N ASP G 11 -51.80 0.95 26.28
CA ASP G 11 -50.78 1.97 26.44
C ASP G 11 -51.01 2.63 27.79
N ASN G 12 -50.44 2.04 28.84
CA ASN G 12 -50.57 2.58 30.20
C ASN G 12 -49.64 3.77 30.32
N GLY G 13 -50.17 4.95 30.04
CA GLY G 13 -49.45 6.19 30.29
C GLY G 13 -49.61 6.64 31.71
N SER G 14 -48.92 7.73 32.03
CA SER G 14 -49.00 8.30 33.37
C SER G 14 -50.31 9.00 33.64
N GLY G 15 -51.00 9.46 32.61
CA GLY G 15 -52.24 10.19 32.79
C GLY G 15 -53.46 9.54 32.21
N LEU G 16 -53.31 8.83 31.09
CA LEU G 16 -54.43 8.22 30.39
C LEU G 16 -54.13 6.78 30.03
N VAL G 17 -55.17 5.96 30.01
CA VAL G 17 -55.07 4.58 29.54
C VAL G 17 -55.68 4.52 28.15
N LYS G 18 -54.90 4.08 27.18
CA LYS G 18 -55.35 3.93 25.80
C LYS G 18 -55.36 2.43 25.49
N ALA G 19 -56.55 1.85 25.46
CA ALA G 19 -56.70 0.42 25.22
C ALA G 19 -57.52 0.18 23.96
N GLY G 20 -57.38 -1.01 23.40
CA GLY G 20 -58.10 -1.35 22.19
C GLY G 20 -57.62 -2.67 21.63
N PHE G 21 -57.93 -2.90 20.36
CA PHE G 21 -57.61 -4.16 19.69
C PHE G 21 -56.60 -3.90 18.57
N ALA G 22 -55.80 -4.92 18.28
CA ALA G 22 -54.75 -4.80 17.28
C ALA G 22 -55.36 -4.79 15.88
N GLY G 23 -55.26 -3.64 15.21
CA GLY G 23 -55.72 -3.56 13.84
C GLY G 23 -56.58 -2.34 13.54
N ASP G 24 -57.15 -1.73 14.57
CA ASP G 24 -58.05 -0.62 14.36
C ASP G 24 -57.28 0.68 14.14
N ASP G 25 -58.03 1.78 14.02
CA ASP G 25 -57.46 3.08 13.76
C ASP G 25 -57.47 4.02 14.96
N ALA G 26 -58.11 3.62 16.05
CA ALA G 26 -58.24 4.46 17.24
C ALA G 26 -58.43 3.54 18.43
N PRO G 27 -57.98 3.95 19.62
CA PRO G 27 -58.24 3.15 20.81
C PRO G 27 -59.72 3.16 21.18
N ARG G 28 -60.21 2.00 21.61
CA ARG G 28 -61.63 1.88 21.94
C ARG G 28 -61.95 2.57 23.26
N ALA G 29 -61.09 2.41 24.26
CA ALA G 29 -61.31 2.94 25.60
C ALA G 29 -60.20 3.89 25.97
N VAL G 30 -60.55 5.15 26.23
CA VAL G 30 -59.62 6.17 26.70
C VAL G 30 -60.22 6.76 27.96
N PHE G 31 -59.54 6.59 29.09
CA PHE G 31 -60.06 7.04 30.37
C PHE G 31 -58.89 7.44 31.25
N PRO G 32 -59.12 8.30 32.25
CA PRO G 32 -58.03 8.70 33.14
C PRO G 32 -57.49 7.57 33.99
N SER G 33 -56.19 7.62 34.25
CA SER G 33 -55.50 6.59 35.00
C SER G 33 -55.42 6.99 36.48
N ILE G 34 -56.59 7.12 37.10
CA ILE G 34 -56.70 7.52 38.49
C ILE G 34 -57.45 6.44 39.25
N VAL G 35 -57.34 6.49 40.58
CA VAL G 35 -58.15 5.68 41.49
C VAL G 35 -58.57 6.60 42.63
N GLY G 36 -59.86 6.82 42.79
CA GLY G 36 -60.39 7.71 43.80
C GLY G 36 -61.00 6.95 44.96
N ARG G 37 -60.83 7.49 46.16
CA ARG G 37 -61.38 6.93 47.38
C ARG G 37 -62.04 8.05 48.17
N PRO G 38 -63.14 7.77 48.87
CA PRO G 38 -63.88 8.84 49.54
C PRO G 38 -63.16 9.37 50.77
N ARG G 39 -63.42 10.64 51.07
CA ARG G 39 -62.81 11.35 52.18
C ARG G 39 -63.81 11.92 53.16
N HIS G 40 -65.09 11.65 53.00
CA HIS G 40 -66.14 12.23 53.83
C HIS G 40 -66.94 11.13 54.52
N GLN G 41 -68.03 11.53 55.17
CA GLN G 41 -68.81 10.66 56.02
C GLN G 41 -70.06 10.19 55.29
N GLY G 42 -70.23 8.88 55.17
CA GLY G 42 -71.37 8.30 54.47
C GLY G 42 -72.62 8.19 55.33
N VAL G 43 -73.32 9.31 55.50
CA VAL G 43 -74.43 9.35 56.47
C VAL G 43 -75.70 8.66 55.98
N MET G 44 -75.86 8.46 54.68
CA MET G 44 -77.06 7.83 54.15
C MET G 44 -76.82 6.34 53.91
N VAL G 45 -77.78 5.52 54.33
CA VAL G 45 -77.59 4.08 54.42
C VAL G 45 -77.75 3.45 53.04
N GLY G 46 -76.78 2.63 52.65
CA GLY G 46 -76.88 1.87 51.42
C GLY G 46 -76.14 2.49 50.26
N MET G 47 -76.20 3.82 50.13
CA MET G 47 -75.61 4.49 48.98
C MET G 47 -74.09 4.56 49.11
N GLY G 48 -73.60 5.20 50.16
CA GLY G 48 -72.17 5.40 50.31
C GLY G 48 -71.45 4.19 50.88
N GLN G 49 -71.29 3.15 50.05
CA GLN G 49 -70.60 1.95 50.51
C GLN G 49 -69.56 1.47 49.50
N LYS G 50 -69.51 2.05 48.31
CA LYS G 50 -68.42 1.76 47.38
C LYS G 50 -67.13 2.39 47.88
N ASP G 51 -66.03 1.66 47.74
CA ASP G 51 -64.77 2.06 48.36
C ASP G 51 -63.76 2.65 47.39
N SER G 52 -63.87 2.35 46.09
CA SER G 52 -62.90 2.87 45.13
C SER G 52 -63.55 3.02 43.77
N TYR G 53 -63.15 4.07 43.05
CA TYR G 53 -63.64 4.38 41.72
C TYR G 53 -62.43 4.55 40.81
N VAL G 54 -62.53 4.08 39.57
CA VAL G 54 -61.36 3.95 38.70
C VAL G 54 -61.41 4.89 37.50
N GLY G 55 -62.39 4.73 36.63
CA GLY G 55 -62.28 5.37 35.34
C GLY G 55 -62.83 6.78 35.31
N ASP G 56 -63.86 7.00 34.50
CA ASP G 56 -64.61 8.24 34.55
C ASP G 56 -65.60 8.30 35.71
N GLU G 57 -65.74 7.21 36.47
CA GLU G 57 -66.52 7.23 37.70
C GLU G 57 -65.86 8.12 38.75
N ALA G 58 -64.52 8.12 38.79
CA ALA G 58 -63.80 8.98 39.72
C ALA G 58 -63.65 10.40 39.22
N GLN G 59 -63.69 10.60 37.90
CA GLN G 59 -63.63 11.95 37.35
C GLN G 59 -64.96 12.67 37.49
N SER G 60 -66.06 11.92 37.65
CA SER G 60 -67.38 12.50 37.80
C SER G 60 -67.71 12.79 39.26
N LYS G 61 -67.36 11.89 40.17
CA LYS G 61 -67.60 12.06 41.60
C LYS G 61 -66.39 12.63 42.31
N ARG G 62 -65.56 13.40 41.62
CA ARG G 62 -64.28 13.85 42.16
C ARG G 62 -64.42 14.85 43.30
N GLY G 63 -65.59 15.45 43.49
CA GLY G 63 -65.76 16.41 44.57
C GLY G 63 -65.75 15.81 45.95
N ILE G 64 -65.98 14.50 46.07
CA ILE G 64 -66.01 13.82 47.36
C ILE G 64 -64.91 12.76 47.46
N LEU G 65 -63.97 12.75 46.53
CA LEU G 65 -62.93 11.73 46.49
C LEU G 65 -61.55 12.36 46.61
N THR G 66 -60.57 11.51 46.87
CA THR G 66 -59.16 11.86 46.82
C THR G 66 -58.55 11.10 45.65
N LEU G 67 -58.19 11.81 44.59
CA LEU G 67 -57.71 11.19 43.37
C LEU G 67 -56.21 10.97 43.47
N LYS G 68 -55.76 9.76 43.10
CA LYS G 68 -54.36 9.41 43.11
C LYS G 68 -54.00 8.66 41.84
N TYR G 69 -52.79 8.92 41.34
CA TYR G 69 -52.23 8.30 40.14
C TYR G 69 -51.28 7.19 40.51
N PRO G 70 -51.48 5.97 40.02
CA PRO G 70 -50.54 4.89 40.33
C PRO G 70 -49.22 4.98 39.59
N ILE G 71 -49.10 5.83 38.58
CA ILE G 71 -47.88 5.97 37.79
C ILE G 71 -47.43 7.41 37.86
N GLU G 72 -46.19 7.63 38.28
CA GLU G 72 -45.59 8.94 38.12
C GLU G 72 -44.18 8.80 37.56
N HIC G 73 -43.89 9.66 36.58
CA HIC G 73 -42.58 9.70 35.88
C HIC G 73 -42.37 8.40 35.10
O HIC G 73 -41.21 8.00 34.91
CB HIC G 73 -41.44 9.95 36.88
CG HIC G 73 -41.60 11.23 37.63
ND1 HIC G 73 -41.82 12.42 36.96
CD2 HIC G 73 -41.57 11.46 38.98
CE1 HIC G 73 -41.92 13.34 37.89
NE2 HIC G 73 -41.77 12.82 39.14
CZ HIC G 73 -41.82 13.50 40.43
N GLY G 74 -43.47 7.77 34.65
CA GLY G 74 -43.39 6.53 33.91
C GLY G 74 -43.19 5.27 34.71
N ILE G 75 -43.08 5.41 36.04
CA ILE G 75 -42.81 4.29 36.93
C ILE G 75 -44.05 4.03 37.77
N ILE G 76 -44.44 2.76 37.86
CA ILE G 76 -45.59 2.36 38.65
C ILE G 76 -45.19 2.34 40.12
N THR G 77 -45.82 3.19 40.92
CA THR G 77 -45.49 3.33 42.33
C THR G 77 -46.48 2.62 43.24
N ASN G 78 -47.74 2.54 42.84
CA ASN G 78 -48.78 1.85 43.60
C ASN G 78 -49.19 0.63 42.79
N TRP G 79 -48.89 -0.56 43.31
CA TRP G 79 -49.15 -1.78 42.57
C TRP G 79 -50.51 -2.38 42.87
N ASP G 80 -51.12 -2.02 44.00
CA ASP G 80 -52.48 -2.44 44.27
C ASP G 80 -53.49 -1.60 43.51
N ASP G 81 -53.15 -0.35 43.22
CA ASP G 81 -54.02 0.52 42.43
C ASP G 81 -53.90 0.24 40.94
N MET G 82 -52.73 -0.19 40.47
CA MET G 82 -52.57 -0.50 39.06
C MET G 82 -53.26 -1.78 38.66
N GLU G 83 -53.47 -2.70 39.60
CA GLU G 83 -54.27 -3.88 39.31
C GLU G 83 -55.75 -3.52 39.16
N LYS G 84 -56.21 -2.49 39.86
CA LYS G 84 -57.58 -2.03 39.71
C LYS G 84 -57.82 -1.41 38.34
N ILE G 85 -56.83 -0.72 37.80
CA ILE G 85 -56.98 -0.08 36.50
C ILE G 85 -56.88 -1.12 35.38
N TRP G 86 -56.04 -2.13 35.55
CA TRP G 86 -55.97 -3.20 34.56
C TRP G 86 -57.20 -4.10 34.61
N HIS G 87 -57.77 -4.29 35.80
CA HIS G 87 -59.01 -5.06 35.89
C HIS G 87 -60.19 -4.27 35.35
N HIS G 88 -60.11 -2.94 35.39
CA HIS G 88 -61.18 -2.11 34.86
C HIS G 88 -61.12 -1.99 33.34
N THR G 89 -59.92 -1.96 32.77
CA THR G 89 -59.80 -1.81 31.32
C THR G 89 -60.03 -3.11 30.58
N PHE G 90 -60.06 -4.25 31.28
CA PHE G 90 -60.31 -5.54 30.66
C PHE G 90 -61.78 -5.92 30.70
N TYR G 91 -62.36 -5.97 31.90
CA TYR G 91 -63.72 -6.46 32.06
C TYR G 91 -64.77 -5.38 31.86
N ASN G 92 -64.49 -4.14 32.21
CA ASN G 92 -65.50 -3.08 32.16
C ASN G 92 -65.40 -2.18 30.95
N GLU G 93 -64.21 -2.02 30.38
CA GLU G 93 -64.02 -1.10 29.25
C GLU G 93 -63.99 -1.83 27.92
N LEU G 94 -63.07 -2.78 27.76
CA LEU G 94 -63.05 -3.59 26.55
C LEU G 94 -64.04 -4.73 26.59
N ARG G 95 -64.41 -5.18 27.80
CA ARG G 95 -65.38 -6.26 28.04
C ARG G 95 -64.95 -7.56 27.37
N VAL G 96 -63.68 -7.91 27.56
CA VAL G 96 -63.13 -9.15 27.04
C VAL G 96 -62.59 -9.97 28.21
N ALA G 97 -62.27 -11.20 27.94
CA ALA G 97 -61.59 -12.02 28.92
C ALA G 97 -60.10 -12.02 28.61
N PRO G 98 -59.24 -11.77 29.60
CA PRO G 98 -57.79 -11.68 29.33
C PRO G 98 -57.13 -13.01 29.00
N GLU G 99 -57.81 -14.14 29.21
CA GLU G 99 -57.21 -15.44 28.94
C GLU G 99 -57.24 -15.80 27.46
N GLU G 100 -57.97 -15.06 26.64
CA GLU G 100 -58.12 -15.39 25.23
C GLU G 100 -57.44 -14.37 24.33
N HIS G 101 -56.60 -13.49 24.87
CA HIS G 101 -56.01 -12.41 24.10
C HIS G 101 -54.57 -12.17 24.54
N PRO G 102 -53.61 -12.18 23.62
CA PRO G 102 -52.28 -11.67 23.96
C PRO G 102 -52.30 -10.16 24.03
N THR G 103 -51.52 -9.61 24.97
CA THR G 103 -51.60 -8.20 25.33
C THR G 103 -50.27 -7.52 25.06
N LEU G 104 -50.29 -6.44 24.27
CA LEU G 104 -49.11 -5.64 24.01
C LEU G 104 -49.10 -4.47 24.98
N LEU G 105 -48.00 -4.30 25.71
CA LEU G 105 -47.82 -3.20 26.64
C LEU G 105 -46.67 -2.32 26.18
N THR G 106 -46.67 -1.08 26.67
CA THR G 106 -45.62 -0.13 26.33
C THR G 106 -44.91 0.35 27.59
N GLU G 107 -43.72 0.91 27.40
CA GLU G 107 -42.89 1.39 28.50
C GLU G 107 -41.94 2.42 27.93
N ALA G 108 -41.50 3.36 28.77
CA ALA G 108 -40.52 4.38 28.42
C ALA G 108 -39.11 3.82 28.53
N PRO G 109 -38.16 4.33 27.75
CA PRO G 109 -36.78 3.86 27.89
C PRO G 109 -36.12 4.42 29.14
N LEU G 110 -35.03 3.77 29.54
CA LEU G 110 -34.26 4.07 30.75
C LEU G 110 -35.11 3.98 32.01
N ASN G 111 -35.97 2.99 32.05
CA ASN G 111 -36.88 2.75 33.16
C ASN G 111 -36.26 1.69 34.07
N PRO G 112 -36.68 1.56 35.33
CA PRO G 112 -36.17 0.46 36.15
C PRO G 112 -36.59 -0.90 35.64
N LYS G 113 -35.70 -1.88 35.83
CA LYS G 113 -35.97 -3.22 35.36
C LYS G 113 -36.95 -3.97 36.24
N ALA G 114 -37.14 -3.54 37.48
CA ALA G 114 -38.17 -4.13 38.32
C ALA G 114 -39.57 -3.70 37.90
N ASN G 115 -39.68 -2.58 37.19
CA ASN G 115 -40.98 -2.14 36.69
C ASN G 115 -41.47 -3.05 35.58
N ARG G 116 -40.58 -3.46 34.69
CA ARG G 116 -40.95 -4.33 33.58
C ARG G 116 -41.14 -5.78 34.03
N GLU G 117 -40.39 -6.21 35.04
CA GLU G 117 -40.52 -7.58 35.54
C GLU G 117 -41.80 -7.79 36.32
N LYS G 118 -42.25 -6.79 37.07
CA LYS G 118 -43.47 -6.94 37.84
C LYS G 118 -44.71 -6.88 36.97
N MET G 119 -44.66 -6.19 35.83
CA MET G 119 -45.84 -6.12 34.98
C MET G 119 -46.00 -7.35 34.10
N THR G 120 -44.98 -8.22 34.01
CA THR G 120 -45.19 -9.53 33.43
C THR G 120 -45.70 -10.52 34.46
N GLN G 121 -45.37 -10.33 35.73
CA GLN G 121 -45.87 -11.20 36.77
C GLN G 121 -47.34 -10.96 37.05
N ILE G 122 -47.78 -9.70 36.98
CA ILE G 122 -49.20 -9.39 37.13
C ILE G 122 -49.98 -9.91 35.93
N MET G 123 -49.40 -9.80 34.73
CA MET G 123 -50.12 -10.21 33.53
C MET G 123 -50.21 -11.72 33.40
N PHE G 124 -49.26 -12.46 33.95
CA PHE G 124 -49.23 -13.91 33.78
C PHE G 124 -49.81 -14.67 34.96
N GLU G 125 -49.78 -14.10 36.16
CA GLU G 125 -50.20 -14.82 37.36
C GLU G 125 -51.43 -14.23 38.03
N THR G 126 -52.01 -13.17 37.49
CA THR G 126 -53.27 -12.64 37.98
C THR G 126 -54.33 -12.54 36.91
N PHE G 127 -53.96 -12.15 35.69
CA PHE G 127 -54.90 -12.06 34.59
C PHE G 127 -54.80 -13.21 33.61
N ASN G 128 -53.69 -13.96 33.64
CA ASN G 128 -53.51 -15.22 32.92
C ASN G 128 -53.62 -15.06 31.40
N VAL G 129 -52.87 -14.12 30.86
CA VAL G 129 -52.86 -13.90 29.42
C VAL G 129 -52.09 -15.03 28.76
N PRO G 130 -52.38 -15.38 27.50
CA PRO G 130 -51.57 -16.42 26.85
C PRO G 130 -50.19 -15.95 26.45
N ALA G 131 -50.03 -14.68 26.07
CA ALA G 131 -48.76 -14.14 25.65
C ALA G 131 -48.74 -12.65 25.93
N MET G 132 -47.55 -12.06 25.90
CA MET G 132 -47.40 -10.64 26.10
C MET G 132 -46.08 -10.17 25.51
N TYR G 133 -45.93 -8.85 25.43
CA TYR G 133 -44.74 -8.21 24.91
C TYR G 133 -44.73 -6.77 25.38
N VAL G 134 -43.56 -6.26 25.75
CA VAL G 134 -43.39 -4.89 26.20
C VAL G 134 -42.55 -4.15 25.16
N ALA G 135 -43.08 -3.04 24.66
CA ALA G 135 -42.44 -2.29 23.60
C ALA G 135 -42.04 -0.90 24.11
N ILE G 136 -41.14 -0.26 23.39
CA ILE G 136 -40.68 1.08 23.72
C ILE G 136 -41.60 2.07 23.01
N GLN G 137 -42.04 3.10 23.73
CA GLN G 137 -43.06 4.00 23.24
C GLN G 137 -42.60 4.85 22.06
N ALA G 138 -41.32 5.23 22.02
CA ALA G 138 -40.87 6.07 20.93
C ALA G 138 -40.51 5.28 19.68
N VAL G 139 -40.37 3.96 19.81
CA VAL G 139 -40.24 3.12 18.63
C VAL G 139 -41.61 2.94 17.97
N LEU G 140 -42.65 2.80 18.78
CA LEU G 140 -44.01 2.69 18.26
C LEU G 140 -44.52 3.99 17.68
N SER G 141 -43.96 5.13 18.07
CA SER G 141 -44.37 6.39 17.45
C SER G 141 -43.79 6.55 16.05
N LEU G 142 -42.75 5.77 15.72
CA LEU G 142 -42.21 5.80 14.37
C LEU G 142 -42.97 4.90 13.43
N TYR G 143 -43.62 3.86 13.95
CA TYR G 143 -44.50 3.04 13.12
C TYR G 143 -45.74 3.81 12.69
N ALA G 144 -46.21 4.74 13.52
CA ALA G 144 -47.43 5.49 13.25
C ALA G 144 -47.19 6.72 12.39
N SER G 145 -46.04 6.82 11.73
CA SER G 145 -45.76 7.94 10.86
C SER G 145 -45.32 7.52 9.48
N GLY G 146 -45.27 6.22 9.20
CA GLY G 146 -44.85 5.77 7.89
C GLY G 146 -43.37 5.89 7.63
N ARG G 147 -42.54 6.02 8.66
CA ARG G 147 -41.12 6.18 8.51
C ARG G 147 -40.38 5.04 9.17
N THR G 148 -39.12 4.86 8.75
CA THR G 148 -38.17 3.99 9.43
C THR G 148 -36.93 4.76 9.86
N THR G 149 -36.95 6.08 9.76
CA THR G 149 -35.78 6.91 10.04
C THR G 149 -36.27 8.23 10.63
N GLY G 150 -35.78 8.58 11.80
CA GLY G 150 -36.11 9.86 12.39
C GLY G 150 -35.99 9.81 13.89
N ILE G 151 -35.79 10.97 14.48
CA ILE G 151 -35.67 11.11 15.92
C ILE G 151 -37.02 11.54 16.49
N VAL G 152 -37.51 10.79 17.47
CA VAL G 152 -38.85 10.96 18.02
C VAL G 152 -38.76 11.76 19.30
N LEU G 153 -39.67 12.72 19.46
CA LEU G 153 -39.84 13.44 20.73
C LEU G 153 -41.20 13.05 21.28
N ASP G 154 -41.21 12.10 22.20
CA ASP G 154 -42.42 11.66 22.88
C ASP G 154 -42.52 12.38 24.21
N SER G 155 -43.63 13.06 24.46
CA SER G 155 -43.81 13.84 25.67
C SER G 155 -45.24 13.65 26.15
N GLY G 156 -45.42 12.89 27.23
CA GLY G 156 -46.75 12.61 27.70
C GLY G 156 -47.10 13.29 29.01
N ASP G 157 -47.30 12.51 30.06
CA ASP G 157 -47.68 13.07 31.35
C ASP G 157 -46.59 12.95 32.40
N GLY G 158 -45.63 12.05 32.24
CA GLY G 158 -44.53 11.99 33.18
C GLY G 158 -43.13 12.06 32.60
N VAL G 159 -42.95 11.62 31.35
CA VAL G 159 -41.64 11.42 30.76
C VAL G 159 -41.58 12.18 29.45
N THR G 160 -40.42 12.78 29.15
CA THR G 160 -40.10 13.31 27.83
C THR G 160 -38.80 12.66 27.39
N HIS G 161 -38.85 11.82 26.35
CA HIS G 161 -37.67 11.10 25.90
C HIS G 161 -37.45 11.27 24.40
N ASN G 162 -36.17 11.22 24.01
CA ASN G 162 -35.74 11.27 22.63
C ASN G 162 -35.14 9.93 22.22
N VAL G 163 -35.52 9.42 21.07
CA VAL G 163 -34.94 8.18 20.55
C VAL G 163 -34.57 8.37 19.08
N PRO G 164 -33.29 8.27 18.70
CA PRO G 164 -32.94 8.30 17.28
C PRO G 164 -32.96 6.94 16.64
N ILE G 165 -33.58 6.80 15.48
CA ILE G 165 -33.67 5.55 14.75
C ILE G 165 -33.27 5.82 13.31
N TYR G 166 -32.37 5.02 12.77
CA TYR G 166 -31.94 5.13 11.38
C TYR G 166 -32.09 3.77 10.72
N GLU G 167 -33.02 3.67 9.76
CA GLU G 167 -33.28 2.48 8.95
C GLU G 167 -33.63 1.26 9.81
N GLY G 168 -34.32 1.48 10.93
CA GLY G 168 -34.68 0.41 11.82
C GLY G 168 -33.66 0.07 12.87
N TYR G 169 -32.60 0.83 12.98
CA TYR G 169 -31.57 0.63 14.01
C TYR G 169 -31.61 1.79 14.99
N ALA G 170 -31.76 1.50 16.26
CA ALA G 170 -31.69 2.51 17.29
C ALA G 170 -30.26 2.69 17.75
N LEU G 171 -29.96 3.90 18.20
CA LEU G 171 -28.64 4.24 18.74
C LEU G 171 -28.82 4.50 20.23
N PRO G 172 -28.70 3.47 21.08
CA PRO G 172 -29.11 3.62 22.49
C PRO G 172 -28.20 4.49 23.33
N HIS G 173 -27.01 4.85 22.85
CA HIS G 173 -26.20 5.82 23.58
C HIS G 173 -26.69 7.24 23.37
N ALA G 174 -27.52 7.47 22.35
CA ALA G 174 -28.05 8.79 22.05
C ALA G 174 -29.48 8.95 22.51
N ILE G 175 -29.99 8.03 23.31
CA ILE G 175 -31.35 8.10 23.82
C ILE G 175 -31.35 8.98 25.07
N MET G 176 -32.16 10.03 25.05
CA MET G 176 -32.29 10.92 26.19
C MET G 176 -33.59 10.65 26.94
N ARG G 177 -33.67 11.20 28.15
CA ARG G 177 -34.88 11.09 28.95
C ARG G 177 -34.91 12.26 29.92
N LEU G 178 -36.04 12.94 29.98
CA LEU G 178 -36.23 14.07 30.86
C LEU G 178 -37.55 13.89 31.60
N ASP G 179 -37.51 13.98 32.92
CA ASP G 179 -38.70 13.79 33.73
C ASP G 179 -39.41 15.13 33.93
N LEU G 180 -39.93 15.64 32.83
CA LEU G 180 -40.66 16.89 32.80
C LEU G 180 -41.68 16.79 31.68
N ALA G 181 -42.95 16.85 32.03
CA ALA G 181 -44.04 16.58 31.11
C ALA G 181 -45.29 17.27 31.63
N GLY G 182 -46.45 16.85 31.14
CA GLY G 182 -47.69 17.59 31.34
C GLY G 182 -48.23 17.61 32.76
N ARG G 183 -47.68 16.79 33.67
CA ARG G 183 -48.08 16.94 35.06
C ARG G 183 -47.26 18.01 35.76
N ASP G 184 -46.00 18.17 35.36
CA ASP G 184 -45.16 19.22 35.91
C ASP G 184 -45.50 20.59 35.35
N LEU G 185 -46.28 20.64 34.27
CA LEU G 185 -46.81 21.92 33.79
C LEU G 185 -48.12 22.26 34.49
N THR G 186 -48.90 21.26 34.86
CA THR G 186 -50.12 21.49 35.63
C THR G 186 -49.80 22.00 37.02
N ASP G 187 -48.74 21.48 37.63
CA ASP G 187 -48.35 21.93 38.96
C ASP G 187 -47.74 23.33 38.92
N TYR G 188 -47.07 23.69 37.84
CA TYR G 188 -46.50 25.03 37.73
C TYR G 188 -47.58 26.06 37.40
N LEU G 189 -48.58 25.69 36.62
CA LEU G 189 -49.69 26.60 36.35
C LEU G 189 -50.52 26.85 37.59
N MET G 190 -50.66 25.84 38.46
CA MET G 190 -51.33 26.02 39.74
C MET G 190 -50.59 27.02 40.62
N LYS G 191 -49.26 27.07 40.51
CA LYS G 191 -48.46 27.94 41.36
C LYS G 191 -48.51 29.38 40.88
N ILE G 192 -48.41 29.61 39.57
CA ILE G 192 -48.45 30.97 39.04
C ILE G 192 -49.86 31.50 38.88
N LEU G 193 -50.89 30.72 39.19
CA LEU G 193 -52.24 31.25 39.27
C LEU G 193 -52.55 31.87 40.62
N THR G 194 -51.63 31.74 41.59
CA THR G 194 -51.78 32.42 42.87
C THR G 194 -51.46 33.91 42.77
N GLU G 195 -50.79 34.33 41.69
CA GLU G 195 -50.51 35.74 41.49
C GLU G 195 -51.75 36.54 41.15
N ARG G 196 -52.80 35.89 40.68
CA ARG G 196 -54.05 36.55 40.38
C ARG G 196 -55.11 36.34 41.45
N GLY G 197 -54.82 35.54 42.47
CA GLY G 197 -55.75 35.31 43.55
C GLY G 197 -56.59 34.07 43.44
N TYR G 198 -56.20 33.09 42.63
CA TYR G 198 -56.93 31.85 42.46
C TYR G 198 -56.18 30.72 43.15
N SER G 199 -56.86 30.03 44.07
CA SER G 199 -56.24 29.00 44.89
C SER G 199 -56.88 27.66 44.58
N PHE G 200 -56.10 26.78 43.95
CA PHE G 200 -56.50 25.40 43.66
C PHE G 200 -55.56 24.49 44.42
N VAL G 201 -56.06 23.85 45.48
CA VAL G 201 -55.16 23.11 46.36
C VAL G 201 -55.45 21.60 46.35
N THR G 202 -56.71 21.20 46.24
CA THR G 202 -57.01 19.78 46.37
C THR G 202 -56.71 19.05 45.07
N THR G 203 -56.80 17.72 45.13
CA THR G 203 -56.56 16.89 43.96
C THR G 203 -57.72 16.94 42.97
N ALA G 204 -58.90 17.35 43.43
CA ALA G 204 -60.02 17.56 42.51
C ALA G 204 -59.90 18.89 41.80
N GLU G 205 -59.32 19.89 42.44
CA GLU G 205 -59.05 21.16 41.79
C GLU G 205 -57.81 21.11 40.91
N ARG G 206 -56.99 20.07 41.02
CA ARG G 206 -55.91 19.87 40.07
C ARG G 206 -56.44 19.46 38.70
N GLU G 207 -57.57 18.76 38.66
CA GLU G 207 -58.19 18.38 37.40
C GLU G 207 -58.88 19.56 36.72
N ILE G 208 -59.12 20.65 37.43
CA ILE G 208 -59.70 21.84 36.81
C ILE G 208 -58.62 22.66 36.13
N VAL G 209 -57.44 22.76 36.75
CA VAL G 209 -56.32 23.49 36.16
C VAL G 209 -55.75 22.74 34.97
N ARG G 210 -55.92 21.42 34.92
CA ARG G 210 -55.54 20.67 33.74
C ARG G 210 -56.46 20.98 32.56
N ASP G 211 -57.71 21.35 32.81
CA ASP G 211 -58.57 21.78 31.72
C ASP G 211 -58.27 23.20 31.27
N ILE G 212 -57.82 24.07 32.17
CA ILE G 212 -57.37 25.40 31.76
C ILE G 212 -56.08 25.29 30.96
N LYS G 213 -55.23 24.33 31.31
CA LYS G 213 -53.99 24.10 30.57
C LYS G 213 -54.26 23.57 29.17
N GLU G 214 -55.27 22.72 29.03
CA GLU G 214 -55.58 22.11 27.74
C GLU G 214 -56.36 23.01 26.81
N LYS G 215 -56.85 24.15 27.29
CA LYS G 215 -57.72 25.00 26.49
C LYS G 215 -57.19 26.39 26.24
N LEU G 216 -56.49 27.00 27.19
CA LEU G 216 -56.08 28.38 27.06
C LEU G 216 -54.59 28.57 26.88
N CYS G 217 -53.79 27.50 26.92
CA CYS G 217 -52.34 27.62 26.91
C CYS G 217 -51.78 27.38 25.52
N TYR G 218 -50.74 28.13 25.16
CA TYR G 218 -50.09 28.02 23.87
C TYR G 218 -48.61 28.30 24.06
N VAL G 219 -47.84 28.15 22.99
CA VAL G 219 -46.39 28.34 23.01
C VAL G 219 -46.06 29.57 22.19
N ALA G 220 -45.45 30.57 22.82
CA ALA G 220 -45.06 31.78 22.12
C ALA G 220 -43.87 31.52 21.23
N LEU G 221 -43.82 32.20 20.08
CA LEU G 221 -42.71 32.03 19.16
C LEU G 221 -41.44 32.69 19.69
N ASP G 222 -41.58 33.88 20.27
CA ASP G 222 -40.50 34.49 21.03
C ASP G 222 -41.06 34.88 22.39
N PHE G 223 -40.45 34.37 23.46
CA PHE G 223 -40.99 34.56 24.80
C PHE G 223 -40.84 35.98 25.28
N GLU G 224 -39.80 36.69 24.83
CA GLU G 224 -39.55 38.03 25.35
C GLU G 224 -40.34 39.09 24.61
N ASN G 225 -40.88 38.78 23.43
CA ASN G 225 -41.81 39.70 22.78
C ASN G 225 -43.17 39.69 23.48
N GLU G 226 -43.73 38.50 23.70
CA GLU G 226 -45.06 38.42 24.27
C GLU G 226 -45.09 38.73 25.75
N MET G 227 -43.96 38.67 26.44
CA MET G 227 -43.93 39.11 27.82
C MET G 227 -43.99 40.64 27.94
N ALA G 228 -43.64 41.35 26.87
CA ALA G 228 -43.83 42.79 26.82
C ALA G 228 -45.12 43.17 26.11
N THR G 229 -45.61 42.31 25.22
CA THR G 229 -46.90 42.54 24.57
C THR G 229 -48.04 42.43 25.57
N ALA G 230 -48.01 41.42 26.42
CA ALA G 230 -49.08 41.21 27.40
C ALA G 230 -49.08 42.26 28.50
N ALA G 231 -47.96 42.94 28.72
CA ALA G 231 -47.95 44.06 29.66
C ALA G 231 -48.43 45.35 29.02
N SER G 232 -48.39 45.44 27.69
CA SER G 232 -48.82 46.65 26.99
C SER G 232 -50.32 46.68 26.76
N SER G 233 -50.90 45.56 26.35
CA SER G 233 -52.32 45.48 26.03
C SER G 233 -52.98 44.45 26.95
N SER G 234 -54.26 44.21 26.68
CA SER G 234 -55.02 43.14 27.33
C SER G 234 -55.72 42.30 26.26
N SER G 235 -55.02 42.06 25.16
CA SER G 235 -55.55 41.29 24.04
C SER G 235 -55.23 39.81 24.15
N LEU G 236 -54.25 39.44 24.95
CA LEU G 236 -53.95 38.04 25.23
C LEU G 236 -54.75 37.49 26.39
N GLU G 237 -55.64 38.28 26.96
CA GLU G 237 -56.49 37.85 28.06
C GLU G 237 -57.55 36.88 27.55
N LYS G 238 -57.89 35.91 28.38
CA LYS G 238 -58.99 35.00 28.08
C LYS G 238 -59.67 34.63 29.38
N SER G 239 -60.92 34.18 29.28
CA SER G 239 -61.72 33.87 30.44
C SER G 239 -62.11 32.41 30.44
N TYR G 240 -62.24 31.85 31.65
CA TYR G 240 -62.62 30.46 31.85
C TYR G 240 -63.65 30.43 32.97
N GLU G 241 -64.66 29.58 32.81
CA GLU G 241 -65.73 29.47 33.79
C GLU G 241 -65.52 28.22 34.64
N LEU G 242 -65.44 28.40 35.95
CA LEU G 242 -65.22 27.31 36.87
C LEU G 242 -66.48 26.46 37.01
N PRO G 243 -66.36 25.24 37.54
CA PRO G 243 -67.57 24.43 37.79
C PRO G 243 -68.50 25.02 38.83
N ASP G 244 -68.02 25.89 39.72
CA ASP G 244 -68.90 26.56 40.67
C ASP G 244 -69.77 27.59 39.94
N GLY G 245 -69.24 28.24 38.92
CA GLY G 245 -69.90 29.33 38.24
C GLY G 245 -69.09 30.61 38.20
N GLN G 246 -67.96 30.67 38.90
CA GLN G 246 -67.10 31.84 38.87
C GLN G 246 -66.31 31.87 37.58
N VAL G 247 -65.78 33.05 37.27
CA VAL G 247 -65.03 33.28 36.03
C VAL G 247 -63.65 33.78 36.40
N ILE G 248 -62.63 33.06 35.95
CA ILE G 248 -61.25 33.50 36.10
C ILE G 248 -60.81 34.14 34.81
N THR G 249 -59.71 34.90 34.87
CA THR G 249 -59.19 35.61 33.71
C THR G 249 -57.67 35.52 33.73
N ILE G 250 -57.09 34.79 32.79
CA ILE G 250 -55.65 34.62 32.70
C ILE G 250 -55.17 35.26 31.40
N GLY G 251 -54.09 36.04 31.49
CA GLY G 251 -53.56 36.62 30.28
C GLY G 251 -52.08 36.38 30.05
N ASN G 252 -51.33 36.22 31.13
CA ASN G 252 -49.89 36.05 31.05
C ASN G 252 -49.45 34.62 31.26
N GLU G 253 -50.27 33.82 31.94
CA GLU G 253 -49.99 32.44 32.26
C GLU G 253 -50.31 31.49 31.12
N ARG G 254 -50.78 32.02 30.00
CA ARG G 254 -51.11 31.17 28.86
C ARG G 254 -49.87 30.69 28.14
N PHE G 255 -48.87 31.55 27.98
CA PHE G 255 -47.62 31.14 27.34
C PHE G 255 -46.49 30.93 28.32
N ARG G 256 -46.65 31.30 29.59
CA ARG G 256 -45.63 31.05 30.58
C ARG G 256 -45.67 29.62 31.12
N CYS G 257 -46.81 28.95 31.02
CA CYS G 257 -46.86 27.56 31.46
C CYS G 257 -46.16 26.59 30.51
N PRO G 258 -46.40 26.60 29.18
CA PRO G 258 -45.63 25.69 28.33
C PRO G 258 -44.22 26.16 28.00
N GLU G 259 -43.79 27.32 28.52
CA GLU G 259 -42.43 27.78 28.30
C GLU G 259 -41.42 26.95 29.06
N THR G 260 -41.82 26.28 30.14
CA THR G 260 -40.88 25.52 30.95
C THR G 260 -40.46 24.21 30.30
N LEU G 261 -41.00 23.87 29.14
CA LEU G 261 -40.40 22.83 28.32
C LEU G 261 -39.14 23.35 27.64
N PHE G 262 -39.11 24.64 27.32
CA PHE G 262 -37.96 25.23 26.65
C PHE G 262 -37.02 25.95 27.61
N GLN G 263 -37.49 26.30 28.80
CA GLN G 263 -36.66 26.83 29.88
C GLN G 263 -37.04 26.07 31.14
N PRO G 264 -36.45 24.91 31.39
CA PRO G 264 -36.82 24.12 32.57
C PRO G 264 -36.38 24.69 33.90
N SER G 265 -35.64 25.80 33.90
CA SER G 265 -35.23 26.47 35.12
C SER G 265 -36.35 27.26 35.78
N PHE G 266 -37.54 27.31 35.18
CA PHE G 266 -38.68 27.97 35.80
C PHE G 266 -39.23 27.16 36.96
N ILE G 267 -38.97 25.86 36.99
CA ILE G 267 -39.39 24.99 38.09
C ILE G 267 -38.20 24.45 38.86
N GLY G 268 -37.03 25.04 38.68
CA GLY G 268 -35.87 24.66 39.46
C GLY G 268 -35.10 23.46 38.96
N MET G 269 -35.06 23.23 37.66
CA MET G 269 -34.33 22.11 37.08
C MET G 269 -33.14 22.63 36.28
N GLU G 270 -32.03 21.90 36.37
CA GLU G 270 -30.81 22.28 35.67
C GLU G 270 -30.79 21.79 34.24
N SER G 271 -31.78 21.00 33.82
CA SER G 271 -31.79 20.37 32.51
C SER G 271 -31.96 21.39 31.40
N ALA G 272 -31.61 20.98 30.19
CA ALA G 272 -31.81 21.81 29.01
C ALA G 272 -33.23 21.63 28.47
N GLY G 273 -33.61 22.53 27.58
CA GLY G 273 -34.93 22.47 26.98
C GLY G 273 -35.10 21.30 26.03
N ILE G 274 -36.32 21.14 25.53
CA ILE G 274 -36.59 20.04 24.61
C ILE G 274 -36.00 20.29 23.24
N HIS G 275 -35.63 21.53 22.93
CA HIS G 275 -34.94 21.81 21.68
C HIS G 275 -33.46 21.50 21.77
N GLU G 276 -32.86 21.66 22.95
CA GLU G 276 -31.46 21.34 23.13
C GLU G 276 -31.24 19.86 23.40
N THR G 277 -32.23 19.20 23.98
CA THR G 277 -32.17 17.76 24.15
C THR G 277 -32.29 17.04 22.82
N THR G 278 -33.05 17.60 21.88
CA THR G 278 -33.16 17.03 20.54
C THR G 278 -31.87 17.24 19.76
N TYR G 279 -31.24 18.41 19.91
CA TYR G 279 -30.02 18.70 19.17
C TYR G 279 -28.84 17.92 19.72
N ASN G 280 -28.77 17.75 21.05
CA ASN G 280 -27.69 17.00 21.64
C ASN G 280 -27.81 15.50 21.37
N SER G 281 -29.02 15.02 21.12
CA SER G 281 -29.19 13.62 20.79
C SER G 281 -28.88 13.35 19.32
N ILE G 282 -29.03 14.35 18.46
CA ILE G 282 -28.61 14.21 17.07
C ILE G 282 -27.09 14.23 16.98
N MET G 283 -26.44 15.09 17.77
CA MET G 283 -24.99 15.21 17.71
C MET G 283 -24.27 14.05 18.38
N LYS G 284 -24.96 13.20 19.14
CA LYS G 284 -24.37 11.97 19.62
C LYS G 284 -24.39 10.87 18.57
N CYS G 285 -25.13 11.04 17.49
CA CYS G 285 -25.21 10.05 16.44
C CYS G 285 -24.07 10.24 15.46
N ASP G 286 -23.93 9.29 14.56
CA ASP G 286 -22.84 9.33 13.59
C ASP G 286 -23.13 10.39 12.53
N ILE G 287 -22.04 10.94 11.97
CA ILE G 287 -22.11 12.14 11.16
C ILE G 287 -22.82 11.92 9.84
N ASP G 288 -22.88 10.68 9.36
CA ASP G 288 -23.51 10.41 8.07
C ASP G 288 -25.02 10.28 8.18
N ILE G 289 -25.56 10.00 9.36
CA ILE G 289 -27.00 9.86 9.53
C ILE G 289 -27.63 11.12 10.10
N ARG G 290 -26.86 12.17 10.36
CA ARG G 290 -27.39 13.37 10.97
C ARG G 290 -28.29 14.15 10.02
N LYS G 291 -28.05 14.06 8.72
CA LYS G 291 -28.87 14.80 7.76
C LYS G 291 -30.27 14.22 7.66
N ASP G 292 -30.40 12.90 7.73
CA ASP G 292 -31.71 12.28 7.72
C ASP G 292 -32.41 12.32 9.07
N LEU G 293 -31.75 12.80 10.12
CA LEU G 293 -32.42 13.00 11.39
C LEU G 293 -32.92 14.42 11.56
N TYR G 294 -32.23 15.40 10.98
CA TYR G 294 -32.69 16.78 10.99
C TYR G 294 -34.00 16.93 10.21
N ALA G 295 -34.17 16.16 9.15
CA ALA G 295 -35.32 16.27 8.28
C ALA G 295 -36.51 15.44 8.75
N ASN G 296 -36.35 14.64 9.79
CA ASN G 296 -37.43 13.81 10.33
C ASN G 296 -37.43 13.98 11.85
N ASN G 297 -38.17 14.98 12.34
CA ASN G 297 -38.31 15.24 13.76
C ASN G 297 -39.76 14.91 14.14
N VAL G 298 -40.01 13.65 14.47
CA VAL G 298 -41.37 13.19 14.79
C VAL G 298 -41.71 13.62 16.20
N MET G 299 -42.82 14.35 16.35
CA MET G 299 -43.34 14.73 17.66
C MET G 299 -44.50 13.82 18.03
N SER G 300 -44.56 13.42 19.29
CA SER G 300 -45.54 12.45 19.76
C SER G 300 -46.02 12.85 21.14
N GLY G 301 -47.15 12.28 21.54
CA GLY G 301 -47.66 12.47 22.88
C GLY G 301 -48.49 13.73 23.03
N GLY G 302 -49.26 13.78 24.13
CA GLY G 302 -50.24 14.82 24.32
C GLY G 302 -49.68 16.15 24.76
N THR G 303 -48.48 16.19 25.33
CA THR G 303 -47.89 17.47 25.73
C THR G 303 -47.35 18.23 24.52
N THR G 304 -47.18 17.56 23.39
CA THR G 304 -46.82 18.23 22.14
C THR G 304 -48.05 18.72 21.38
N MET G 305 -49.19 18.91 22.03
CA MET G 305 -50.40 19.36 21.38
C MET G 305 -50.70 20.83 21.64
N TYR G 306 -49.71 21.60 22.04
CA TYR G 306 -49.95 23.02 22.23
C TYR G 306 -50.00 23.73 20.89
N PRO G 307 -50.80 24.81 20.79
CA PRO G 307 -50.73 25.66 19.60
C PRO G 307 -49.40 26.39 19.53
N GLY G 308 -48.62 26.07 18.50
CA GLY G 308 -47.35 26.73 18.27
C GLY G 308 -46.12 25.98 18.72
N ILE G 309 -46.27 24.72 19.13
CA ILE G 309 -45.11 23.98 19.65
C ILE G 309 -44.19 23.55 18.50
N ALA G 310 -44.75 23.32 17.31
CA ALA G 310 -43.95 22.83 16.20
C ALA G 310 -43.29 23.92 15.41
N ASP G 311 -43.78 25.16 15.51
CA ASP G 311 -43.10 26.28 14.88
C ASP G 311 -42.02 26.86 15.79
N ARG G 312 -42.18 26.69 17.10
CA ARG G 312 -41.14 27.05 18.05
C ARG G 312 -40.01 26.03 18.02
N MET G 313 -40.32 24.76 17.78
CA MET G 313 -39.28 23.75 17.67
C MET G 313 -38.47 23.91 16.39
N GLN G 314 -39.09 24.38 15.31
CA GLN G 314 -38.36 24.61 14.08
C GLN G 314 -37.46 25.82 14.17
N LYS G 315 -37.86 26.83 14.93
CA LYS G 315 -37.03 28.02 15.09
C LYS G 315 -35.79 27.72 15.92
N GLU G 316 -35.94 26.93 16.98
CA GLU G 316 -34.84 26.74 17.92
C GLU G 316 -33.81 25.73 17.45
N ILE G 317 -34.22 24.71 16.70
CA ILE G 317 -33.25 23.75 16.19
C ILE G 317 -32.48 24.32 15.00
N THR G 318 -33.12 25.18 14.19
CA THR G 318 -32.45 25.84 13.09
C THR G 318 -31.36 26.79 13.58
N ALA G 319 -31.54 27.38 14.76
CA ALA G 319 -30.52 28.22 15.35
C ALA G 319 -29.31 27.43 15.86
N LEU G 320 -29.47 26.12 16.06
CA LEU G 320 -28.37 25.27 16.49
C LEU G 320 -27.80 24.42 15.36
N ALA G 321 -28.60 24.13 14.33
CA ALA G 321 -28.17 23.37 13.18
C ALA G 321 -27.12 24.14 12.37
N PRO G 322 -26.33 23.46 11.51
CA PRO G 322 -25.25 24.17 10.80
C PRO G 322 -25.66 24.99 9.58
N SER G 323 -26.94 25.34 9.45
CA SER G 323 -27.51 26.32 8.53
C SER G 323 -27.49 25.92 7.06
N THR G 324 -27.05 24.70 6.73
CA THR G 324 -27.22 24.16 5.39
C THR G 324 -28.28 23.07 5.37
N MET G 325 -28.40 22.31 6.46
CA MET G 325 -29.44 21.32 6.63
C MET G 325 -30.81 21.98 6.68
N LYS G 326 -31.83 21.21 6.30
CA LYS G 326 -33.21 21.63 6.45
C LYS G 326 -33.84 20.88 7.62
N ILE G 327 -34.52 21.62 8.49
CA ILE G 327 -35.18 21.04 9.64
C ILE G 327 -36.65 20.84 9.28
N LYS G 328 -37.21 19.73 9.72
CA LYS G 328 -38.62 19.47 9.46
C LYS G 328 -39.18 18.70 10.63
N ILE G 329 -40.23 19.25 11.25
CA ILE G 329 -40.90 18.61 12.36
C ILE G 329 -42.20 18.00 11.84
N ILE G 330 -42.33 16.70 11.99
CA ILE G 330 -43.55 15.98 11.63
C ILE G 330 -44.42 15.91 12.87
N ALA G 331 -45.53 16.63 12.85
CA ALA G 331 -46.47 16.66 13.98
C ALA G 331 -47.86 16.40 13.42
N PRO G 332 -48.26 15.13 13.31
CA PRO G 332 -49.60 14.81 12.80
C PRO G 332 -50.68 15.23 13.77
N PRO G 333 -51.94 15.34 13.31
CA PRO G 333 -53.02 15.69 14.24
C PRO G 333 -53.42 14.58 15.19
N GLU G 334 -53.02 13.32 14.92
CA GLU G 334 -53.29 12.21 15.81
C GLU G 334 -52.13 11.92 16.75
N ARG G 335 -51.42 12.97 17.18
CA ARG G 335 -50.24 12.85 18.03
C ARG G 335 -50.54 12.18 19.36
N LYS G 336 -51.75 12.38 19.90
CA LYS G 336 -52.08 11.84 21.21
C LYS G 336 -52.19 10.32 21.21
N TYR G 337 -52.45 9.70 20.06
CA TYR G 337 -52.60 8.26 19.98
C TYR G 337 -51.58 7.60 19.06
N SER G 338 -50.44 8.25 18.81
CA SER G 338 -49.47 7.66 17.89
C SER G 338 -48.73 6.49 18.53
N VAL G 339 -48.63 6.45 19.86
CA VAL G 339 -48.04 5.29 20.51
C VAL G 339 -49.00 4.11 20.42
N TRP G 340 -50.30 4.37 20.45
CA TRP G 340 -51.25 3.29 20.30
C TRP G 340 -51.35 2.82 18.85
N ILE G 341 -51.41 3.76 17.91
CA ILE G 341 -51.58 3.43 16.50
C ILE G 341 -50.40 2.62 15.98
N GLY G 342 -49.19 3.00 16.37
CA GLY G 342 -48.03 2.20 16.04
C GLY G 342 -47.98 0.89 16.79
N GLY G 343 -48.61 0.84 17.97
CA GLY G 343 -48.68 -0.42 18.69
C GLY G 343 -49.64 -1.41 18.06
N SER G 344 -50.70 -0.91 17.42
CA SER G 344 -51.60 -1.79 16.69
C SER G 344 -51.04 -2.21 15.34
N ILE G 345 -50.09 -1.44 14.79
CA ILE G 345 -49.40 -1.87 13.59
C ILE G 345 -48.45 -3.02 13.91
N LEU G 346 -47.73 -2.91 15.03
CA LEU G 346 -46.73 -3.92 15.38
C LEU G 346 -47.37 -5.25 15.74
N ALA G 347 -48.49 -5.22 16.47
CA ALA G 347 -49.16 -6.46 16.84
C ALA G 347 -49.91 -7.09 15.67
N SER G 348 -50.08 -6.38 14.57
CA SER G 348 -50.70 -6.92 13.37
C SER G 348 -49.70 -7.49 12.39
N LEU G 349 -48.40 -7.32 12.64
CA LEU G 349 -47.38 -7.83 11.73
C LEU G 349 -47.27 -9.34 11.83
N SER G 350 -47.13 -9.99 10.68
CA SER G 350 -46.94 -11.43 10.66
C SER G 350 -45.54 -11.83 11.13
N THR G 351 -44.57 -10.92 11.02
CA THR G 351 -43.23 -11.17 11.55
C THR G 351 -43.22 -11.17 13.07
N PHE G 352 -44.13 -10.43 13.69
CA PHE G 352 -44.15 -10.24 15.13
C PHE G 352 -44.63 -11.48 15.90
N GLN G 353 -45.33 -12.41 15.25
CA GLN G 353 -45.94 -13.50 16.00
C GLN G 353 -44.95 -14.56 16.47
N GLN G 354 -43.68 -14.46 16.09
CA GLN G 354 -42.65 -15.26 16.72
C GLN G 354 -41.92 -14.52 17.83
N MET G 355 -42.38 -13.33 18.18
CA MET G 355 -41.72 -12.49 19.17
C MET G 355 -42.49 -12.35 20.47
N TRP G 356 -43.66 -12.96 20.60
CA TRP G 356 -44.40 -12.94 21.84
C TRP G 356 -43.66 -13.72 22.93
N ILE G 357 -43.90 -13.33 24.17
CA ILE G 357 -43.44 -14.10 25.32
C ILE G 357 -44.62 -14.96 25.75
N THR G 358 -44.61 -16.22 25.34
CA THR G 358 -45.69 -17.12 25.70
C THR G 358 -45.59 -17.52 27.16
N LYS G 359 -46.71 -18.00 27.70
CA LYS G 359 -46.75 -18.42 29.10
C LYS G 359 -45.93 -19.67 29.34
N GLN G 360 -45.71 -20.49 28.31
CA GLN G 360 -44.84 -21.65 28.45
C GLN G 360 -43.39 -21.22 28.63
N GLU G 361 -42.98 -20.14 27.96
CA GLU G 361 -41.63 -19.63 28.11
C GLU G 361 -41.43 -18.94 29.45
N TYR G 362 -42.49 -18.39 30.02
CA TYR G 362 -42.38 -17.72 31.31
C TYR G 362 -42.20 -18.70 32.46
N ASP G 363 -42.73 -19.93 32.33
CA ASP G 363 -42.64 -20.89 33.42
C ASP G 363 -41.26 -21.51 33.55
N GLU G 364 -40.41 -21.39 32.52
CA GLU G 364 -39.06 -21.93 32.57
C GLU G 364 -38.02 -20.92 33.03
N ALA G 365 -38.22 -19.63 32.75
CA ALA G 365 -37.21 -18.62 33.02
C ALA G 365 -37.61 -17.62 34.10
N GLY G 366 -38.89 -17.57 34.49
CA GLY G 366 -39.35 -16.59 35.42
C GLY G 366 -39.48 -15.22 34.77
N PRO G 367 -39.53 -14.16 35.57
CA PRO G 367 -39.74 -12.82 35.01
C PRO G 367 -38.52 -12.21 34.34
N SER G 368 -37.36 -12.87 34.38
CA SER G 368 -36.19 -12.33 33.71
C SER G 368 -36.16 -12.63 32.22
N ILE G 369 -37.18 -13.30 31.68
CA ILE G 369 -37.25 -13.56 30.25
C ILE G 369 -37.65 -12.31 29.48
N VAL G 370 -38.20 -11.30 30.14
CA VAL G 370 -38.65 -10.10 29.44
C VAL G 370 -37.47 -9.20 29.06
N HIS G 371 -36.31 -9.39 29.69
CA HIS G 371 -35.16 -8.58 29.32
C HIS G 371 -34.41 -9.15 28.12
N ARG G 372 -34.47 -10.47 27.94
CA ARG G 372 -33.78 -11.11 26.83
C ARG G 372 -34.51 -10.92 25.50
N LYS G 373 -35.84 -10.81 25.53
CA LYS G 373 -36.63 -10.69 24.32
C LYS G 373 -37.02 -9.25 24.00
N CYS G 374 -37.59 -8.53 24.95
CA CYS G 374 -38.06 -7.19 24.71
C CYS G 374 -36.94 -6.16 24.83
PB ADP H . -6.77 -0.28 -6.45
O1B ADP H . -8.13 -0.79 -6.77
O2B ADP H . -6.34 -0.65 -5.06
O3B ADP H . -5.75 -0.64 -7.49
PA ADP H . -7.04 2.40 -7.64
O1A ADP H . -8.33 2.17 -8.34
O2A ADP H . -5.79 2.40 -8.45
O3A ADP H . -6.89 1.32 -6.47
O5' ADP H . -7.12 3.75 -6.79
C5' ADP H . -7.69 3.72 -5.46
C4' ADP H . -7.02 4.79 -4.63
O4' ADP H . -6.91 6.00 -5.43
C3' ADP H . -7.75 5.21 -3.34
O3' ADP H . -6.88 5.15 -2.22
C2' ADP H . -8.20 6.65 -3.60
O2' ADP H . -8.13 7.45 -2.44
C1' ADP H . -7.17 7.12 -4.63
N9 ADP H . -7.66 8.18 -5.49
C8 ADP H . -8.71 8.10 -6.38
N7 ADP H . -8.92 9.22 -7.04
C5 ADP H . -7.96 10.09 -6.55
C6 ADP H . -7.67 11.43 -6.84
N6 ADP H . -8.35 12.15 -7.73
N1 ADP H . -6.65 12.01 -6.18
C2 ADP H . -5.97 11.28 -5.28
N3 ADP H . -6.15 10.02 -4.92
C4 ADP H . -7.18 9.47 -5.59
MG MG I . -4.72 -1.52 -8.85
PB ADP J . 34.48 -9.56 4.47
O1B ADP J . 34.76 -8.53 5.51
O2B ADP J . 33.59 -9.05 3.38
O3B ADP J . 35.72 -10.20 3.93
PA ADP J . 34.00 -12.21 5.65
O1A ADP J . 34.49 -12.20 7.05
O2A ADP J . 34.87 -12.84 4.62
O3A ADP J . 33.65 -10.71 5.21
O5' ADP J . 32.54 -12.87 5.59
C5' ADP J . 31.39 -12.00 5.70
C4' ADP J . 30.20 -12.72 5.11
O4' ADP J . 30.18 -14.08 5.60
C3' ADP J . 28.81 -12.15 5.45
O3' ADP J . 28.18 -11.61 4.30
C2' ADP J . 28.03 -13.34 6.02
O2' ADP J . 26.72 -13.43 5.51
C1' ADP J . 28.86 -14.53 5.58
N9 ADP J . 28.77 -15.69 6.47
C8 ADP J . 29.26 -15.79 7.74
N7 ADP J . 29.02 -16.95 8.29
C5 ADP J . 28.33 -17.66 7.33
C6 ADP J . 27.80 -18.96 7.31
N6 ADP J . 27.88 -19.81 8.33
N1 ADP J . 27.17 -19.36 6.18
C2 ADP J . 27.09 -18.51 5.16
N3 ADP J . 27.55 -17.26 5.06
C4 ADP J . 28.17 -16.90 6.19
MG MG K . 37.62 -10.43 3.28
PB ADP L . 38.15 -9.70 -39.01
O1B ADP L . 36.88 -10.04 -39.72
O2B ADP L . 38.30 -10.47 -37.74
O3B ADP L . 39.34 -9.82 -39.89
PA ADP L . 38.71 -6.86 -39.24
O1A ADP L . 37.73 -6.19 -40.14
O2A ADP L . 40.03 -7.25 -39.81
O3A ADP L . 38.04 -8.16 -38.61
O5' ADP L . 38.93 -5.99 -37.93
C5' ADP L . 38.09 -6.22 -36.78
C4' ADP L . 38.77 -5.64 -35.56
O4' ADP L . 39.30 -4.34 -35.90
C3' ADP L . 37.88 -5.44 -34.33
O3' ADP L . 38.40 -6.11 -33.20
C2' ADP L . 37.86 -3.92 -34.13
O2' ADP L . 37.87 -3.56 -32.76
C1' ADP L . 39.16 -3.48 -34.80
N9 ADP L . 39.13 -2.11 -35.28
C8 ADP L . 38.27 -1.59 -36.21
N7 ADP L . 38.46 -0.32 -36.46
C5 ADP L . 39.52 0.02 -35.63
C6 ADP L . 40.20 1.24 -35.41
N6 ADP L . 39.89 2.37 -36.04
N1 ADP L . 41.20 1.24 -34.51
C2 ADP L . 41.50 0.10 -33.88
N3 ADP L . 40.94 -1.10 -34.00
C4 ADP L . 39.94 -1.07 -34.89
MG MG M . 40.14 -10.75 -41.66
PB ADP N . -6.56 14.13 34.84
O1B ADP N . -7.74 14.30 33.94
O2B ADP N . -5.44 13.37 34.19
O3B ADP N . -6.10 15.42 35.44
PA ADP N . -6.39 12.01 36.87
O1A ADP N . -5.88 12.52 38.17
O2A ADP N . -5.42 11.32 35.97
O3A ADP N . -7.06 13.23 36.07
O5' ADP N . -7.66 11.07 37.12
C5' ADP N . -8.96 11.68 37.26
C4' ADP N . -10.00 10.62 37.02
O4' ADP N . -9.62 9.44 37.77
C3' ADP N . -11.43 10.95 37.44
O3' ADP N . -12.32 10.76 36.35
C2' ADP N . -11.75 9.97 38.58
O2' ADP N . -13.07 9.49 38.54
C1' ADP N . -10.76 8.84 38.31
N9 ADP N . -10.35 8.11 39.51
C8 ADP N . -9.64 8.62 40.57
N7 ADP N . -9.41 7.74 41.51
C5 ADP N . -10.00 6.58 41.04
C6 ADP N . -10.09 5.28 41.58
N6 ADP N . -9.58 4.93 42.75
N1 ADP N . -10.75 4.34 40.85
C2 ADP N . -11.26 4.71 39.67
N3 ADP N . -11.24 5.88 39.06
C4 ADP N . -10.58 6.79 39.80
MG MG O . -3.56 13.73 33.28
PB ADP P . -49.56 9.69 28.85
O1B ADP P . -50.42 8.58 29.40
O2B ADP P . -48.73 10.35 29.91
O3B ADP P . -48.73 9.25 27.67
PA ADP P . -50.78 11.50 26.89
O1A ADP P . -51.99 10.92 26.24
O2A ADP P . -49.50 11.45 26.14
O3A ADP P . -50.58 10.81 28.31
O5' ADP P . -51.09 13.02 27.30
C5' ADP P . -51.56 13.31 28.64
C4' ADP P . -51.11 14.70 29.02
O4' ADP P . -51.33 15.57 27.89
C3' ADP P . -51.83 15.35 30.21
O3' ADP P . -50.89 15.86 31.14
C2' ADP P . -52.65 16.48 29.58
O2' ADP P . -52.72 17.61 30.42
C1' ADP P . -51.84 16.80 28.33
N9 ADP P . -52.64 17.37 27.24
C8 ADP P . -53.65 16.74 26.56
N7 ADP P . -54.18 17.48 25.63
C5 ADP P . -53.48 18.67 25.69
C6 ADP P . -53.57 19.86 24.94
N6 ADP P . -54.45 20.05 23.96
N1 ADP P . -52.72 20.86 25.26
C2 ADP P . -51.84 20.67 26.26
N3 ADP P . -51.66 19.59 27.02
C4 ADP P . -52.52 18.62 26.68
MG MG Q . -47.43 8.22 26.55
#